data_5N2A
#
_entry.id   5N2A
#
_cell.length_a   127.699
_cell.length_b   127.699
_cell.length_c   160.376
_cell.angle_alpha   90.00
_cell.angle_beta   90.00
_cell.angle_gamma   120.00
#
_symmetry.space_group_name_H-M   'P 32 2 1'
#
loop_
_entity.id
_entity.type
_entity.pdbx_description
1 polymer 'Methyl-coenzyme M reductase subunit alpha'
2 polymer 'Methyl-coenzyme M reductase, beta subunit'
3 polymer 'Methyl-coenzyme M reductase, gamma subunit'
4 non-polymer '1-THIOETHANESULFONIC ACID'
5 non-polymer 'Coenzyme B'
6 non-polymer 'FACTOR 430'
7 non-polymer 'POTASSIUM ION'
8 non-polymer 'BROMIDE ION'
#
loop_
_entity_poly.entity_id
_entity_poly.type
_entity_poly.pdbx_seq_one_letter_code
_entity_poly.pdbx_strand_id
1 'polypeptide(L)'
;MGAEKKLFLKALKEKFEEDPKEKYTKFYVFGGWRQSARKREFVEAAEKLAEKRGGIPFYNPDIGVPLGQRKLMPYKLSGT
DYIVEGDDLHFMNNAAMQQFWDDIRRTVIVGMDTAHAVLEKRLGVEVTPETINEYMETINHALPGGAVVQEHMVEVHPAL
AWDCYAKIFTGDDELADEIDKKFLIDINKLFPEEQAEQLKAAIGKRTYQVSRVPTLVGRVCDGGTIARWSAMQIGMSFIT
AYKLCAGEAAIADFSYAAK(MHS)ADVIQMGTLLPAR(AGM)ARGPNEPGGIPFGILADVVQTTRVSDDPVEQSLEVVAS
GAMLYDQIWLGSYMSGGVGFTQYATASYTDDILDDFSYYGYDYVEKKYGICGAKPTMDVVEDIATEVTLYALECYDEFPA
LLEDHFGGS(MGN)RAAVAAAASGISVCMATGNSNAGLNG(TRX)YLSQILHKEYHSRLGFY(GL3)YDLQDQCGASNSL
SIRNDESSPLELRGPNYPNYAMNVGHQGEYAGITQAAHSARKDAFALNPLIKVAFADPSLVFDFSHPRKEFARGALREFE
PAGERDPIIPAH
;
A
2 'polypeptide(L)'
;MVKYEDKICLYNAKGELVEENVPLEAISPLYNPTIQKLVKDIKRTVAVNLAGIENALKTGAVGGKACVIPGRTLDLPIVE
NAETIMEYVDKLLRISPDDDTSVKLINDGKQMAVQLPSKRLEVAAEYSISMLNTAMALKEAIIKTFDVDMFDAPMVHAAI
LGRYPQVPDYMGANIASLLGAPTNLEGLGYALRNIMVNHYVATTKKNIMNAVAFASIMEQTAMFEMGDAIGSFERLHLLG
LAYQGLNADNLVIDLVKANGKNGTVGTVVASIVERALEDGVITEDKKMPSGFVLYKPVDVAKWNAYAAAGLVAAVIVNCG
AARAAQNVASTILYYNDIIEYETGLPGVDFGRAEGTAVGFSFFSHSIYGGGGPGIFNGNHIVTRHSKGFAIPPVCAAMCV
DAGTQMFSPEKTSALVGAVFSAIDEFREPLKYVIDGALAVKDKI
;
B
3 'polypeptide(L)'
;MAYKPQFYPGETKIAQNRRNHMNPEVELEKLREIPDEDVVKIMGHRQPGEDYKTIHPPLEEMDLPDDYVRDLVEPINGAK
EGHRIRYIQFADSMYFAPAQPYDRARTYMWRFRGVDTGTLSGRQVIEMRESDLEALSKNFLIDTAFFDPARCGIRGATVH
GHSLRLDENGLMFDALQRYVYDEKTGHVVYVKDQVGRPLDEPVDVGELLPEEKLREITTIYRKDGVPMREDKELLTIVKR
IHRARTLGGFCPTEDTFKQL
;
C
#
loop_
_chem_comp.id
_chem_comp.type
_chem_comp.name
_chem_comp.formula
BR non-polymer 'BROMIDE ION' 'Br -1'
COM non-polymer '1-THIOETHANESULFONIC ACID' 'C2 H6 O3 S2'
F43 non-polymer 'FACTOR 430' 'C42 H51 N6 Ni O13 1'
K non-polymer 'POTASSIUM ION' 'K 1'
TP7 non-polymer 'Coenzyme B' 'C11 H22 N O7 P S'
#
# COMPACT_ATOMS: atom_id res chain seq x y z
N GLU A 4 -8.77 -31.01 -22.75
CA GLU A 4 -8.24 -32.20 -22.10
C GLU A 4 -7.18 -31.84 -21.04
N LYS A 5 -7.30 -32.44 -19.83
CA LYS A 5 -6.47 -32.21 -18.64
C LYS A 5 -6.69 -30.78 -18.10
N LYS A 6 -5.62 -29.97 -17.96
CA LYS A 6 -5.69 -28.59 -17.50
C LYS A 6 -6.10 -27.67 -18.66
N LEU A 7 -6.91 -26.61 -18.38
CA LEU A 7 -7.41 -25.68 -19.40
C LEU A 7 -6.33 -24.84 -20.09
N PHE A 8 -5.26 -24.52 -19.36
CA PHE A 8 -4.17 -23.69 -19.84
C PHE A 8 -3.19 -24.36 -20.80
N LEU A 9 -3.16 -25.70 -20.85
CA LEU A 9 -2.21 -26.44 -21.68
C LEU A 9 -2.28 -26.10 -23.16
N LYS A 10 -3.50 -25.89 -23.69
CA LYS A 10 -3.71 -25.52 -25.09
C LYS A 10 -2.95 -24.23 -25.38
N ALA A 11 -3.17 -23.19 -24.54
CA ALA A 11 -2.54 -21.87 -24.64
C ALA A 11 -1.02 -21.94 -24.51
N LEU A 12 -0.49 -22.74 -23.55
CA LEU A 12 0.96 -22.89 -23.33
C LEU A 12 1.64 -23.52 -24.57
N LYS A 13 1.01 -24.55 -25.17
CA LYS A 13 1.52 -25.25 -26.36
C LYS A 13 1.59 -24.32 -27.57
N GLU A 14 0.76 -23.28 -27.58
CA GLU A 14 0.70 -22.29 -28.66
C GLU A 14 1.74 -21.19 -28.41
N LYS A 15 1.97 -20.83 -27.14
CA LYS A 15 2.95 -19.82 -26.72
C LYS A 15 4.38 -20.32 -26.87
N PHE A 16 4.64 -21.59 -26.49
CA PHE A 16 5.96 -22.21 -26.55
C PHE A 16 5.85 -23.50 -27.36
N GLU A 17 6.79 -23.75 -28.27
CA GLU A 17 6.74 -24.95 -29.10
C GLU A 17 7.44 -26.14 -28.43
N GLU A 18 7.57 -26.08 -27.09
CA GLU A 18 8.19 -27.12 -26.27
C GLU A 18 7.14 -27.74 -25.33
N ASP A 19 7.48 -28.88 -24.71
CA ASP A 19 6.61 -29.59 -23.76
C ASP A 19 6.47 -28.69 -22.52
N PRO A 20 5.22 -28.38 -22.05
CA PRO A 20 5.11 -27.49 -20.86
C PRO A 20 5.80 -28.02 -19.61
N LYS A 21 5.95 -29.34 -19.50
CA LYS A 21 6.60 -29.99 -18.36
C LYS A 21 8.14 -29.97 -18.44
N GLU A 22 8.71 -29.54 -19.59
CA GLU A 22 10.17 -29.45 -19.80
C GLU A 22 10.86 -28.36 -18.96
N LYS A 23 11.78 -28.79 -18.07
CA LYS A 23 12.54 -27.93 -17.15
C LYS A 23 13.64 -27.10 -17.82
N TYR A 24 14.10 -27.54 -19.00
CA TYR A 24 15.20 -26.91 -19.72
C TYR A 24 14.80 -26.35 -21.08
N THR A 25 15.43 -25.25 -21.51
CA THR A 25 15.16 -24.59 -22.79
C THR A 25 16.40 -23.87 -23.34
N LYS A 26 16.27 -23.29 -24.55
CA LYS A 26 17.29 -22.53 -25.27
C LYS A 26 17.01 -21.02 -25.13
N PHE A 27 18.06 -20.23 -24.86
CA PHE A 27 17.94 -18.78 -24.71
C PHE A 27 18.96 -18.08 -25.61
N TYR A 28 18.87 -16.75 -25.71
CA TYR A 28 19.79 -15.85 -26.43
C TYR A 28 19.92 -16.16 -27.94
N VAL A 29 18.95 -16.90 -28.51
CA VAL A 29 18.96 -17.31 -29.91
C VAL A 29 17.84 -16.66 -30.73
N PHE A 30 17.08 -15.73 -30.11
CA PHE A 30 15.90 -15.10 -30.70
C PHE A 30 16.13 -13.75 -31.43
N GLY A 31 17.39 -13.31 -31.47
CA GLY A 31 17.78 -12.08 -32.15
C GLY A 31 17.23 -10.79 -31.56
N GLY A 32 17.06 -10.78 -30.24
CA GLY A 32 16.56 -9.64 -29.49
C GLY A 32 15.13 -9.27 -29.81
N TRP A 33 14.83 -7.96 -29.77
CA TRP A 33 13.50 -7.39 -30.00
C TRP A 33 12.90 -7.69 -31.38
N ARG A 34 13.76 -8.10 -32.33
CA ARG A 34 13.40 -8.42 -33.72
C ARG A 34 12.41 -9.58 -33.85
N GLN A 35 12.35 -10.49 -32.83
CA GLN A 35 11.42 -11.63 -32.77
C GLN A 35 9.95 -11.19 -32.69
N SER A 36 9.71 -9.96 -32.21
CA SER A 36 8.38 -9.39 -32.03
C SER A 36 7.99 -8.53 -33.23
N ALA A 37 6.86 -8.88 -33.86
CA ALA A 37 6.31 -8.09 -34.97
C ALA A 37 5.85 -6.73 -34.48
N ARG A 38 5.56 -6.64 -33.16
CA ARG A 38 5.14 -5.41 -32.49
C ARG A 38 6.29 -4.45 -32.18
N LYS A 39 7.44 -4.98 -31.68
CA LYS A 39 8.64 -4.17 -31.41
C LYS A 39 9.21 -3.66 -32.75
N ARG A 40 9.06 -4.46 -33.84
CA ARG A 40 9.47 -4.12 -35.20
C ARG A 40 8.68 -2.90 -35.68
N GLU A 41 7.34 -2.91 -35.43
CA GLU A 41 6.42 -1.82 -35.80
C GLU A 41 6.81 -0.53 -35.09
N PHE A 42 7.04 -0.62 -33.76
CA PHE A 42 7.41 0.50 -32.90
C PHE A 42 8.69 1.19 -33.39
N VAL A 43 9.70 0.40 -33.85
CA VAL A 43 10.97 0.93 -34.37
C VAL A 43 10.70 1.64 -35.71
N GLU A 44 9.99 0.96 -36.64
CA GLU A 44 9.58 1.50 -37.94
C GLU A 44 8.76 2.78 -37.78
N ALA A 45 8.02 2.92 -36.66
CA ALA A 45 7.24 4.13 -36.35
C ALA A 45 8.14 5.25 -35.86
N ALA A 46 9.00 4.95 -34.86
CA ALA A 46 9.95 5.89 -34.25
C ALA A 46 10.92 6.47 -35.27
N GLU A 47 11.37 5.63 -36.23
CA GLU A 47 12.26 6.01 -37.33
C GLU A 47 11.53 6.99 -38.27
N LYS A 48 10.29 6.65 -38.64
CA LYS A 48 9.41 7.44 -39.50
C LYS A 48 9.06 8.80 -38.85
N LEU A 49 8.95 8.85 -37.52
CA LEU A 49 8.60 10.07 -36.79
C LEU A 49 9.79 10.97 -36.41
N ALA A 50 11.03 10.58 -36.75
CA ALA A 50 12.23 11.38 -36.43
C ALA A 50 12.14 12.82 -36.95
N GLU A 51 11.61 13.00 -38.18
CA GLU A 51 11.46 14.30 -38.85
C GLU A 51 10.60 15.27 -38.04
N LYS A 52 9.41 14.82 -37.59
CA LYS A 52 8.43 15.59 -36.81
C LYS A 52 9.06 16.13 -35.50
N ARG A 53 9.81 15.28 -34.78
CA ARG A 53 10.45 15.67 -33.53
C ARG A 53 11.75 16.48 -33.75
N GLY A 54 12.11 16.70 -35.01
CA GLY A 54 13.33 17.42 -35.35
C GLY A 54 14.55 16.58 -35.02
N GLY A 55 15.44 17.13 -34.22
CA GLY A 55 16.63 16.41 -33.80
C GLY A 55 16.43 15.48 -32.62
N ILE A 56 15.47 15.81 -31.75
CA ILE A 56 15.18 15.09 -30.50
C ILE A 56 15.12 13.57 -30.65
N PRO A 57 15.98 12.82 -29.92
CA PRO A 57 15.94 11.35 -29.99
C PRO A 57 14.65 10.84 -29.37
N PHE A 58 14.25 9.63 -29.76
CA PHE A 58 12.99 9.03 -29.32
C PHE A 58 13.20 7.59 -28.81
N TYR A 59 12.20 6.72 -29.04
CA TYR A 59 12.21 5.32 -28.65
C TYR A 59 13.31 4.57 -29.40
N ASN A 60 14.18 3.89 -28.66
CA ASN A 60 15.28 3.08 -29.18
C ASN A 60 15.47 1.86 -28.26
N PRO A 61 15.22 0.61 -28.73
CA PRO A 61 15.37 -0.55 -27.83
C PRO A 61 16.80 -0.85 -27.37
N ASP A 62 17.77 -0.19 -27.99
CA ASP A 62 19.18 -0.37 -27.65
C ASP A 62 19.57 0.35 -26.37
N ILE A 63 18.69 1.23 -25.85
CA ILE A 63 18.93 1.93 -24.59
C ILE A 63 18.54 0.98 -23.44
N GLY A 64 19.47 0.81 -22.51
CA GLY A 64 19.32 -0.04 -21.34
C GLY A 64 19.34 -1.54 -21.63
N VAL A 65 18.38 -2.28 -21.03
CA VAL A 65 18.25 -3.73 -21.14
C VAL A 65 17.88 -4.16 -22.58
N PRO A 66 18.52 -5.22 -23.14
CA PRO A 66 18.14 -5.67 -24.48
C PRO A 66 16.98 -6.66 -24.42
N LEU A 67 15.74 -6.18 -24.64
CA LEU A 67 14.53 -7.01 -24.61
C LEU A 67 14.63 -8.08 -25.70
N GLY A 68 14.22 -9.30 -25.38
CA GLY A 68 14.21 -10.40 -26.33
C GLY A 68 15.26 -11.47 -26.14
N GLN A 69 16.00 -11.46 -25.00
CA GLN A 69 17.01 -12.47 -24.68
C GLN A 69 16.35 -13.81 -24.32
N ARG A 70 15.10 -13.74 -23.87
CA ARG A 70 14.20 -14.86 -23.63
C ARG A 70 13.15 -14.83 -24.75
N LYS A 71 12.14 -15.70 -24.70
CA LYS A 71 11.12 -15.68 -25.74
C LYS A 71 10.04 -14.68 -25.35
N LEU A 72 9.87 -13.61 -26.17
CA LEU A 72 8.82 -12.61 -25.96
C LEU A 72 7.49 -13.27 -26.32
N MET A 73 6.86 -13.91 -25.30
CA MET A 73 5.65 -14.73 -25.45
C MET A 73 4.37 -13.93 -25.71
N PRO A 74 3.47 -14.45 -26.57
CA PRO A 74 2.19 -13.75 -26.79
C PRO A 74 1.18 -14.16 -25.73
N TYR A 75 -0.03 -13.59 -25.77
CA TYR A 75 -1.04 -13.90 -24.77
C TYR A 75 -2.37 -14.29 -25.39
N LYS A 76 -2.90 -15.46 -25.01
CA LYS A 76 -4.20 -15.92 -25.49
C LYS A 76 -5.23 -15.39 -24.48
N LEU A 77 -6.27 -14.66 -24.94
CA LEU A 77 -7.31 -14.14 -24.04
C LEU A 77 -8.14 -15.32 -23.52
N SER A 78 -8.41 -15.37 -22.20
CA SER A 78 -9.17 -16.45 -21.58
C SER A 78 -10.59 -16.53 -22.16
N GLY A 79 -10.96 -17.73 -22.58
CA GLY A 79 -12.25 -18.01 -23.19
C GLY A 79 -12.33 -17.62 -24.66
N THR A 80 -11.18 -17.28 -25.29
CA THR A 80 -11.12 -16.91 -26.72
C THR A 80 -9.95 -17.59 -27.43
N ASP A 81 -10.02 -17.68 -28.77
CA ASP A 81 -8.94 -18.24 -29.61
C ASP A 81 -8.06 -17.13 -30.19
N TYR A 82 -8.08 -15.94 -29.55
CA TYR A 82 -7.31 -14.80 -30.00
C TYR A 82 -6.00 -14.68 -29.22
N ILE A 83 -4.89 -14.86 -29.95
CA ILE A 83 -3.52 -14.79 -29.43
C ILE A 83 -2.94 -13.48 -29.97
N VAL A 84 -2.60 -12.57 -29.07
CA VAL A 84 -2.09 -11.25 -29.36
C VAL A 84 -0.72 -11.03 -28.70
N GLU A 85 0.04 -10.03 -29.16
CA GLU A 85 1.31 -9.68 -28.53
C GLU A 85 0.99 -8.94 -27.23
N GLY A 86 1.87 -9.08 -26.24
CA GLY A 86 1.71 -8.44 -24.93
C GLY A 86 1.46 -6.96 -25.01
N ASP A 87 2.21 -6.26 -25.88
CA ASP A 87 2.13 -4.81 -26.13
C ASP A 87 0.72 -4.35 -26.55
N ASP A 88 -0.05 -5.22 -27.23
CA ASP A 88 -1.41 -4.98 -27.68
C ASP A 88 -2.42 -4.92 -26.51
N LEU A 89 -2.02 -5.45 -25.35
CA LEU A 89 -2.84 -5.47 -24.14
C LEU A 89 -2.51 -4.31 -23.17
N HIS A 90 -1.64 -3.36 -23.59
CA HIS A 90 -1.32 -2.15 -22.83
C HIS A 90 -2.45 -1.16 -23.11
N PHE A 91 -3.03 -0.55 -22.04
CA PHE A 91 -4.17 0.36 -22.17
C PHE A 91 -3.94 1.48 -23.19
N MET A 92 -2.71 2.03 -23.25
CA MET A 92 -2.33 3.10 -24.19
C MET A 92 -2.50 2.64 -25.63
N ASN A 93 -2.12 1.38 -25.91
CA ASN A 93 -2.15 0.77 -27.24
C ASN A 93 -3.48 0.10 -27.59
N ASN A 94 -4.43 0.03 -26.63
CA ASN A 94 -5.71 -0.66 -26.80
C ASN A 94 -6.92 0.33 -26.67
N ALA A 95 -7.63 0.60 -27.78
CA ALA A 95 -8.78 1.50 -27.81
C ALA A 95 -10.02 0.93 -27.10
N ALA A 96 -10.13 -0.40 -26.99
CA ALA A 96 -11.25 -1.03 -26.29
C ALA A 96 -11.12 -0.82 -24.78
N MET A 97 -9.90 -0.96 -24.24
CA MET A 97 -9.62 -0.74 -22.83
C MET A 97 -9.90 0.71 -22.48
N GLN A 98 -9.55 1.64 -23.40
CA GLN A 98 -9.76 3.08 -23.25
C GLN A 98 -11.24 3.41 -23.26
N GLN A 99 -12.03 2.72 -24.09
CA GLN A 99 -13.47 2.92 -24.15
C GLN A 99 -14.18 2.28 -22.96
N PHE A 100 -13.63 1.17 -22.42
CA PHE A 100 -14.17 0.52 -21.21
C PHE A 100 -14.26 1.57 -20.14
N TRP A 101 -13.12 2.25 -19.88
CA TRP A 101 -13.05 3.29 -18.86
C TRP A 101 -13.89 4.52 -19.25
N ASP A 102 -13.72 5.00 -20.48
CA ASP A 102 -14.47 6.15 -20.99
C ASP A 102 -15.98 6.00 -20.81
N ASP A 103 -16.54 4.81 -21.12
CA ASP A 103 -17.96 4.51 -20.95
C ASP A 103 -18.41 4.56 -19.50
N ILE A 104 -17.51 4.28 -18.53
CA ILE A 104 -17.85 4.36 -17.09
C ILE A 104 -17.79 5.82 -16.68
N ARG A 105 -16.64 6.48 -16.94
CA ARG A 105 -16.40 7.90 -16.58
C ARG A 105 -17.56 8.81 -17.03
N ARG A 106 -18.00 8.69 -18.28
CA ARG A 106 -19.10 9.49 -18.85
C ARG A 106 -20.52 9.06 -18.36
N THR A 107 -20.62 8.08 -17.43
CA THR A 107 -21.92 7.62 -16.88
C THR A 107 -22.23 8.28 -15.55
N VAL A 108 -23.50 8.68 -15.40
CA VAL A 108 -24.08 9.25 -14.19
C VAL A 108 -25.61 9.02 -14.19
N ILE A 109 -26.11 8.33 -13.15
CA ILE A 109 -27.54 8.01 -13.00
C ILE A 109 -28.22 9.06 -12.10
N VAL A 110 -29.33 9.64 -12.57
CA VAL A 110 -30.09 10.67 -11.83
C VAL A 110 -31.57 10.23 -11.63
N GLY A 111 -32.08 10.43 -10.41
CA GLY A 111 -33.46 10.16 -10.06
C GLY A 111 -34.39 11.17 -10.68
N MET A 112 -35.61 10.76 -11.03
CA MET A 112 -36.57 11.65 -11.70
C MET A 112 -37.82 11.96 -10.88
N ASP A 113 -38.13 11.09 -9.90
CA ASP A 113 -39.31 11.22 -9.03
C ASP A 113 -39.33 12.54 -8.27
N THR A 114 -38.16 12.93 -7.70
CA THR A 114 -38.00 14.18 -6.93
C THR A 114 -38.39 15.39 -7.76
N ALA A 115 -37.92 15.45 -9.03
CA ALA A 115 -38.21 16.54 -9.97
C ALA A 115 -39.69 16.56 -10.32
N HIS A 116 -40.25 15.38 -10.67
CA HIS A 116 -41.65 15.21 -11.01
C HIS A 116 -42.56 15.62 -9.85
N ALA A 117 -42.08 15.44 -8.59
CA ALA A 117 -42.81 15.85 -7.39
C ALA A 117 -42.83 17.38 -7.30
N VAL A 118 -41.66 18.02 -7.53
CA VAL A 118 -41.54 19.50 -7.50
C VAL A 118 -42.45 20.09 -8.57
N LEU A 119 -42.50 19.47 -9.76
CA LEU A 119 -43.34 19.88 -10.88
C LEU A 119 -44.81 19.87 -10.50
N GLU A 120 -45.29 18.78 -9.88
CA GLU A 120 -46.70 18.61 -9.50
C GLU A 120 -47.12 19.28 -8.19
N LYS A 121 -46.16 19.63 -7.30
CA LYS A 121 -46.52 20.22 -6.01
C LYS A 121 -46.35 21.75 -5.96
N ARG A 122 -45.10 22.25 -6.00
CA ARG A 122 -44.88 23.70 -5.90
C ARG A 122 -45.09 24.43 -7.23
N LEU A 123 -44.76 23.79 -8.37
CA LEU A 123 -44.91 24.37 -9.70
C LEU A 123 -46.31 24.22 -10.30
N GLY A 124 -47.04 23.19 -9.88
CA GLY A 124 -48.40 22.92 -10.35
C GLY A 124 -48.49 22.52 -11.81
N VAL A 125 -47.47 21.81 -12.30
CA VAL A 125 -47.39 21.31 -13.67
C VAL A 125 -47.55 19.79 -13.60
N GLU A 126 -48.55 19.25 -14.32
CA GLU A 126 -48.82 17.81 -14.36
C GLU A 126 -47.74 17.10 -15.18
N VAL A 127 -47.31 15.92 -14.72
CA VAL A 127 -46.32 15.06 -15.37
C VAL A 127 -47.11 13.89 -15.97
N THR A 128 -46.90 13.63 -17.26
CA THR A 128 -47.62 12.61 -18.03
C THR A 128 -46.64 11.87 -18.96
N PRO A 129 -46.85 10.56 -19.29
CA PRO A 129 -45.89 9.85 -20.17
C PRO A 129 -45.47 10.62 -21.43
N GLU A 130 -46.43 11.29 -22.09
CA GLU A 130 -46.18 12.09 -23.29
C GLU A 130 -45.20 13.24 -23.02
N THR A 131 -45.26 13.84 -21.81
CA THR A 131 -44.36 14.92 -21.39
C THR A 131 -42.97 14.37 -21.10
N ILE A 132 -42.91 13.18 -20.49
CA ILE A 132 -41.65 12.48 -20.18
C ILE A 132 -40.95 12.19 -21.52
N ASN A 133 -41.70 11.71 -22.52
CA ASN A 133 -41.20 11.43 -23.87
C ASN A 133 -40.65 12.68 -24.55
N GLU A 134 -41.27 13.85 -24.30
CA GLU A 134 -40.85 15.15 -24.84
C GLU A 134 -39.56 15.59 -24.18
N TYR A 135 -39.47 15.43 -22.85
CA TYR A 135 -38.28 15.75 -22.06
C TYR A 135 -37.12 14.92 -22.58
N MET A 136 -37.35 13.61 -22.76
CA MET A 136 -36.36 12.66 -23.24
C MET A 136 -35.81 13.00 -24.62
N GLU A 137 -36.61 13.66 -25.47
CA GLU A 137 -36.14 14.07 -26.79
C GLU A 137 -35.32 15.37 -26.67
N THR A 138 -35.70 16.26 -25.73
CA THR A 138 -35.03 17.53 -25.46
C THR A 138 -33.64 17.30 -24.90
N ILE A 139 -33.50 16.35 -23.97
CA ILE A 139 -32.23 16.00 -23.34
C ILE A 139 -31.26 15.35 -24.33
N ASN A 140 -31.78 14.67 -25.37
CA ASN A 140 -30.94 14.03 -26.38
C ASN A 140 -30.38 15.04 -27.39
N HIS A 141 -30.93 16.27 -27.40
CA HIS A 141 -30.44 17.39 -28.19
C HIS A 141 -29.51 18.26 -27.30
N ALA A 142 -29.93 18.53 -26.03
CA ALA A 142 -29.21 19.33 -25.05
C ALA A 142 -27.90 18.69 -24.53
N LEU A 143 -27.96 17.43 -24.06
CA LEU A 143 -26.79 16.74 -23.52
C LEU A 143 -25.55 16.77 -24.44
N PRO A 144 -25.65 16.52 -25.77
CA PRO A 144 -24.44 16.59 -26.62
C PRO A 144 -23.90 17.99 -26.93
N GLY A 145 -24.57 19.03 -26.44
CA GLY A 145 -24.18 20.42 -26.62
C GLY A 145 -25.09 21.22 -27.53
N GLY A 146 -26.41 20.95 -27.47
CA GLY A 146 -27.42 21.64 -28.26
C GLY A 146 -28.22 22.67 -27.47
N ALA A 147 -28.51 23.82 -28.10
CA ALA A 147 -29.23 24.95 -27.50
C ALA A 147 -30.74 24.77 -27.48
N VAL A 148 -31.36 25.10 -26.34
CA VAL A 148 -32.80 24.92 -26.12
C VAL A 148 -33.53 26.17 -25.57
N VAL A 149 -32.80 27.15 -24.98
CA VAL A 149 -33.49 28.29 -24.33
C VAL A 149 -33.03 29.69 -24.83
N GLN A 150 -31.71 29.93 -24.92
CA GLN A 150 -31.19 31.25 -25.26
C GLN A 150 -30.90 31.49 -26.74
N GLU A 151 -31.01 32.76 -27.16
CA GLU A 151 -30.73 33.19 -28.52
C GLU A 151 -29.24 33.50 -28.64
N HIS A 152 -28.67 33.27 -29.84
CA HIS A 152 -27.26 33.50 -30.19
C HIS A 152 -26.33 32.54 -29.45
N MET A 153 -26.76 31.28 -29.31
CA MET A 153 -25.97 30.25 -28.66
C MET A 153 -25.16 29.49 -29.68
N VAL A 154 -23.88 29.27 -29.37
CA VAL A 154 -22.97 28.45 -30.16
C VAL A 154 -23.16 27.01 -29.67
N GLU A 155 -22.92 26.01 -30.53
CA GLU A 155 -23.16 24.61 -30.14
C GLU A 155 -22.00 23.68 -30.44
N VAL A 156 -21.95 22.53 -29.74
CA VAL A 156 -20.94 21.46 -29.90
C VAL A 156 -21.31 20.67 -31.18
N HIS A 157 -20.30 20.37 -32.02
CA HIS A 157 -20.45 19.65 -33.28
C HIS A 157 -21.03 18.24 -33.04
N PRO A 158 -22.23 17.93 -33.60
CA PRO A 158 -22.84 16.61 -33.37
C PRO A 158 -21.96 15.42 -33.77
N ALA A 159 -21.04 15.61 -34.72
CA ALA A 159 -20.12 14.56 -35.16
C ALA A 159 -19.05 14.19 -34.14
N LEU A 160 -18.84 15.05 -33.14
CA LEU A 160 -17.89 14.79 -32.05
C LEU A 160 -18.58 14.09 -30.87
N ALA A 161 -19.93 14.21 -30.82
CA ALA A 161 -20.76 13.71 -29.72
C ALA A 161 -21.85 12.71 -30.13
N TRP A 162 -21.59 11.89 -31.16
CA TRP A 162 -22.52 10.87 -31.65
C TRP A 162 -22.80 9.78 -30.60
N ASP A 163 -21.88 9.59 -29.66
CA ASP A 163 -21.98 8.61 -28.57
C ASP A 163 -22.71 9.18 -27.35
N CYS A 164 -23.15 10.45 -27.44
CA CYS A 164 -23.82 11.12 -26.32
C CYS A 164 -25.33 10.98 -26.41
N TYR A 165 -25.90 10.41 -25.36
CA TYR A 165 -27.33 10.16 -25.25
C TYR A 165 -27.78 10.09 -23.80
N ALA A 166 -29.08 10.25 -23.58
CA ALA A 166 -29.68 10.11 -22.26
C ALA A 166 -30.86 9.17 -22.39
N LYS A 167 -30.91 8.15 -21.54
CA LYS A 167 -31.99 7.16 -21.51
C LYS A 167 -32.71 7.13 -20.16
N ILE A 168 -33.75 6.29 -20.06
CA ILE A 168 -34.59 6.14 -18.87
C ILE A 168 -34.79 4.64 -18.59
N PHE A 169 -35.11 4.32 -17.35
CA PHE A 169 -35.45 2.98 -16.89
C PHE A 169 -36.30 3.10 -15.64
N THR A 170 -37.20 2.13 -15.43
CA THR A 170 -38.09 2.18 -14.27
C THR A 170 -38.48 0.79 -13.77
N GLY A 171 -38.71 0.70 -12.47
CA GLY A 171 -39.18 -0.52 -11.84
C GLY A 171 -40.69 -0.64 -12.00
N ASP A 172 -41.35 0.51 -12.22
CA ASP A 172 -42.80 0.63 -12.46
C ASP A 172 -43.08 0.14 -13.89
N ASP A 173 -43.51 -1.12 -14.01
CA ASP A 173 -43.80 -1.77 -15.31
C ASP A 173 -44.90 -1.06 -16.12
N GLU A 174 -45.84 -0.39 -15.43
CA GLU A 174 -46.94 0.37 -16.03
C GLU A 174 -46.42 1.58 -16.81
N LEU A 175 -45.43 2.31 -16.24
CA LEU A 175 -44.80 3.47 -16.87
C LEU A 175 -43.88 3.06 -18.01
N ALA A 176 -43.31 1.84 -17.93
CA ALA A 176 -42.38 1.30 -18.93
C ALA A 176 -43.04 1.09 -20.28
N ASP A 177 -44.24 0.45 -20.30
CA ASP A 177 -45.02 0.21 -21.51
C ASP A 177 -45.44 1.53 -22.18
N GLU A 178 -45.51 2.61 -21.37
CA GLU A 178 -45.98 3.92 -21.82
C GLU A 178 -44.86 4.89 -22.24
N ILE A 179 -43.59 4.44 -22.24
CA ILE A 179 -42.45 5.25 -22.67
C ILE A 179 -41.92 4.66 -23.99
N ASP A 180 -41.53 5.53 -24.95
CA ASP A 180 -41.00 5.14 -26.25
C ASP A 180 -39.80 4.24 -26.04
N LYS A 181 -39.76 3.10 -26.76
CA LYS A 181 -38.70 2.11 -26.64
C LYS A 181 -37.29 2.67 -26.89
N LYS A 182 -37.18 3.71 -27.75
CA LYS A 182 -35.90 4.36 -28.09
C LYS A 182 -35.23 5.06 -26.91
N PHE A 183 -36.04 5.58 -25.96
CA PHE A 183 -35.55 6.27 -24.77
C PHE A 183 -35.41 5.35 -23.57
N LEU A 184 -35.96 4.13 -23.64
CA LEU A 184 -35.99 3.20 -22.51
C LEU A 184 -34.95 2.09 -22.53
N ILE A 185 -34.38 1.83 -21.36
CA ILE A 185 -33.49 0.72 -21.07
C ILE A 185 -34.50 -0.27 -20.46
N ASP A 186 -34.93 -1.29 -21.25
CA ASP A 186 -35.95 -2.24 -20.80
C ASP A 186 -35.38 -3.39 -19.98
N ILE A 187 -35.67 -3.36 -18.66
CA ILE A 187 -35.25 -4.37 -17.68
C ILE A 187 -35.82 -5.74 -18.06
N ASN A 188 -37.08 -5.77 -18.52
CA ASN A 188 -37.80 -7.00 -18.92
C ASN A 188 -37.24 -7.65 -20.21
N LYS A 189 -36.55 -6.86 -21.06
CA LYS A 189 -36.01 -7.39 -22.32
C LYS A 189 -34.51 -7.67 -22.31
N LEU A 190 -33.75 -6.96 -21.47
CA LEU A 190 -32.30 -7.15 -21.41
C LEU A 190 -31.85 -8.21 -20.40
N PHE A 191 -32.66 -8.45 -19.34
CA PHE A 191 -32.36 -9.39 -18.26
C PHE A 191 -33.29 -10.63 -18.22
N PRO A 192 -32.80 -11.82 -17.78
CA PRO A 192 -33.69 -12.99 -17.62
C PRO A 192 -34.73 -12.65 -16.56
N GLU A 193 -36.00 -13.09 -16.75
CA GLU A 193 -37.12 -12.71 -15.87
C GLU A 193 -36.93 -13.05 -14.38
N GLU A 194 -36.00 -13.97 -14.06
CA GLU A 194 -35.65 -14.31 -12.67
C GLU A 194 -34.91 -13.10 -12.10
N GLN A 195 -33.93 -12.56 -12.87
CA GLN A 195 -33.11 -11.40 -12.52
C GLN A 195 -33.89 -10.10 -12.58
N ALA A 196 -34.73 -9.95 -13.63
CA ALA A 196 -35.55 -8.74 -13.86
C ALA A 196 -36.50 -8.48 -12.69
N GLU A 197 -37.04 -9.56 -12.08
CA GLU A 197 -37.93 -9.46 -10.92
C GLU A 197 -37.16 -9.05 -9.67
N GLN A 198 -35.90 -9.51 -9.52
CA GLN A 198 -35.04 -9.16 -8.38
C GLN A 198 -34.57 -7.72 -8.46
N LEU A 199 -34.28 -7.22 -9.67
CA LEU A 199 -33.87 -5.83 -9.88
C LEU A 199 -35.03 -4.90 -9.54
N LYS A 200 -36.22 -5.13 -10.14
CA LYS A 200 -37.43 -4.33 -9.94
C LYS A 200 -37.88 -4.32 -8.48
N ALA A 201 -37.71 -5.45 -7.78
CA ALA A 201 -38.05 -5.57 -6.36
C ALA A 201 -37.16 -4.65 -5.53
N ALA A 202 -35.86 -4.61 -5.86
CA ALA A 202 -34.87 -3.79 -5.17
C ALA A 202 -34.98 -2.31 -5.52
N ILE A 203 -35.26 -2.01 -6.80
CA ILE A 203 -35.39 -0.62 -7.27
C ILE A 203 -36.71 0.02 -6.81
N GLY A 204 -37.79 -0.76 -6.86
CA GLY A 204 -39.13 -0.29 -6.50
C GLY A 204 -39.81 0.29 -7.72
N LYS A 205 -40.90 1.06 -7.52
CA LYS A 205 -41.61 1.67 -8.66
C LYS A 205 -40.98 3.01 -9.10
N ARG A 206 -39.77 3.32 -8.57
CA ARG A 206 -39.03 4.56 -8.87
C ARG A 206 -38.54 4.64 -10.31
N THR A 207 -38.33 5.87 -10.83
CA THR A 207 -37.87 6.15 -12.19
C THR A 207 -36.52 6.86 -12.23
N TYR A 208 -35.56 6.35 -13.02
CA TYR A 208 -34.21 6.88 -13.13
C TYR A 208 -33.78 7.22 -14.55
N GLN A 209 -32.97 8.28 -14.66
CA GLN A 209 -32.38 8.73 -15.92
C GLN A 209 -30.88 8.46 -15.93
N VAL A 210 -30.42 7.80 -16.99
CA VAL A 210 -29.00 7.54 -17.23
C VAL A 210 -28.53 8.53 -18.29
N SER A 211 -27.61 9.42 -17.90
CA SER A 211 -27.07 10.43 -18.81
C SER A 211 -25.66 10.05 -19.20
N ARG A 212 -25.43 9.96 -20.51
CA ARG A 212 -24.11 9.62 -21.04
C ARG A 212 -23.56 10.86 -21.71
N VAL A 213 -22.67 11.54 -20.98
CA VAL A 213 -21.95 12.75 -21.39
C VAL A 213 -21.00 12.31 -22.55
N PRO A 214 -20.68 13.14 -23.56
CA PRO A 214 -19.81 12.65 -24.66
C PRO A 214 -18.42 12.29 -24.18
N THR A 215 -17.85 11.20 -24.75
CA THR A 215 -16.51 10.68 -24.46
C THR A 215 -15.48 11.79 -24.41
N LEU A 216 -15.52 12.69 -25.42
CA LEU A 216 -14.57 13.79 -25.60
C LEU A 216 -14.44 14.70 -24.36
N VAL A 217 -15.57 14.92 -23.65
CA VAL A 217 -15.66 15.73 -22.42
C VAL A 217 -14.71 15.22 -21.34
N GLY A 218 -14.78 13.93 -21.03
CA GLY A 218 -13.92 13.32 -20.01
C GLY A 218 -12.48 13.23 -20.44
N ARG A 219 -12.25 13.27 -21.76
CA ARG A 219 -10.91 13.24 -22.36
C ARG A 219 -10.24 14.61 -22.27
N VAL A 220 -10.98 15.68 -22.53
CA VAL A 220 -10.47 17.04 -22.43
C VAL A 220 -10.39 17.41 -20.94
N CYS A 221 -11.44 17.10 -20.17
CA CYS A 221 -11.57 17.44 -18.76
C CYS A 221 -11.30 16.26 -17.82
N ASP A 222 -12.24 15.97 -16.88
CA ASP A 222 -12.07 14.88 -15.91
C ASP A 222 -13.43 14.24 -15.52
N GLY A 223 -13.38 13.28 -14.60
CA GLY A 223 -14.55 12.56 -14.10
C GLY A 223 -15.53 13.41 -13.32
N GLY A 224 -15.02 14.49 -12.70
CA GLY A 224 -15.84 15.43 -11.93
C GLY A 224 -16.74 16.30 -12.77
N THR A 225 -16.38 16.46 -14.05
CA THR A 225 -17.13 17.24 -15.05
C THR A 225 -18.48 16.59 -15.38
N ILE A 226 -18.50 15.25 -15.41
CA ILE A 226 -19.59 14.39 -15.84
C ILE A 226 -20.94 14.67 -15.16
N ALA A 227 -20.98 14.64 -13.80
CA ALA A 227 -22.21 14.88 -13.05
C ALA A 227 -22.74 16.29 -13.28
N ARG A 228 -21.80 17.26 -13.40
CA ARG A 228 -22.13 18.67 -13.62
C ARG A 228 -22.70 18.88 -15.01
N TRP A 229 -22.03 18.35 -16.06
CA TRP A 229 -22.47 18.42 -17.45
C TRP A 229 -23.89 17.88 -17.58
N SER A 230 -24.16 16.73 -16.97
CA SER A 230 -25.46 16.06 -16.94
C SER A 230 -26.52 16.93 -16.26
N ALA A 231 -26.24 17.42 -15.02
CA ALA A 231 -27.13 18.27 -14.24
C ALA A 231 -27.44 19.58 -14.95
N MET A 232 -26.43 20.16 -15.60
CA MET A 232 -26.53 21.42 -16.33
C MET A 232 -27.55 21.30 -17.46
N GLN A 233 -27.50 20.20 -18.20
CA GLN A 233 -28.37 19.95 -19.33
C GLN A 233 -29.73 19.34 -18.93
N ILE A 234 -29.80 18.66 -17.76
CA ILE A 234 -31.05 18.09 -17.24
C ILE A 234 -31.99 19.24 -16.90
N GLY A 235 -31.44 20.26 -16.22
CA GLY A 235 -32.16 21.46 -15.81
C GLY A 235 -32.72 22.25 -16.97
N MET A 236 -31.92 22.42 -18.03
CA MET A 236 -32.32 23.14 -19.25
C MET A 236 -33.44 22.42 -19.97
N SER A 237 -33.34 21.08 -20.04
CA SER A 237 -34.33 20.23 -20.70
C SER A 237 -35.64 20.27 -19.93
N PHE A 238 -35.57 20.36 -18.58
CA PHE A 238 -36.76 20.47 -17.75
C PHE A 238 -37.43 21.84 -17.94
N ILE A 239 -36.61 22.92 -18.07
CA ILE A 239 -37.10 24.28 -18.34
C ILE A 239 -37.86 24.30 -19.68
N THR A 240 -37.25 23.74 -20.73
CA THR A 240 -37.79 23.70 -22.08
C THR A 240 -39.05 22.85 -22.19
N ALA A 241 -38.94 21.53 -21.90
CA ALA A 241 -40.04 20.57 -22.02
C ALA A 241 -41.30 20.95 -21.25
N TYR A 242 -41.16 21.50 -20.04
CA TYR A 242 -42.31 21.86 -19.22
C TYR A 242 -42.64 23.36 -19.24
N LYS A 243 -41.85 24.17 -19.98
CA LYS A 243 -42.05 25.61 -20.22
C LYS A 243 -42.10 26.42 -18.91
N LEU A 244 -41.14 26.14 -18.02
CA LEU A 244 -40.95 26.80 -16.72
C LEU A 244 -40.18 28.10 -16.96
N CYS A 245 -40.10 28.97 -15.93
CA CYS A 245 -39.37 30.24 -16.02
C CYS A 245 -37.86 29.99 -16.13
N ALA A 246 -37.20 30.72 -17.03
CA ALA A 246 -35.76 30.63 -17.23
C ALA A 246 -35.04 31.36 -16.08
N GLY A 247 -34.99 30.71 -14.92
CA GLY A 247 -34.40 31.24 -13.70
C GLY A 247 -35.43 31.69 -12.69
N GLU A 248 -35.99 30.72 -11.96
CA GLU A 248 -37.02 30.89 -10.93
C GLU A 248 -36.48 30.28 -9.62
N ALA A 249 -37.18 30.48 -8.48
CA ALA A 249 -36.77 29.94 -7.18
C ALA A 249 -36.74 28.41 -7.15
N ALA A 250 -37.73 27.76 -7.80
CA ALA A 250 -37.92 26.32 -7.86
C ALA A 250 -36.82 25.58 -8.63
N ILE A 251 -36.13 26.29 -9.54
CA ILE A 251 -35.05 25.73 -10.37
C ILE A 251 -33.90 25.18 -9.50
N ALA A 252 -33.58 25.89 -8.41
CA ALA A 252 -32.51 25.58 -7.45
C ALA A 252 -32.68 24.22 -6.77
N ASP A 253 -33.94 23.71 -6.69
CA ASP A 253 -34.29 22.41 -6.14
C ASP A 253 -33.83 21.30 -7.10
N PHE A 254 -33.88 21.59 -8.41
CA PHE A 254 -33.50 20.64 -9.46
C PHE A 254 -31.98 20.50 -9.51
N SER A 255 -31.23 21.64 -9.41
CA SER A 255 -29.77 21.67 -9.44
C SER A 255 -29.15 20.90 -8.27
N TYR A 256 -29.69 21.09 -7.05
CA TYR A 256 -29.23 20.40 -5.85
C TYR A 256 -29.54 18.90 -5.90
N ALA A 257 -30.73 18.55 -6.42
CA ALA A 257 -31.15 17.15 -6.55
C ALA A 257 -30.28 16.45 -7.58
N ALA A 258 -30.10 17.07 -8.77
CA ALA A 258 -29.32 16.51 -9.87
C ALA A 258 -27.81 16.46 -9.62
N LYS A 259 -27.29 17.21 -8.61
CA LYS A 259 -25.86 17.26 -8.27
C LYS A 259 -25.50 16.67 -6.88
N MHS A 260 -26.49 16.49 -5.97
CA MHS A 260 -26.22 15.96 -4.63
C MHS A 260 -27.24 14.94 -4.12
O MHS A 260 -26.84 13.83 -3.75
CB MHS A 260 -26.14 17.10 -3.61
CG MHS A 260 -24.97 18.04 -3.87
ND1 MHS A 260 -23.67 17.87 -3.57
CD2 MHS A 260 -25.10 19.27 -4.51
CE1 MHS A 260 -23.00 18.95 -4.00
NE2 MHS A 260 -23.87 19.81 -4.58
CM MHS A 260 -23.02 16.72 -2.88
N ALA A 261 -28.53 15.31 -4.05
CA ALA A 261 -29.61 14.51 -3.49
C ALA A 261 -29.99 13.20 -4.20
N ASP A 262 -30.31 13.24 -5.49
CA ASP A 262 -30.78 12.04 -6.21
C ASP A 262 -29.87 11.62 -7.37
N VAL A 263 -28.57 11.86 -7.19
CA VAL A 263 -27.55 11.54 -8.18
C VAL A 263 -26.70 10.36 -7.69
N ILE A 264 -26.40 9.44 -8.62
CA ILE A 264 -25.61 8.24 -8.37
C ILE A 264 -24.41 8.27 -9.31
N GLN A 265 -23.23 8.48 -8.73
CA GLN A 265 -21.97 8.52 -9.46
C GLN A 265 -21.33 7.14 -9.46
N MET A 266 -20.38 6.90 -10.37
CA MET A 266 -19.69 5.62 -10.48
C MET A 266 -18.62 5.52 -9.38
N GLY A 267 -17.86 6.60 -9.22
CA GLY A 267 -16.83 6.74 -8.19
C GLY A 267 -17.04 8.00 -7.38
N THR A 268 -16.56 8.00 -6.13
CA THR A 268 -16.64 9.16 -5.23
C THR A 268 -15.26 9.82 -5.14
N LEU A 269 -15.18 11.05 -4.56
CA LEU A 269 -13.90 11.76 -4.40
C LEU A 269 -12.88 11.03 -3.53
N LEU A 270 -11.61 11.41 -3.65
CA LEU A 270 -10.51 10.79 -2.91
C LEU A 270 -9.82 11.79 -1.97
N PRO A 271 -9.15 11.35 -0.87
CA PRO A 271 -8.51 12.31 0.04
C PRO A 271 -7.38 13.09 -0.61
N ALA A 272 -6.97 14.22 0.00
CA ALA A 272 -5.95 15.16 -0.48
C ALA A 272 -4.65 14.52 -0.97
N ARG A 273 -4.12 13.48 -0.29
CA ARG A 273 -2.87 12.85 -0.75
C ARG A 273 -3.00 12.32 -2.18
N AGM A 274 -4.10 11.63 -2.47
CA AGM A 274 -4.35 11.13 -3.81
CB AGM A 274 -4.38 9.59 -3.88
CG AGM A 274 -5.47 8.95 -3.04
CD AGM A 274 -5.07 7.54 -2.63
CE2 AGM A 274 -5.46 6.51 -3.68
NE1 AGM A 274 -5.71 7.19 -1.37
CZ AGM A 274 -5.24 7.44 -0.15
NH1 AGM A 274 -5.99 7.08 0.89
NH2 AGM A 274 -4.07 8.05 0.04
C AGM A 274 -5.57 11.88 -4.37
O AGM A 274 -6.45 11.28 -5.00
N ALA A 275 -5.61 13.21 -4.12
CA ALA A 275 -6.69 14.13 -4.51
C ALA A 275 -7.18 13.92 -5.93
N ARG A 276 -8.48 13.69 -6.06
CA ARG A 276 -9.16 13.45 -7.32
C ARG A 276 -10.65 13.66 -7.11
N GLY A 277 -11.35 14.11 -8.14
CA GLY A 277 -12.78 14.30 -8.08
C GLY A 277 -13.53 12.98 -8.19
N PRO A 278 -14.88 13.02 -8.17
CA PRO A 278 -15.66 11.79 -8.31
C PRO A 278 -15.55 11.24 -9.73
N ASN A 279 -16.04 10.02 -9.98
CA ASN A 279 -16.00 9.34 -11.28
C ASN A 279 -14.56 9.13 -11.82
N GLU A 280 -13.63 8.74 -10.91
CA GLU A 280 -12.24 8.37 -11.19
C GLU A 280 -12.14 6.91 -10.76
N PRO A 281 -11.18 6.09 -11.25
CA PRO A 281 -11.14 4.67 -10.85
C PRO A 281 -10.91 4.40 -9.35
N GLY A 282 -10.24 5.32 -8.66
CA GLY A 282 -9.96 5.18 -7.24
C GLY A 282 -11.15 5.24 -6.32
N GLY A 283 -12.20 5.93 -6.76
CA GLY A 283 -13.44 6.08 -6.01
C GLY A 283 -14.51 5.04 -6.26
N ILE A 284 -14.28 4.11 -7.21
CA ILE A 284 -15.25 3.07 -7.57
C ILE A 284 -15.18 1.86 -6.61
N PRO A 285 -16.24 1.58 -5.82
CA PRO A 285 -16.18 0.41 -4.93
C PRO A 285 -16.24 -0.89 -5.73
N PHE A 286 -15.69 -1.98 -5.17
CA PHE A 286 -15.60 -3.26 -5.86
C PHE A 286 -16.95 -3.80 -6.32
N GLY A 287 -17.98 -3.68 -5.49
CA GLY A 287 -19.34 -4.12 -5.82
C GLY A 287 -19.91 -3.34 -6.98
N ILE A 288 -19.65 -2.00 -7.02
CA ILE A 288 -20.11 -1.14 -8.11
C ILE A 288 -19.49 -1.61 -9.43
N LEU A 289 -18.19 -1.93 -9.43
CA LEU A 289 -17.53 -2.41 -10.64
C LEU A 289 -18.06 -3.78 -11.07
N ALA A 290 -18.36 -4.66 -10.10
CA ALA A 290 -18.94 -5.97 -10.41
C ALA A 290 -20.28 -5.76 -11.14
N ASP A 291 -21.07 -4.78 -10.68
CA ASP A 291 -22.35 -4.44 -11.28
C ASP A 291 -22.26 -3.78 -12.67
N VAL A 292 -21.09 -3.19 -13.01
CA VAL A 292 -20.84 -2.60 -14.33
C VAL A 292 -20.74 -3.74 -15.37
N VAL A 293 -20.06 -4.84 -15.00
CA VAL A 293 -19.90 -6.03 -15.86
C VAL A 293 -21.30 -6.68 -16.06
N GLN A 294 -21.63 -7.08 -17.30
CA GLN A 294 -22.94 -7.61 -17.66
C GLN A 294 -23.02 -9.10 -17.97
N THR A 295 -21.96 -9.86 -17.69
CA THR A 295 -21.93 -11.31 -17.97
C THR A 295 -22.99 -12.10 -17.16
N THR A 296 -23.48 -11.52 -16.05
CA THR A 296 -24.51 -12.13 -15.19
C THR A 296 -25.81 -12.40 -15.94
N ARG A 297 -26.17 -11.51 -16.89
CA ARG A 297 -27.40 -11.64 -17.70
C ARG A 297 -27.17 -12.33 -19.06
N VAL A 298 -25.94 -12.81 -19.30
CA VAL A 298 -25.59 -13.44 -20.58
C VAL A 298 -25.16 -14.92 -20.38
N SER A 299 -24.39 -15.20 -19.33
CA SER A 299 -23.88 -16.54 -19.00
C SER A 299 -24.60 -17.11 -17.77
N ASP A 300 -24.74 -18.42 -17.71
CA ASP A 300 -25.33 -19.13 -16.58
C ASP A 300 -24.21 -19.73 -15.70
N ASP A 301 -22.95 -19.54 -16.11
CA ASP A 301 -21.74 -20.04 -15.45
C ASP A 301 -21.28 -19.06 -14.33
N PRO A 302 -21.35 -19.44 -13.04
CA PRO A 302 -20.93 -18.51 -11.97
C PRO A 302 -19.43 -18.23 -11.93
N VAL A 303 -18.60 -19.15 -12.45
CA VAL A 303 -17.16 -19.01 -12.53
C VAL A 303 -16.83 -18.00 -13.62
N GLU A 304 -17.47 -18.14 -14.80
CA GLU A 304 -17.27 -17.24 -15.94
C GLU A 304 -17.60 -15.80 -15.56
N GLN A 305 -18.73 -15.60 -14.84
CA GLN A 305 -19.20 -14.32 -14.34
C GLN A 305 -18.17 -13.65 -13.43
N SER A 306 -17.61 -14.42 -12.46
CA SER A 306 -16.59 -13.94 -11.51
C SER A 306 -15.29 -13.57 -12.22
N LEU A 307 -14.83 -14.44 -13.14
CA LEU A 307 -13.59 -14.23 -13.89
C LEU A 307 -13.68 -13.13 -14.94
N GLU A 308 -14.91 -12.73 -15.31
CA GLU A 308 -15.16 -11.65 -16.25
C GLU A 308 -15.00 -10.30 -15.52
N VAL A 309 -15.35 -10.28 -14.22
CA VAL A 309 -15.20 -9.11 -13.34
C VAL A 309 -13.72 -8.96 -12.97
N VAL A 310 -12.98 -10.09 -12.77
CA VAL A 310 -11.55 -10.08 -12.47
C VAL A 310 -10.79 -9.39 -13.61
N ALA A 311 -11.11 -9.75 -14.88
CA ALA A 311 -10.52 -9.19 -16.09
C ALA A 311 -10.69 -7.68 -16.16
N SER A 312 -11.95 -7.21 -16.05
CA SER A 312 -12.34 -5.79 -16.06
C SER A 312 -11.68 -5.02 -14.92
N GLY A 313 -11.71 -5.61 -13.72
CA GLY A 313 -11.10 -5.05 -12.53
C GLY A 313 -9.59 -4.93 -12.62
N ALA A 314 -8.92 -6.01 -13.06
CA ALA A 314 -7.47 -6.03 -13.20
C ALA A 314 -7.00 -4.95 -14.17
N MET A 315 -7.72 -4.82 -15.29
CA MET A 315 -7.45 -3.85 -16.34
C MET A 315 -7.64 -2.43 -15.80
N LEU A 316 -8.85 -2.11 -15.32
CA LEU A 316 -9.11 -0.77 -14.81
C LEU A 316 -8.22 -0.39 -13.64
N TYR A 317 -8.19 -1.22 -12.60
CA TYR A 317 -7.49 -0.90 -11.36
C TYR A 317 -5.97 -0.93 -11.47
N ASP A 318 -5.40 -1.97 -12.10
CA ASP A 318 -3.94 -2.08 -12.15
C ASP A 318 -3.29 -1.48 -13.40
N GLN A 319 -3.96 -1.52 -14.57
CA GLN A 319 -3.37 -0.97 -15.80
C GLN A 319 -3.58 0.54 -15.92
N ILE A 320 -4.86 1.01 -15.79
CA ILE A 320 -5.21 2.43 -15.90
C ILE A 320 -4.96 3.15 -14.57
N TRP A 321 -5.68 2.72 -13.50
CA TRP A 321 -5.61 3.38 -12.20
C TRP A 321 -4.19 3.36 -11.61
N LEU A 322 -3.73 2.22 -11.08
CA LEU A 322 -2.40 2.12 -10.49
C LEU A 322 -1.27 2.24 -11.50
N GLY A 323 -1.50 1.78 -12.73
CA GLY A 323 -0.51 1.81 -13.80
C GLY A 323 -0.22 3.18 -14.41
N SER A 324 -1.22 4.06 -14.46
CA SER A 324 -1.02 5.41 -15.01
C SER A 324 -1.31 6.47 -13.95
N TYR A 325 -2.61 6.70 -13.62
CA TYR A 325 -3.07 7.68 -12.59
C TYR A 325 -2.17 7.75 -11.38
N MET A 326 -1.79 6.60 -10.84
CA MET A 326 -0.98 6.53 -9.64
C MET A 326 0.50 6.26 -9.91
N SER A 327 0.87 5.89 -11.15
CA SER A 327 2.27 5.65 -11.48
C SER A 327 2.68 6.24 -12.83
N GLY A 328 2.48 5.49 -13.91
CA GLY A 328 2.83 5.91 -15.25
C GLY A 328 4.02 5.19 -15.83
N GLY A 329 4.27 5.43 -17.12
CA GLY A 329 5.35 4.86 -17.90
C GLY A 329 4.98 3.58 -18.61
N VAL A 330 5.84 2.57 -18.51
CA VAL A 330 5.61 1.23 -19.09
C VAL A 330 4.37 0.58 -18.43
N GLY A 331 4.14 0.88 -17.14
CA GLY A 331 2.94 0.50 -16.40
C GLY A 331 2.87 -0.93 -15.89
N PHE A 332 1.65 -1.39 -15.59
CA PHE A 332 1.39 -2.73 -15.04
C PHE A 332 0.46 -3.56 -15.91
N THR A 333 0.87 -3.82 -17.16
CA THR A 333 0.08 -4.58 -18.13
C THR A 333 0.04 -6.07 -17.74
N GLN A 334 1.23 -6.71 -17.60
CA GLN A 334 1.37 -8.13 -17.23
C GLN A 334 1.05 -8.45 -15.76
N TYR A 335 0.86 -7.41 -14.92
CA TYR A 335 0.41 -7.62 -13.54
C TYR A 335 -1.09 -7.96 -13.63
N ALA A 336 -1.76 -7.47 -14.69
CA ALA A 336 -3.19 -7.69 -14.89
C ALA A 336 -3.48 -8.85 -15.84
N THR A 337 -2.74 -8.94 -16.98
CA THR A 337 -2.94 -9.99 -18.00
C THR A 337 -2.95 -11.39 -17.40
N ALA A 338 -2.10 -11.63 -16.38
CA ALA A 338 -1.99 -12.89 -15.66
C ALA A 338 -3.34 -13.42 -15.17
N SER A 339 -4.23 -12.51 -14.75
CA SER A 339 -5.57 -12.81 -14.24
C SER A 339 -6.64 -13.04 -15.33
N TYR A 340 -6.35 -12.73 -16.61
CA TYR A 340 -7.34 -12.93 -17.68
C TYR A 340 -6.74 -13.51 -18.99
N THR A 341 -5.53 -14.07 -18.93
CA THR A 341 -4.92 -14.67 -20.12
C THR A 341 -4.48 -16.14 -19.89
N ASP A 342 -4.50 -16.92 -20.96
CA ASP A 342 -4.08 -18.31 -21.08
C ASP A 342 -4.92 -19.33 -20.25
N ASP A 343 -6.11 -18.92 -19.76
CA ASP A 343 -7.05 -19.74 -18.98
C ASP A 343 -6.47 -20.36 -17.69
N ILE A 344 -5.41 -19.72 -17.13
CA ILE A 344 -4.71 -20.18 -15.92
C ILE A 344 -5.57 -19.99 -14.68
N LEU A 345 -6.09 -18.76 -14.46
CA LEU A 345 -6.99 -18.46 -13.35
C LEU A 345 -8.29 -19.20 -13.58
N ASP A 346 -8.65 -19.42 -14.86
CA ASP A 346 -9.85 -20.14 -15.26
C ASP A 346 -9.80 -21.59 -14.76
N ASP A 347 -8.69 -22.30 -15.03
CA ASP A 347 -8.48 -23.68 -14.61
C ASP A 347 -8.55 -23.83 -13.07
N PHE A 348 -7.83 -22.97 -12.34
CA PHE A 348 -7.78 -22.98 -10.87
C PHE A 348 -9.18 -22.74 -10.26
N SER A 349 -9.92 -21.77 -10.82
CA SER A 349 -11.26 -21.38 -10.34
C SER A 349 -12.29 -22.48 -10.58
N TYR A 350 -12.18 -23.16 -11.75
CA TYR A 350 -13.07 -24.27 -12.07
C TYR A 350 -12.79 -25.46 -11.16
N TYR A 351 -11.50 -25.68 -10.79
CA TYR A 351 -11.10 -26.73 -9.84
C TYR A 351 -11.77 -26.49 -8.49
N GLY A 352 -11.66 -25.25 -8.02
CA GLY A 352 -12.22 -24.80 -6.76
C GLY A 352 -13.73 -24.93 -6.72
N TYR A 353 -14.39 -24.58 -7.86
CA TYR A 353 -15.83 -24.70 -8.00
C TYR A 353 -16.24 -26.16 -7.87
N ASP A 354 -15.54 -27.06 -8.58
CA ASP A 354 -15.80 -28.50 -8.54
C ASP A 354 -15.56 -29.07 -7.15
N TYR A 355 -14.44 -28.67 -6.53
CA TYR A 355 -14.13 -29.09 -5.16
C TYR A 355 -15.31 -28.76 -4.24
N VAL A 356 -15.70 -27.47 -4.21
CA VAL A 356 -16.78 -26.94 -3.40
C VAL A 356 -18.12 -27.61 -3.70
N GLU A 357 -18.52 -27.65 -5.00
CA GLU A 357 -19.79 -28.23 -5.47
C GLU A 357 -20.04 -29.63 -4.91
N LYS A 358 -18.98 -30.46 -4.83
CA LYS A 358 -19.06 -31.84 -4.37
C LYS A 358 -18.90 -32.02 -2.87
N LYS A 359 -18.21 -31.10 -2.17
CA LYS A 359 -18.04 -31.22 -0.72
C LYS A 359 -19.14 -30.47 0.07
N TYR A 360 -19.37 -29.18 -0.27
CA TYR A 360 -20.35 -28.31 0.39
C TYR A 360 -21.58 -28.01 -0.46
N GLY A 361 -21.42 -28.02 -1.77
CA GLY A 361 -22.47 -27.61 -2.70
C GLY A 361 -22.46 -26.10 -2.85
N ILE A 362 -22.78 -25.59 -4.05
CA ILE A 362 -22.79 -24.15 -4.30
C ILE A 362 -23.81 -23.47 -3.37
N CYS A 363 -23.31 -22.55 -2.50
CA CYS A 363 -24.09 -21.84 -1.47
C CYS A 363 -24.70 -22.84 -0.46
N GLY A 364 -23.91 -23.82 -0.05
CA GLY A 364 -24.34 -24.87 0.87
C GLY A 364 -23.71 -24.87 2.24
N ALA A 365 -22.81 -23.91 2.51
CA ALA A 365 -22.12 -23.83 3.80
C ALA A 365 -22.19 -22.40 4.37
N LYS A 366 -22.72 -22.25 5.60
CA LYS A 366 -22.73 -20.95 6.28
C LYS A 366 -21.28 -20.60 6.66
N PRO A 367 -20.81 -19.35 6.47
CA PRO A 367 -19.40 -19.04 6.72
C PRO A 367 -18.94 -19.25 8.16
N THR A 368 -17.93 -20.12 8.28
CA THR A 368 -17.18 -20.45 9.48
C THR A 368 -15.72 -20.61 9.13
N MET A 369 -14.84 -20.40 10.12
CA MET A 369 -13.38 -20.48 9.96
C MET A 369 -12.91 -21.84 9.43
N ASP A 370 -13.62 -22.94 9.78
CA ASP A 370 -13.30 -24.29 9.29
C ASP A 370 -13.55 -24.44 7.79
N VAL A 371 -14.61 -23.80 7.27
CA VAL A 371 -14.94 -23.88 5.84
C VAL A 371 -13.89 -23.10 5.04
N VAL A 372 -13.70 -21.81 5.41
CA VAL A 372 -12.77 -20.86 4.77
C VAL A 372 -11.38 -21.48 4.69
N GLU A 373 -10.86 -21.98 5.83
CA GLU A 373 -9.55 -22.61 5.94
C GLU A 373 -9.40 -23.90 5.12
N ASP A 374 -10.50 -24.65 4.92
CA ASP A 374 -10.48 -25.90 4.15
C ASP A 374 -10.39 -25.63 2.65
N ILE A 375 -11.29 -24.75 2.14
CA ILE A 375 -11.33 -24.40 0.72
C ILE A 375 -10.07 -23.67 0.34
N ALA A 376 -9.77 -22.53 1.01
CA ALA A 376 -8.61 -21.68 0.73
C ALA A 376 -7.29 -22.42 0.69
N THR A 377 -7.08 -23.44 1.58
CA THR A 377 -5.86 -24.27 1.57
C THR A 377 -5.86 -25.23 0.37
N GLU A 378 -7.02 -25.83 0.09
CA GLU A 378 -7.15 -26.77 -1.01
C GLU A 378 -6.83 -26.16 -2.39
N VAL A 379 -7.49 -25.05 -2.73
CA VAL A 379 -7.31 -24.34 -4.00
C VAL A 379 -5.88 -23.83 -4.17
N THR A 380 -5.29 -23.23 -3.10
CA THR A 380 -3.92 -22.71 -3.07
C THR A 380 -2.90 -23.81 -3.39
N LEU A 381 -2.94 -24.92 -2.62
CA LEU A 381 -2.06 -26.08 -2.81
C LEU A 381 -2.15 -26.59 -4.25
N TYR A 382 -3.38 -26.63 -4.82
CA TYR A 382 -3.60 -27.07 -6.20
C TYR A 382 -2.93 -26.12 -7.20
N ALA A 383 -3.13 -24.80 -7.04
CA ALA A 383 -2.60 -23.78 -7.93
C ALA A 383 -1.07 -23.83 -8.03
N LEU A 384 -0.38 -23.81 -6.88
CA LEU A 384 1.07 -23.84 -6.80
C LEU A 384 1.65 -25.13 -7.34
N GLU A 385 0.90 -26.25 -7.22
CA GLU A 385 1.29 -27.56 -7.72
C GLU A 385 1.31 -27.58 -9.25
N CYS A 386 0.37 -26.86 -9.89
CA CYS A 386 0.30 -26.73 -11.35
C CYS A 386 1.56 -26.00 -11.81
N TYR A 387 2.02 -24.98 -11.03
CA TYR A 387 3.25 -24.23 -11.31
C TYR A 387 4.48 -25.13 -11.17
N ASP A 388 4.43 -26.14 -10.29
CA ASP A 388 5.52 -27.10 -10.11
C ASP A 388 5.57 -28.11 -11.26
N GLU A 389 4.38 -28.63 -11.67
CA GLU A 389 4.21 -29.62 -12.74
C GLU A 389 4.67 -29.09 -14.09
N PHE A 390 4.34 -27.82 -14.40
CA PHE A 390 4.58 -27.22 -15.71
C PHE A 390 5.55 -26.02 -15.67
N PRO A 391 6.86 -26.26 -15.90
CA PRO A 391 7.81 -25.13 -15.96
C PRO A 391 7.45 -23.95 -16.88
N ALA A 392 6.68 -24.21 -17.96
CA ALA A 392 6.24 -23.18 -18.91
C ALA A 392 5.14 -22.28 -18.33
N LEU A 393 4.33 -22.83 -17.40
CA LEU A 393 3.29 -22.12 -16.68
C LEU A 393 3.95 -21.15 -15.69
N LEU A 394 5.10 -21.57 -15.13
CA LEU A 394 5.90 -20.77 -14.20
C LEU A 394 6.65 -19.67 -14.98
N GLU A 395 7.14 -20.00 -16.19
CA GLU A 395 7.84 -19.07 -17.08
C GLU A 395 6.87 -17.99 -17.57
N ASP A 396 5.59 -18.37 -17.79
CA ASP A 396 4.49 -17.49 -18.17
C ASP A 396 4.24 -16.48 -17.03
N HIS A 397 3.82 -16.98 -15.87
CA HIS A 397 3.61 -16.16 -14.68
C HIS A 397 4.95 -16.04 -13.94
N PHE A 398 5.93 -15.39 -14.60
CA PHE A 398 7.30 -15.22 -14.10
C PHE A 398 7.36 -14.42 -12.79
N GLY A 399 6.60 -13.34 -12.72
CA GLY A 399 6.53 -12.52 -11.52
C GLY A 399 5.71 -13.21 -10.45
N GLY A 400 6.31 -13.37 -9.27
CA GLY A 400 5.64 -13.99 -8.12
C GLY A 400 4.36 -13.31 -7.68
N SER A 401 4.24 -11.98 -7.92
CA SER A 401 3.05 -11.21 -7.59
C SER A 401 1.87 -11.70 -8.42
N MGN A 402 2.10 -11.94 -9.74
CA MGN A 402 1.11 -12.45 -10.69
CB1 MGN A 402 1.75 -12.81 -12.06
CB2 MGN A 402 -0.01 -11.43 -10.92
CG MGN A 402 2.53 -11.70 -12.78
CD MGN A 402 3.18 -12.24 -14.05
OE1 MGN A 402 4.14 -12.98 -14.01
NE2 MGN A 402 2.65 -11.85 -15.21
C MGN A 402 0.57 -13.79 -10.14
O MGN A 402 -0.65 -14.01 -10.11
N ARG A 403 1.49 -14.67 -9.68
CA ARG A 403 1.17 -15.98 -9.12
C ARG A 403 0.38 -15.86 -7.82
N ALA A 404 0.88 -15.01 -6.89
CA ALA A 404 0.21 -14.71 -5.63
C ALA A 404 -1.23 -14.23 -5.86
N ALA A 405 -1.43 -13.29 -6.82
CA ALA A 405 -2.77 -12.76 -7.17
C ALA A 405 -3.71 -13.85 -7.71
N VAL A 406 -3.23 -14.61 -8.72
CA VAL A 406 -3.98 -15.66 -9.40
C VAL A 406 -4.37 -16.79 -8.43
N ALA A 407 -3.39 -17.35 -7.71
CA ALA A 407 -3.63 -18.42 -6.73
C ALA A 407 -4.60 -17.98 -5.62
N ALA A 408 -4.50 -16.73 -5.15
CA ALA A 408 -5.37 -16.22 -4.10
C ALA A 408 -6.79 -15.90 -4.59
N ALA A 409 -6.90 -15.40 -5.84
CA ALA A 409 -8.19 -15.06 -6.47
C ALA A 409 -9.03 -16.32 -6.61
N ALA A 410 -8.40 -17.43 -7.08
CA ALA A 410 -9.04 -18.73 -7.21
C ALA A 410 -9.54 -19.22 -5.85
N SER A 411 -8.69 -19.09 -4.79
CA SER A 411 -9.02 -19.47 -3.40
C SER A 411 -10.23 -18.68 -2.88
N GLY A 412 -10.17 -17.35 -3.01
CA GLY A 412 -11.24 -16.45 -2.60
C GLY A 412 -12.58 -16.67 -3.28
N ILE A 413 -12.57 -16.80 -4.63
CA ILE A 413 -13.77 -17.06 -5.43
C ILE A 413 -14.41 -18.39 -4.99
N SER A 414 -13.57 -19.40 -4.72
CA SER A 414 -14.03 -20.73 -4.29
C SER A 414 -14.65 -20.73 -2.90
N VAL A 415 -14.15 -19.87 -2.00
CA VAL A 415 -14.71 -19.74 -0.64
C VAL A 415 -16.10 -19.08 -0.74
N CYS A 416 -16.23 -18.11 -1.66
CA CYS A 416 -17.49 -17.41 -1.93
C CYS A 416 -18.53 -18.32 -2.58
N MET A 417 -18.06 -19.32 -3.34
CA MET A 417 -18.92 -20.31 -4.01
C MET A 417 -19.66 -21.18 -3.01
N ALA A 418 -19.04 -21.43 -1.84
CA ALA A 418 -19.65 -22.25 -0.78
C ALA A 418 -20.45 -21.42 0.21
N THR A 419 -19.97 -20.21 0.53
CA THR A 419 -20.53 -19.37 1.58
C THR A 419 -21.51 -18.30 1.12
N GLY A 420 -21.20 -17.62 0.01
CA GLY A 420 -22.02 -16.52 -0.49
C GLY A 420 -21.80 -15.24 0.31
N ASN A 421 -20.67 -15.18 1.04
CA ASN A 421 -20.27 -14.06 1.90
C ASN A 421 -18.94 -13.52 1.36
N SER A 422 -18.93 -12.24 0.97
CA SER A 422 -17.76 -11.58 0.37
C SER A 422 -16.57 -11.48 1.31
N ASN A 423 -16.82 -11.26 2.62
CA ASN A 423 -15.79 -11.18 3.66
C ASN A 423 -15.19 -12.55 3.94
N ALA A 424 -15.97 -13.64 3.75
CA ALA A 424 -15.51 -15.01 3.96
C ALA A 424 -14.49 -15.34 2.87
N GLY A 425 -14.79 -14.93 1.64
CA GLY A 425 -13.90 -15.11 0.49
C GLY A 425 -12.68 -14.23 0.60
N LEU A 426 -12.88 -13.03 1.17
CA LEU A 426 -11.82 -12.07 1.45
C LEU A 426 -10.84 -12.68 2.44
N ASN A 427 -11.37 -13.29 3.52
CA ASN A 427 -10.57 -13.98 4.54
C ASN A 427 -9.79 -15.14 3.93
N GLY A 428 -10.43 -15.85 2.99
CA GLY A 428 -9.85 -16.97 2.26
C GLY A 428 -8.62 -16.60 1.48
N TRX A 429 -8.68 -15.44 0.81
CA TRX A 429 -7.60 -14.83 0.02
C TRX A 429 -6.35 -14.64 0.87
O TRX A 429 -5.25 -15.00 0.44
CB TRX A 429 -8.15 -13.51 -0.56
CG TRX A 429 -7.09 -12.55 -1.09
CD1 TRX A 429 -6.23 -11.75 -0.36
CD2 TRX A 429 -6.76 -12.24 -2.51
NE1 TRX A 429 -5.41 -11.00 -1.15
CE2 TRX A 429 -5.67 -11.24 -2.46
CE3 TRX A 429 -7.26 -12.70 -3.73
CZ2 TRX A 429 -5.13 -10.76 -3.65
CZ3 TRX A 429 -6.69 -12.19 -4.89
CH2 TRX A 429 -5.64 -11.24 -4.86
OH2 TRX A 429 -5.11 -10.76 -6.03
N TYR A 430 -6.51 -14.08 2.10
CA TYR A 430 -5.40 -13.77 3.00
C TYR A 430 -4.71 -14.99 3.58
N LEU A 431 -5.44 -16.13 3.71
CA LEU A 431 -4.83 -17.39 4.14
C LEU A 431 -3.98 -17.94 3.00
N SER A 432 -4.50 -17.82 1.75
CA SER A 432 -3.81 -18.26 0.53
C SER A 432 -2.45 -17.61 0.43
N GLN A 433 -2.40 -16.28 0.66
CA GLN A 433 -1.21 -15.43 0.60
C GLN A 433 -0.10 -15.89 1.55
N ILE A 434 -0.43 -16.09 2.84
CA ILE A 434 0.52 -16.52 3.84
C ILE A 434 0.89 -18.01 3.68
N LEU A 435 0.05 -18.81 2.99
CA LEU A 435 0.35 -20.21 2.66
C LEU A 435 1.36 -20.25 1.51
N HIS A 436 1.12 -19.40 0.47
CA HIS A 436 1.93 -19.24 -0.74
C HIS A 436 3.35 -18.80 -0.36
N LYS A 437 3.46 -17.92 0.66
CA LYS A 437 4.72 -17.41 1.17
C LYS A 437 5.55 -18.57 1.75
N GLU A 438 4.93 -19.44 2.56
CA GLU A 438 5.62 -20.55 3.21
C GLU A 438 5.92 -21.71 2.27
N TYR A 439 5.18 -21.79 1.14
CA TYR A 439 5.34 -22.84 0.13
C TYR A 439 6.64 -22.60 -0.65
N HIS A 440 6.69 -21.50 -1.43
CA HIS A 440 7.82 -21.19 -2.30
C HIS A 440 8.91 -20.29 -1.68
N SER A 441 8.76 -19.95 -0.37
CA SER A 441 9.66 -19.07 0.40
C SER A 441 9.88 -17.71 -0.28
N ARG A 442 8.79 -17.22 -0.87
CA ARG A 442 8.68 -15.96 -1.61
C ARG A 442 7.19 -15.71 -1.85
N LEU A 443 6.85 -14.45 -2.18
CA LEU A 443 5.47 -14.07 -2.47
C LEU A 443 5.46 -13.15 -3.70
N GLY A 444 5.25 -11.86 -3.49
CA GLY A 444 5.22 -10.88 -4.57
C GLY A 444 6.47 -10.03 -4.60
N PHE A 445 6.32 -8.78 -5.05
CA PHE A 445 7.41 -7.81 -5.09
C PHE A 445 7.71 -7.31 -3.66
N TYR A 446 8.79 -6.51 -3.50
CA TYR A 446 9.26 -5.93 -2.23
C TYR A 446 8.13 -5.55 -1.25
CA GL3 A 447 6.03 -4.38 -0.88
N GL3 A 447 7.11 -4.83 -1.75
C GL3 A 447 4.62 -4.80 -1.35
S GL3 A 447 3.37 -3.92 -0.75
N TYR A 448 4.51 -6.09 -1.66
CA TYR A 448 3.27 -6.63 -2.19
C TYR A 448 2.27 -6.99 -1.08
N ASP A 449 2.72 -7.69 -0.03
CA ASP A 449 1.83 -8.17 1.03
C ASP A 449 1.63 -7.22 2.23
N LEU A 450 1.53 -5.89 1.97
CA LEU A 450 1.20 -4.91 3.02
C LEU A 450 -0.23 -5.22 3.44
N GLN A 451 -1.15 -5.22 2.46
CA GLN A 451 -2.57 -5.49 2.67
C GLN A 451 -2.90 -6.93 3.04
N ASP A 452 -1.99 -7.87 2.74
CA ASP A 452 -2.20 -9.29 3.01
C ASP A 452 -1.86 -9.67 4.46
N GLN A 453 -0.80 -9.06 5.03
CA GLN A 453 -0.40 -9.26 6.42
C GLN A 453 -1.38 -8.54 7.35
N CYS A 454 -1.94 -7.40 6.90
CA CYS A 454 -2.97 -6.65 7.64
C CYS A 454 -4.32 -7.33 7.41
N GLY A 455 -4.42 -8.04 6.28
CA GLY A 455 -5.62 -8.67 5.76
C GLY A 455 -6.46 -9.52 6.70
N ALA A 456 -5.88 -10.61 7.25
CA ALA A 456 -6.59 -11.52 8.15
C ALA A 456 -7.27 -10.80 9.32
N SER A 457 -6.57 -9.87 9.98
CA SER A 457 -7.11 -9.08 11.08
C SER A 457 -8.20 -8.07 10.68
N ASN A 458 -8.01 -7.35 9.55
CA ASN A 458 -8.98 -6.35 9.09
C ASN A 458 -10.15 -6.93 8.26
N SER A 459 -10.06 -8.20 7.83
CA SER A 459 -11.09 -8.86 7.01
C SER A 459 -12.42 -8.99 7.74
N LEU A 460 -12.37 -9.32 9.02
CA LEU A 460 -13.58 -9.48 9.83
C LEU A 460 -13.62 -8.50 11.00
N SER A 461 -12.84 -7.41 10.90
CA SER A 461 -12.76 -6.35 11.91
C SER A 461 -14.05 -5.52 11.94
N ILE A 462 -14.22 -4.77 13.04
CA ILE A 462 -15.39 -3.92 13.28
C ILE A 462 -14.98 -2.46 13.49
N ARG A 463 -13.66 -2.20 13.59
CA ARG A 463 -13.09 -0.87 13.77
C ARG A 463 -13.34 0.02 12.54
N ASN A 464 -13.50 1.33 12.78
CA ASN A 464 -13.89 2.35 11.83
C ASN A 464 -13.13 2.34 10.49
N ASP A 465 -11.77 2.29 10.50
CA ASP A 465 -11.03 2.29 9.23
C ASP A 465 -10.56 0.91 8.81
N GLU A 466 -11.08 -0.14 9.50
CA GLU A 466 -10.73 -1.53 9.23
C GLU A 466 -11.93 -2.34 8.71
N SER A 467 -13.13 -1.99 9.14
CA SER A 467 -14.32 -2.74 8.75
C SER A 467 -14.97 -2.26 7.49
N SER A 468 -15.61 -3.19 6.78
CA SER A 468 -16.41 -2.97 5.58
C SER A 468 -16.69 -4.27 4.86
N PRO A 469 -17.95 -4.46 4.37
CA PRO A 469 -18.17 -5.63 3.52
C PRO A 469 -17.44 -5.36 2.20
N LEU A 470 -16.71 -6.35 1.66
CA LEU A 470 -15.93 -6.23 0.41
C LEU A 470 -16.62 -5.41 -0.69
N GLU A 471 -17.96 -5.53 -0.82
CA GLU A 471 -18.76 -4.81 -1.83
C GLU A 471 -18.53 -3.29 -1.71
N LEU A 472 -18.36 -2.78 -0.47
CA LEU A 472 -18.17 -1.37 -0.20
C LEU A 472 -16.71 -0.96 0.01
N ARG A 473 -15.75 -1.91 -0.13
CA ARG A 473 -14.32 -1.60 -0.07
C ARG A 473 -13.91 -1.20 -1.51
N GLY A 474 -12.72 -0.66 -1.67
CA GLY A 474 -12.25 -0.24 -2.98
C GLY A 474 -10.81 0.26 -2.99
N PRO A 475 -10.41 0.95 -4.07
CA PRO A 475 -9.03 1.45 -4.16
C PRO A 475 -8.61 2.45 -3.08
N ASN A 476 -9.57 3.01 -2.33
CA ASN A 476 -9.24 3.98 -1.26
C ASN A 476 -9.31 3.37 0.13
N TYR A 477 -9.68 2.08 0.22
CA TYR A 477 -9.66 1.37 1.49
C TYR A 477 -8.18 1.41 1.95
N PRO A 478 -7.89 1.82 3.20
CA PRO A 478 -6.48 2.11 3.59
C PRO A 478 -5.42 1.12 3.10
N ASN A 479 -5.55 -0.18 3.41
CA ASN A 479 -4.57 -1.20 3.03
C ASN A 479 -4.46 -1.43 1.52
N TYR A 480 -5.56 -1.22 0.80
CA TYR A 480 -5.66 -1.49 -0.63
C TYR A 480 -5.19 -0.36 -1.57
N ALA A 481 -5.02 0.86 -1.03
CA ALA A 481 -4.71 2.10 -1.75
C ALA A 481 -3.35 2.21 -2.49
N MET A 482 -2.53 1.15 -2.54
CA MET A 482 -1.21 1.30 -3.16
C MET A 482 -0.79 0.20 -4.13
N ASN A 483 -1.13 -1.06 -3.88
CA ASN A 483 -0.50 -2.16 -4.57
C ASN A 483 -1.35 -2.97 -5.56
N VAL A 484 -0.67 -3.36 -6.66
CA VAL A 484 -1.16 -4.15 -7.79
C VAL A 484 -1.39 -5.61 -7.40
N GLY A 485 -2.15 -6.31 -8.23
CA GLY A 485 -2.47 -7.73 -8.03
C GLY A 485 -3.32 -7.98 -6.81
N HIS A 486 -4.30 -7.08 -6.56
CA HIS A 486 -5.20 -7.19 -5.44
C HIS A 486 -6.63 -6.73 -5.76
N GLN A 487 -6.78 -5.44 -6.13
CA GLN A 487 -8.05 -4.74 -6.40
C GLN A 487 -8.95 -5.43 -7.40
N GLY A 488 -8.41 -5.71 -8.58
CA GLY A 488 -9.15 -6.39 -9.65
C GLY A 488 -9.68 -7.75 -9.24
N GLU A 489 -8.90 -8.47 -8.43
CA GLU A 489 -9.26 -9.78 -7.93
C GLU A 489 -10.28 -9.68 -6.79
N TYR A 490 -10.23 -8.60 -5.96
CA TYR A 490 -11.24 -8.34 -4.91
C TYR A 490 -12.62 -8.11 -5.53
N ALA A 491 -12.67 -7.43 -6.69
CA ALA A 491 -13.89 -7.18 -7.46
C ALA A 491 -14.47 -8.54 -7.95
N GLY A 492 -13.58 -9.48 -8.22
CA GLY A 492 -13.93 -10.84 -8.61
C GLY A 492 -14.42 -11.68 -7.45
N ILE A 493 -13.79 -11.51 -6.25
CA ILE A 493 -14.23 -12.21 -5.05
C ILE A 493 -15.62 -11.69 -4.67
N THR A 494 -15.89 -10.40 -4.90
CA THR A 494 -17.19 -9.79 -4.62
C THR A 494 -18.29 -10.42 -5.48
N GLN A 495 -18.04 -10.56 -6.79
CA GLN A 495 -18.99 -11.14 -7.74
C GLN A 495 -19.28 -12.59 -7.40
N ALA A 496 -18.25 -13.37 -7.02
CA ALA A 496 -18.36 -14.78 -6.67
C ALA A 496 -19.41 -15.05 -5.58
N ALA A 497 -19.51 -14.18 -4.55
CA ALA A 497 -20.46 -14.29 -3.45
C ALA A 497 -21.91 -14.18 -3.93
N HIS A 498 -22.13 -13.42 -5.01
CA HIS A 498 -23.44 -13.17 -5.60
C HIS A 498 -23.79 -14.11 -6.75
N SER A 499 -22.76 -14.57 -7.51
CA SER A 499 -22.90 -15.57 -8.58
C SER A 499 -23.26 -16.93 -7.96
N ALA A 500 -22.84 -17.15 -6.70
CA ALA A 500 -23.12 -18.37 -5.94
C ALA A 500 -24.59 -18.43 -5.55
N ARG A 501 -25.17 -17.25 -5.30
CA ARG A 501 -26.56 -17.04 -4.89
C ARG A 501 -27.52 -16.89 -6.07
N LYS A 502 -26.96 -16.65 -7.28
CA LYS A 502 -27.68 -16.36 -8.53
C LYS A 502 -28.33 -14.97 -8.43
N ASP A 503 -27.64 -14.04 -7.72
CA ASP A 503 -28.09 -12.65 -7.55
C ASP A 503 -27.97 -11.90 -8.88
N ALA A 504 -28.97 -11.05 -9.19
CA ALA A 504 -29.02 -10.23 -10.40
C ALA A 504 -27.96 -9.13 -10.37
N PHE A 505 -27.64 -8.63 -9.15
CA PHE A 505 -26.68 -7.58 -8.85
C PHE A 505 -25.99 -7.82 -7.49
N ALA A 506 -24.85 -7.15 -7.25
CA ALA A 506 -24.03 -7.27 -6.04
C ALA A 506 -24.21 -6.14 -5.03
N LEU A 507 -24.23 -4.87 -5.49
CA LEU A 507 -24.32 -3.72 -4.61
C LEU A 507 -25.37 -2.69 -5.04
N ASN A 508 -25.36 -2.31 -6.33
CA ASN A 508 -26.26 -1.29 -6.86
C ASN A 508 -27.05 -1.77 -8.08
N PRO A 509 -28.39 -1.94 -7.95
CA PRO A 509 -29.18 -2.42 -9.08
C PRO A 509 -29.35 -1.39 -10.20
N LEU A 510 -29.23 -0.09 -9.87
CA LEU A 510 -29.32 0.99 -10.86
C LEU A 510 -28.17 0.87 -11.83
N ILE A 511 -26.94 0.72 -11.30
CA ILE A 511 -25.71 0.56 -12.11
C ILE A 511 -25.80 -0.68 -13.00
N LYS A 512 -26.32 -1.79 -12.44
CA LYS A 512 -26.50 -3.04 -13.17
C LYS A 512 -27.41 -2.81 -14.37
N VAL A 513 -28.57 -2.14 -14.15
CA VAL A 513 -29.52 -1.81 -15.22
C VAL A 513 -28.88 -0.87 -16.24
N ALA A 514 -28.27 0.23 -15.77
CA ALA A 514 -27.61 1.26 -16.57
C ALA A 514 -26.65 0.69 -17.60
N PHE A 515 -25.79 -0.26 -17.20
CA PHE A 515 -24.78 -0.82 -18.08
C PHE A 515 -25.26 -2.00 -18.94
N ALA A 516 -26.59 -2.26 -18.98
CA ALA A 516 -27.17 -3.29 -19.83
C ALA A 516 -27.57 -2.74 -21.21
N ASP A 517 -27.50 -1.41 -21.37
CA ASP A 517 -27.88 -0.66 -22.57
C ASP A 517 -27.04 -0.96 -23.83
N PRO A 518 -27.67 -1.40 -24.95
CA PRO A 518 -26.89 -1.65 -26.19
C PRO A 518 -26.35 -0.37 -26.83
N SER A 519 -26.77 0.81 -26.36
CA SER A 519 -26.25 2.06 -26.90
C SER A 519 -24.83 2.41 -26.39
N LEU A 520 -24.28 1.59 -25.46
CA LEU A 520 -22.92 1.75 -24.95
C LEU A 520 -21.93 1.24 -25.99
N VAL A 521 -20.80 1.95 -26.16
CA VAL A 521 -19.76 1.62 -27.15
C VAL A 521 -19.08 0.29 -26.81
N PHE A 522 -18.68 0.10 -25.54
CA PHE A 522 -18.02 -1.13 -25.06
C PHE A 522 -19.07 -2.18 -24.68
N ASP A 523 -18.81 -3.45 -25.04
CA ASP A 523 -19.71 -4.56 -24.74
C ASP A 523 -19.35 -5.13 -23.36
N PHE A 524 -19.99 -4.58 -22.31
CA PHE A 524 -19.76 -4.98 -20.93
C PHE A 524 -20.18 -6.43 -20.59
N SER A 525 -20.82 -7.15 -21.53
CA SER A 525 -21.20 -8.56 -21.31
C SER A 525 -20.06 -9.52 -21.65
N HIS A 526 -19.11 -9.10 -22.52
CA HIS A 526 -17.93 -9.90 -22.89
C HIS A 526 -16.63 -9.08 -22.83
N PRO A 527 -16.20 -8.64 -21.62
CA PRO A 527 -14.99 -7.80 -21.51
C PRO A 527 -13.70 -8.38 -22.11
N ARG A 528 -13.44 -9.68 -21.85
CA ARG A 528 -12.24 -10.39 -22.34
C ARG A 528 -12.14 -10.42 -23.87
N LYS A 529 -13.26 -10.69 -24.58
CA LYS A 529 -13.32 -10.72 -26.05
C LYS A 529 -13.16 -9.30 -26.61
N GLU A 530 -13.68 -8.31 -25.88
CA GLU A 530 -13.61 -6.89 -26.24
C GLU A 530 -12.18 -6.38 -26.16
N PHE A 531 -11.43 -6.83 -25.14
CA PHE A 531 -10.02 -6.49 -24.98
C PHE A 531 -9.23 -7.04 -26.16
N ALA A 532 -9.57 -8.27 -26.62
CA ALA A 532 -8.96 -8.94 -27.76
C ALA A 532 -9.25 -8.16 -29.05
N ARG A 533 -10.49 -7.63 -29.19
CA ARG A 533 -10.92 -6.82 -30.34
C ARG A 533 -10.10 -5.53 -30.46
N GLY A 534 -9.78 -4.92 -29.31
CA GLY A 534 -8.97 -3.71 -29.24
C GLY A 534 -7.51 -4.01 -29.54
N ALA A 535 -7.02 -5.18 -29.08
CA ALA A 535 -5.65 -5.65 -29.28
C ALA A 535 -5.39 -5.94 -30.77
N LEU A 536 -6.46 -6.27 -31.53
CA LEU A 536 -6.38 -6.55 -32.96
C LEU A 536 -6.75 -5.32 -33.80
N ARG A 537 -6.85 -4.15 -33.14
CA ARG A 537 -7.18 -2.84 -33.73
C ARG A 537 -8.49 -2.90 -34.52
N GLU A 538 -9.48 -3.61 -33.96
CA GLU A 538 -10.80 -3.82 -34.56
C GLU A 538 -11.89 -3.07 -33.80
N PHE A 539 -11.50 -2.39 -32.70
CA PHE A 539 -12.42 -1.63 -31.88
C PHE A 539 -12.41 -0.16 -32.28
N GLU A 540 -13.61 0.38 -32.56
CA GLU A 540 -13.78 1.77 -32.90
C GLU A 540 -14.29 2.55 -31.67
N PRO A 541 -13.43 3.40 -31.08
CA PRO A 541 -13.86 4.17 -29.90
C PRO A 541 -14.50 5.49 -30.29
N ALA A 542 -15.05 6.18 -29.28
CA ALA A 542 -15.64 7.49 -29.45
C ALA A 542 -14.59 8.49 -28.95
N GLY A 543 -14.84 9.79 -29.11
CA GLY A 543 -13.94 10.83 -28.65
C GLY A 543 -12.88 11.29 -29.64
N GLU A 544 -12.86 10.71 -30.86
CA GLU A 544 -11.89 11.13 -31.88
C GLU A 544 -12.30 12.46 -32.47
N ARG A 545 -11.33 13.26 -32.92
CA ARG A 545 -11.55 14.62 -33.41
C ARG A 545 -11.44 14.79 -34.93
N ASP A 546 -11.75 13.74 -35.70
CA ASP A 546 -11.74 13.78 -37.16
C ASP A 546 -12.53 14.97 -37.77
N PRO A 547 -13.75 15.34 -37.29
CA PRO A 547 -14.50 16.43 -37.92
C PRO A 547 -13.95 17.84 -37.78
N ILE A 548 -12.91 18.04 -36.94
CA ILE A 548 -12.33 19.36 -36.69
C ILE A 548 -10.80 19.41 -36.86
N ILE A 549 -10.21 18.41 -37.53
CA ILE A 549 -8.75 18.35 -37.73
C ILE A 549 -8.37 18.12 -39.20
N PRO A 550 -7.21 18.63 -39.67
CA PRO A 550 -6.81 18.39 -41.08
C PRO A 550 -6.54 16.90 -41.37
N ALA A 551 -6.88 16.46 -42.60
CA ALA A 551 -6.71 15.08 -43.05
C ALA A 551 -5.44 14.93 -43.89
N VAL B 2 -10.93 2.24 39.58
CA VAL B 2 -10.32 1.81 38.32
C VAL B 2 -11.30 0.98 37.46
N LYS B 3 -10.83 0.47 36.32
CA LYS B 3 -11.61 -0.35 35.39
C LYS B 3 -10.94 -1.71 35.23
N TYR B 4 -9.59 -1.71 35.18
CA TYR B 4 -8.76 -2.91 35.02
C TYR B 4 -7.91 -3.16 36.27
N GLU B 5 -7.68 -4.45 36.56
CA GLU B 5 -6.90 -4.93 37.70
C GLU B 5 -5.39 -4.93 37.46
N ASP B 6 -4.95 -4.67 36.21
CA ASP B 6 -3.55 -4.65 35.79
C ASP B 6 -2.72 -3.65 36.57
N LYS B 7 -1.58 -4.11 37.10
CA LYS B 7 -0.62 -3.31 37.86
C LYS B 7 0.69 -3.30 37.08
N ILE B 8 1.30 -2.11 36.94
CA ILE B 8 2.54 -1.96 36.18
C ILE B 8 3.63 -1.29 37.01
N CYS B 9 4.86 -1.80 36.89
CA CYS B 9 6.05 -1.26 37.59
C CYS B 9 6.72 -0.23 36.68
N LEU B 10 6.77 1.03 37.11
CA LEU B 10 7.35 2.14 36.35
C LEU B 10 8.88 2.21 36.42
N TYR B 11 9.52 2.29 35.24
CA TYR B 11 10.97 2.38 35.08
C TYR B 11 11.34 3.55 34.18
N ASN B 12 12.47 4.22 34.47
CA ASN B 12 12.91 5.40 33.71
C ASN B 12 13.86 5.07 32.55
N ALA B 13 14.32 6.11 31.81
CA ALA B 13 15.22 6.01 30.64
C ALA B 13 16.60 5.38 30.98
N LYS B 14 16.92 5.25 32.28
CA LYS B 14 18.17 4.65 32.75
C LYS B 14 17.97 3.30 33.43
N GLY B 15 16.81 2.68 33.19
CA GLY B 15 16.45 1.37 33.71
C GLY B 15 16.36 1.26 35.23
N GLU B 16 16.04 2.38 35.89
CA GLU B 16 15.95 2.46 37.36
C GLU B 16 14.49 2.48 37.77
N LEU B 17 14.15 1.65 38.79
CA LEU B 17 12.79 1.57 39.34
C LEU B 17 12.37 2.90 39.93
N VAL B 18 11.13 3.33 39.62
CA VAL B 18 10.55 4.58 40.11
C VAL B 18 9.43 4.27 41.11
N GLU B 19 8.51 3.36 40.74
CA GLU B 19 7.39 2.91 41.58
C GLU B 19 6.87 1.58 41.07
N GLU B 20 6.38 0.75 41.99
CA GLU B 20 5.80 -0.56 41.69
C GLU B 20 4.28 -0.56 41.94
N ASN B 21 3.56 -1.55 41.34
CA ASN B 21 2.11 -1.77 41.45
C ASN B 21 1.29 -0.49 41.26
N VAL B 22 1.50 0.17 40.11
CA VAL B 22 0.80 1.39 39.70
C VAL B 22 -0.37 0.91 38.83
N PRO B 23 -1.61 1.46 38.99
CA PRO B 23 -2.70 1.06 38.09
C PRO B 23 -2.35 1.36 36.63
N LEU B 24 -2.65 0.42 35.71
CA LEU B 24 -2.39 0.58 34.27
C LEU B 24 -3.04 1.85 33.70
N GLU B 25 -4.23 2.22 34.20
CA GLU B 25 -4.97 3.40 33.76
C GLU B 25 -4.34 4.75 34.20
N ALA B 26 -3.22 4.73 34.98
CA ALA B 26 -2.53 5.96 35.39
C ALA B 26 -1.69 6.52 34.23
N ILE B 27 -1.47 5.70 33.20
CA ILE B 27 -0.73 6.10 31.99
C ILE B 27 -1.71 6.37 30.81
N SER B 28 -3.03 6.21 31.05
CA SER B 28 -4.08 6.43 30.06
C SER B 28 -4.17 7.90 29.64
N PRO B 29 -4.32 8.21 28.33
CA PRO B 29 -4.50 9.61 27.91
C PRO B 29 -5.69 10.27 28.60
N LEU B 30 -6.67 9.44 28.99
CA LEU B 30 -7.89 9.83 29.69
C LEU B 30 -7.67 10.21 31.15
N TYR B 31 -6.51 9.84 31.74
CA TYR B 31 -6.22 10.14 33.14
C TYR B 31 -4.89 10.87 33.39
N ASN B 32 -3.84 10.60 32.60
CA ASN B 32 -2.52 11.21 32.79
C ASN B 32 -2.51 12.71 32.50
N PRO B 33 -2.16 13.56 33.49
CA PRO B 33 -2.19 15.01 33.28
C PRO B 33 -1.12 15.54 32.33
N THR B 34 0.02 14.85 32.21
CA THR B 34 1.07 15.32 31.32
C THR B 34 0.78 14.95 29.87
N ILE B 35 0.03 13.85 29.64
CA ILE B 35 -0.41 13.50 28.28
C ILE B 35 -1.43 14.57 27.84
N GLN B 36 -2.28 15.03 28.76
CA GLN B 36 -3.25 16.09 28.55
C GLN B 36 -2.52 17.40 28.21
N LYS B 37 -1.38 17.66 28.89
CA LYS B 37 -0.53 18.82 28.64
C LYS B 37 0.12 18.76 27.26
N LEU B 38 0.66 17.56 26.89
CA LEU B 38 1.32 17.34 25.60
C LEU B 38 0.39 17.72 24.46
N VAL B 39 -0.82 17.10 24.43
CA VAL B 39 -1.86 17.34 23.42
C VAL B 39 -2.23 18.82 23.38
N LYS B 40 -2.60 19.40 24.54
CA LYS B 40 -2.98 20.81 24.65
C LYS B 40 -1.92 21.75 24.07
N ASP B 41 -0.64 21.54 24.46
CA ASP B 41 0.48 22.37 23.97
C ASP B 41 0.77 22.15 22.49
N ILE B 42 0.72 20.88 21.98
CA ILE B 42 0.94 20.58 20.54
C ILE B 42 -0.07 21.39 19.72
N LYS B 43 -1.36 21.27 20.09
CA LYS B 43 -2.48 21.94 19.44
C LYS B 43 -2.37 23.48 19.43
N ARG B 44 -1.65 24.08 20.42
CA ARG B 44 -1.54 25.53 20.53
C ARG B 44 -0.15 26.14 20.21
N THR B 45 0.88 25.32 19.91
CA THR B 45 2.22 25.86 19.65
C THR B 45 2.56 25.91 18.16
N VAL B 46 3.03 27.09 17.71
CA VAL B 46 3.41 27.38 16.34
C VAL B 46 4.84 27.92 16.29
N ALA B 47 5.68 27.31 15.44
CA ALA B 47 7.05 27.76 15.17
C ALA B 47 6.97 28.86 14.10
N VAL B 48 7.68 29.97 14.33
CA VAL B 48 7.72 31.15 13.48
C VAL B 48 9.16 31.39 12.99
N ASN B 49 9.34 31.60 11.67
CA ASN B 49 10.65 31.85 11.07
C ASN B 49 10.73 33.31 10.60
N LEU B 50 11.06 34.22 11.54
CA LEU B 50 11.19 35.66 11.29
C LEU B 50 12.28 35.98 10.26
N ALA B 51 13.38 35.21 10.28
CA ALA B 51 14.48 35.33 9.31
C ALA B 51 13.95 35.00 7.91
N GLY B 52 13.15 33.93 7.83
CA GLY B 52 12.48 33.46 6.61
C GLY B 52 11.52 34.50 6.08
N ILE B 53 10.63 35.00 6.98
CA ILE B 53 9.66 36.05 6.64
C ILE B 53 10.40 37.30 6.10
N GLU B 54 11.48 37.73 6.80
CA GLU B 54 12.29 38.89 6.40
C GLU B 54 12.95 38.71 5.02
N ASN B 55 13.59 37.54 4.80
CA ASN B 55 14.23 37.22 3.52
C ASN B 55 13.22 37.17 2.39
N ALA B 56 12.03 36.57 2.63
CA ALA B 56 10.95 36.47 1.65
C ALA B 56 10.50 37.85 1.12
N LEU B 57 10.36 38.85 2.02
CA LEU B 57 9.94 40.22 1.68
C LEU B 57 11.01 40.97 0.89
N LYS B 58 12.25 40.98 1.42
CA LYS B 58 13.47 41.59 0.90
C LYS B 58 13.72 41.22 -0.57
N THR B 59 13.38 39.97 -0.95
CA THR B 59 13.62 39.38 -2.26
C THR B 59 12.37 39.23 -3.14
N GLY B 60 11.19 39.19 -2.54
CA GLY B 60 9.95 38.96 -3.25
C GLY B 60 9.68 37.49 -3.53
N ALA B 61 10.41 36.60 -2.84
CA ALA B 61 10.27 35.15 -2.98
C ALA B 61 9.22 34.65 -2.00
N VAL B 62 7.99 34.52 -2.50
CA VAL B 62 6.82 34.11 -1.72
C VAL B 62 5.95 33.11 -2.50
N GLY B 63 5.03 32.46 -1.79
CA GLY B 63 4.03 31.55 -2.33
C GLY B 63 4.48 30.29 -3.04
N GLY B 64 5.42 29.58 -2.43
CA GLY B 64 5.93 28.34 -3.00
C GLY B 64 7.38 28.45 -3.43
N LYS B 65 7.95 27.31 -3.81
CA LYS B 65 9.34 27.22 -4.24
C LYS B 65 9.44 27.68 -5.69
N ALA B 66 10.56 28.38 -6.01
CA ALA B 66 10.88 28.96 -7.31
C ALA B 66 10.01 30.18 -7.69
N CYS B 67 9.07 30.58 -6.82
CA CYS B 67 8.18 31.72 -7.00
C CYS B 67 8.85 33.00 -6.50
N VAL B 68 8.95 34.02 -7.36
CA VAL B 68 9.51 35.34 -7.07
C VAL B 68 8.66 36.39 -7.81
N ILE B 69 8.08 37.35 -7.08
CA ILE B 69 7.28 38.39 -7.72
C ILE B 69 8.17 39.64 -7.93
N PRO B 70 8.55 39.98 -9.19
CA PRO B 70 9.38 41.17 -9.40
C PRO B 70 8.57 42.46 -9.24
N GLY B 71 9.17 43.42 -8.55
CA GLY B 71 8.57 44.73 -8.30
C GLY B 71 7.73 44.86 -7.04
N ARG B 72 7.80 43.86 -6.15
CA ARG B 72 7.03 43.91 -4.89
C ARG B 72 7.93 43.49 -3.71
N THR B 73 9.11 44.10 -3.61
CA THR B 73 10.08 43.82 -2.56
C THR B 73 9.98 44.79 -1.39
N LEU B 74 10.20 44.30 -0.16
CA LEU B 74 10.16 45.11 1.06
C LEU B 74 11.34 44.85 2.01
N ASP B 75 12.20 45.86 2.20
CA ASP B 75 13.34 45.72 3.10
C ASP B 75 12.97 46.23 4.50
N LEU B 76 12.74 45.30 5.44
CA LEU B 76 12.35 45.61 6.83
C LEU B 76 13.28 44.94 7.86
N PRO B 77 13.77 45.66 8.89
CA PRO B 77 14.64 45.01 9.89
C PRO B 77 13.84 44.23 10.95
N ILE B 78 13.11 43.21 10.48
CA ILE B 78 12.24 42.35 11.28
C ILE B 78 13.01 41.66 12.43
N VAL B 79 14.06 40.87 12.10
CA VAL B 79 14.88 40.13 13.08
C VAL B 79 15.49 41.08 14.13
N GLU B 80 16.00 42.23 13.68
CA GLU B 80 16.59 43.28 14.53
C GLU B 80 15.61 43.72 15.64
N ASN B 81 14.31 43.86 15.28
CA ASN B 81 13.24 44.30 16.17
C ASN B 81 12.30 43.16 16.56
N ALA B 82 12.84 41.95 16.73
CA ALA B 82 12.10 40.74 17.12
C ALA B 82 11.45 40.91 18.49
N GLU B 83 12.09 41.68 19.38
CA GLU B 83 11.60 41.97 20.72
C GLU B 83 10.31 42.80 20.73
N THR B 84 10.16 43.71 19.75
CA THR B 84 8.95 44.54 19.64
C THR B 84 7.83 43.73 18.99
N ILE B 85 8.20 42.84 18.05
CA ILE B 85 7.27 41.96 17.36
C ILE B 85 6.72 40.92 18.34
N MET B 86 7.58 40.37 19.23
CA MET B 86 7.10 39.42 20.23
C MET B 86 6.16 40.09 21.25
N GLU B 87 6.43 41.36 21.61
CA GLU B 87 5.59 42.14 22.52
C GLU B 87 4.24 42.44 21.89
N TYR B 88 4.22 42.73 20.57
CA TYR B 88 3.00 43.01 19.83
C TYR B 88 2.17 41.73 19.64
N VAL B 89 2.82 40.61 19.22
CA VAL B 89 2.14 39.33 19.02
C VAL B 89 1.48 38.85 20.33
N ASP B 90 2.23 38.90 21.46
CA ASP B 90 1.75 38.52 22.79
C ASP B 90 0.49 39.29 23.18
N LYS B 91 0.55 40.63 23.01
CA LYS B 91 -0.52 41.59 23.31
C LYS B 91 -1.79 41.28 22.47
N LEU B 92 -1.62 40.88 21.19
CA LEU B 92 -2.73 40.57 20.28
C LEU B 92 -3.40 39.22 20.58
N LEU B 93 -2.66 38.26 21.16
CA LEU B 93 -3.19 36.92 21.47
C LEU B 93 -3.63 36.74 22.92
N ARG B 94 -2.98 37.45 23.89
CA ARG B 94 -3.26 37.36 25.33
C ARG B 94 -4.68 37.83 25.69
N ILE B 95 -5.39 37.01 26.49
CA ILE B 95 -6.74 37.30 26.96
C ILE B 95 -6.64 38.00 28.33
N SER B 96 -5.84 37.44 29.25
CA SER B 96 -5.61 37.98 30.58
C SER B 96 -4.13 37.89 30.97
N PRO B 97 -3.60 38.84 31.80
CA PRO B 97 -2.18 38.77 32.20
C PRO B 97 -1.76 37.50 32.95
N ASP B 98 -2.73 36.69 33.39
CA ASP B 98 -2.49 35.46 34.15
C ASP B 98 -2.70 34.17 33.32
N ASP B 99 -3.04 34.30 32.02
CA ASP B 99 -3.25 33.14 31.15
C ASP B 99 -1.93 32.51 30.65
N ASP B 100 -2.02 31.35 30.00
CA ASP B 100 -0.87 30.57 29.51
C ASP B 100 -0.21 31.09 28.23
N THR B 101 -0.63 32.27 27.73
CA THR B 101 -0.04 32.84 26.51
C THR B 101 1.47 32.92 26.66
N SER B 102 2.20 32.42 25.65
CA SER B 102 3.65 32.41 25.66
C SER B 102 4.18 32.79 24.27
N VAL B 103 4.97 33.86 24.23
CA VAL B 103 5.61 34.34 22.99
C VAL B 103 7.09 34.50 23.32
N LYS B 104 7.92 33.63 22.73
CA LYS B 104 9.35 33.60 23.03
C LYS B 104 10.22 33.60 21.78
N LEU B 105 11.44 34.13 21.91
CA LEU B 105 12.42 34.19 20.82
C LEU B 105 13.32 32.96 20.81
N ILE B 106 13.49 32.35 19.62
CA ILE B 106 14.36 31.19 19.42
C ILE B 106 15.52 31.64 18.49
N ASN B 107 16.76 31.19 18.79
CA ASN B 107 17.97 31.47 18.03
C ASN B 107 18.20 32.98 17.81
N ASP B 108 18.18 33.75 18.92
CA ASP B 108 18.39 35.21 18.96
C ASP B 108 17.38 36.02 18.12
N GLY B 109 16.11 35.63 18.19
CA GLY B 109 15.03 36.31 17.48
C GLY B 109 14.97 36.04 15.99
N LYS B 110 15.81 35.13 15.46
CA LYS B 110 15.75 34.71 14.05
C LYS B 110 14.48 33.88 13.88
N GLN B 111 14.20 33.06 14.90
CA GLN B 111 13.01 32.21 15.00
C GLN B 111 12.16 32.69 16.18
N MET B 112 10.97 32.12 16.34
CA MET B 112 10.03 32.56 17.37
C MET B 112 9.09 31.41 17.70
N ALA B 113 8.70 31.33 18.97
CA ALA B 113 7.80 30.30 19.49
C ALA B 113 6.56 30.99 20.01
N VAL B 114 5.40 30.63 19.44
CA VAL B 114 4.12 31.23 19.84
C VAL B 114 3.18 30.16 20.38
N GLN B 115 2.63 30.39 21.58
CA GLN B 115 1.67 29.50 22.23
C GLN B 115 0.40 30.31 22.50
N LEU B 116 -0.72 29.94 21.83
CA LEU B 116 -2.01 30.62 22.00
C LEU B 116 -2.53 30.33 23.41
N PRO B 117 -3.30 31.23 24.05
CA PRO B 117 -3.89 30.88 25.36
C PRO B 117 -4.85 29.70 25.15
N SER B 118 -4.75 28.64 25.98
CA SER B 118 -5.55 27.42 25.85
C SER B 118 -7.06 27.66 25.68
N LYS B 119 -7.59 28.78 26.23
CA LYS B 119 -8.99 29.18 26.13
C LYS B 119 -9.41 29.34 24.67
N ARG B 120 -8.52 29.89 23.81
CA ARG B 120 -8.78 30.08 22.38
C ARG B 120 -9.13 28.76 21.71
N LEU B 121 -8.44 27.68 22.10
CA LEU B 121 -8.65 26.32 21.60
C LEU B 121 -9.88 25.67 22.21
N GLU B 122 -10.26 26.09 23.44
CA GLU B 122 -11.43 25.57 24.13
C GLU B 122 -12.70 25.98 23.38
N VAL B 123 -12.71 27.20 22.84
CA VAL B 123 -13.83 27.73 22.05
C VAL B 123 -13.63 27.48 20.54
N ALA B 124 -12.56 26.73 20.18
CA ALA B 124 -12.24 26.36 18.81
C ALA B 124 -12.62 24.92 18.51
N ALA B 125 -13.08 24.67 17.28
CA ALA B 125 -13.49 23.34 16.84
C ALA B 125 -12.30 22.42 16.54
N GLU B 126 -11.19 22.99 16.02
CA GLU B 126 -9.97 22.22 15.71
C GLU B 126 -8.70 23.06 15.92
N TYR B 127 -7.53 22.42 15.79
CA TYR B 127 -6.16 22.93 16.01
C TYR B 127 -5.61 24.01 15.06
N SER B 128 -6.10 24.12 13.81
CA SER B 128 -5.52 25.07 12.84
C SER B 128 -5.62 26.57 13.27
N ILE B 129 -6.45 26.86 14.29
CA ILE B 129 -6.63 28.17 14.93
C ILE B 129 -5.27 28.79 15.32
N SER B 130 -4.36 27.95 15.82
CA SER B 130 -3.05 28.36 16.28
C SER B 130 -2.19 28.93 15.16
N MET B 131 -2.21 28.29 13.98
CA MET B 131 -1.49 28.77 12.81
C MET B 131 -2.09 30.07 12.31
N LEU B 132 -3.42 30.09 12.16
CA LEU B 132 -4.20 31.23 11.68
C LEU B 132 -4.14 32.47 12.57
N ASN B 133 -4.24 32.32 13.91
CA ASN B 133 -4.18 33.47 14.83
C ASN B 133 -2.76 34.02 14.95
N THR B 134 -1.74 33.13 14.82
CA THR B 134 -0.34 33.54 14.84
C THR B 134 -0.02 34.29 13.55
N ALA B 135 -0.49 33.76 12.39
CA ALA B 135 -0.33 34.36 11.07
C ALA B 135 -0.85 35.79 11.08
N MET B 136 -2.07 35.99 11.61
CA MET B 136 -2.69 37.31 11.68
C MET B 136 -1.93 38.23 12.63
N ALA B 137 -1.61 37.75 13.86
CA ALA B 137 -0.87 38.52 14.87
C ALA B 137 0.48 38.98 14.31
N LEU B 138 1.17 38.12 13.55
CA LEU B 138 2.44 38.47 12.91
C LEU B 138 2.28 39.59 11.88
N LYS B 139 1.24 39.49 11.02
CA LYS B 139 0.92 40.47 9.97
C LYS B 139 0.70 41.85 10.57
N GLU B 140 -0.26 41.95 11.53
CA GLU B 140 -0.64 43.16 12.28
C GLU B 140 0.57 43.78 12.96
N ALA B 141 1.44 42.94 13.57
CA ALA B 141 2.67 43.36 14.25
C ALA B 141 3.64 43.99 13.26
N ILE B 142 4.02 43.24 12.20
CA ILE B 142 4.96 43.71 11.17
C ILE B 142 4.46 44.98 10.46
N ILE B 143 3.19 44.99 10.00
CA ILE B 143 2.62 46.13 9.26
C ILE B 143 2.58 47.40 10.12
N LYS B 144 2.10 47.30 11.39
CA LYS B 144 2.04 48.47 12.28
C LYS B 144 3.43 48.99 12.67
N THR B 145 4.33 48.10 13.13
CA THR B 145 5.70 48.43 13.55
C THR B 145 6.47 49.24 12.52
N PHE B 146 6.47 48.79 11.26
CA PHE B 146 7.23 49.45 10.19
C PHE B 146 6.39 50.35 9.28
N ASP B 147 5.09 50.57 9.63
CA ASP B 147 4.14 51.40 8.86
C ASP B 147 4.18 50.98 7.37
N VAL B 148 3.91 49.68 7.13
CA VAL B 148 3.89 49.08 5.80
C VAL B 148 2.70 49.67 5.05
N ASP B 149 2.96 50.14 3.82
CA ASP B 149 1.92 50.70 2.97
C ASP B 149 0.84 49.65 2.68
N MET B 150 -0.39 50.12 2.58
CA MET B 150 -1.60 49.35 2.28
C MET B 150 -1.46 48.49 1.01
N PHE B 151 -0.77 49.01 -0.02
CA PHE B 151 -0.52 48.32 -1.30
C PHE B 151 0.65 47.31 -1.22
N ASP B 152 1.48 47.41 -0.18
CA ASP B 152 2.61 46.51 0.04
C ASP B 152 2.22 45.39 1.01
N ALA B 153 1.19 45.66 1.84
CA ALA B 153 0.65 44.75 2.84
C ALA B 153 0.30 43.35 2.32
N PRO B 154 -0.25 43.14 1.08
CA PRO B 154 -0.50 41.76 0.63
C PRO B 154 0.74 40.87 0.57
N MET B 155 1.92 41.45 0.34
CA MET B 155 3.17 40.71 0.28
C MET B 155 3.57 40.15 1.64
N VAL B 156 3.15 40.83 2.73
CA VAL B 156 3.42 40.40 4.10
C VAL B 156 2.65 39.09 4.38
N HIS B 157 1.40 38.97 3.89
CA HIS B 157 0.58 37.78 4.05
C HIS B 157 1.21 36.59 3.32
N ALA B 158 1.74 36.84 2.11
CA ALA B 158 2.38 35.84 1.26
C ALA B 158 3.70 35.38 1.88
N ALA B 159 4.38 36.26 2.62
CA ALA B 159 5.63 35.92 3.30
C ALA B 159 5.38 35.02 4.50
N ILE B 160 4.21 35.17 5.15
CA ILE B 160 3.85 34.39 6.33
C ILE B 160 3.07 33.11 5.97
N LEU B 161 1.90 33.23 5.32
CA LEU B 161 1.04 32.06 4.98
C LEU B 161 1.26 31.42 3.62
N GLY B 162 2.18 31.94 2.81
CA GLY B 162 2.46 31.38 1.50
C GLY B 162 1.38 31.70 0.47
N ARG B 163 0.92 30.67 -0.26
CA ARG B 163 -0.08 30.76 -1.32
C ARG B 163 -1.55 30.59 -0.84
N TYR B 164 -1.80 30.50 0.49
CA TYR B 164 -3.19 30.37 1.02
C TYR B 164 -3.94 31.70 0.68
N PRO B 165 -5.25 31.70 0.31
CA PRO B 165 -6.22 30.59 0.29
C PRO B 165 -6.37 29.81 -1.02
N GLN B 166 -5.68 30.22 -2.11
CA GLN B 166 -5.72 29.52 -3.40
C GLN B 166 -5.40 28.04 -3.20
N VAL B 167 -4.37 27.75 -2.41
CA VAL B 167 -4.01 26.39 -2.03
C VAL B 167 -4.69 26.14 -0.66
N PRO B 168 -5.45 25.04 -0.50
CA PRO B 168 -6.09 24.78 0.81
C PRO B 168 -5.09 24.50 1.95
N ASP B 169 -3.84 24.12 1.63
CA ASP B 169 -2.76 23.84 2.58
C ASP B 169 -1.82 25.05 2.79
N TYR B 170 -0.79 24.93 3.68
CA TYR B 170 0.17 26.00 3.98
C TYR B 170 1.40 25.90 3.06
N MET B 171 1.20 26.03 1.74
CA MET B 171 2.26 25.97 0.74
C MET B 171 3.07 27.27 0.74
N GLY B 172 4.36 27.14 1.01
CA GLY B 172 5.30 28.26 1.08
C GLY B 172 5.18 29.11 2.32
N ALA B 173 4.56 28.56 3.37
CA ALA B 173 4.36 29.27 4.64
C ALA B 173 5.65 29.30 5.45
N ASN B 174 5.90 30.41 6.17
CA ASN B 174 7.08 30.52 7.03
C ASN B 174 6.75 30.30 8.50
N ILE B 175 5.59 29.70 8.76
CA ILE B 175 5.12 29.34 10.09
C ILE B 175 4.72 27.86 10.08
N ALA B 176 5.11 27.11 11.12
CA ALA B 176 4.83 25.68 11.15
C ALA B 176 4.28 25.20 12.48
N SER B 177 3.59 24.04 12.46
CA SER B 177 3.02 23.35 13.61
C SER B 177 3.39 21.89 13.50
N LEU B 178 3.48 21.17 14.64
CA LEU B 178 3.77 19.74 14.62
C LEU B 178 2.65 18.99 13.88
N LEU B 179 1.44 19.58 13.85
CA LEU B 179 0.25 19.04 13.18
C LEU B 179 0.04 19.67 11.81
N GLY B 180 -0.06 18.81 10.80
CA GLY B 180 -0.40 19.21 9.44
C GLY B 180 -1.88 19.51 9.35
N ALA B 181 -2.26 20.36 8.37
CA ALA B 181 -3.63 20.82 8.13
C ALA B 181 -4.66 19.68 8.04
N PRO B 182 -5.92 19.90 8.49
CA PRO B 182 -6.92 18.82 8.46
C PRO B 182 -7.29 18.30 7.07
N THR B 183 -7.06 19.12 6.02
CA THR B 183 -7.33 18.76 4.63
C THR B 183 -6.49 17.52 4.23
N ASN B 184 -5.25 17.44 4.73
CA ASN B 184 -4.30 16.36 4.42
C ASN B 184 -4.43 15.10 5.27
N LEU B 185 -5.52 14.95 6.04
CA LEU B 185 -5.73 13.75 6.87
C LEU B 185 -6.12 12.55 6.00
N GLU B 186 -5.52 11.37 6.28
CA GLU B 186 -5.79 10.12 5.56
C GLU B 186 -7.19 9.63 5.94
N GLY B 187 -7.43 9.53 7.25
CA GLY B 187 -8.71 9.19 7.85
C GLY B 187 -9.08 10.19 8.92
N LEU B 188 -10.31 10.11 9.41
CA LEU B 188 -10.80 10.98 10.48
C LEU B 188 -10.14 10.56 11.79
N GLY B 189 -9.75 11.55 12.60
CA GLY B 189 -9.08 11.32 13.87
C GLY B 189 -7.57 11.17 13.76
N TYR B 190 -7.05 11.14 12.53
CA TYR B 190 -5.62 10.98 12.26
C TYR B 190 -4.77 12.22 12.56
N ALA B 191 -5.39 13.34 12.98
CA ALA B 191 -4.72 14.62 13.24
C ALA B 191 -3.43 14.52 14.05
N LEU B 192 -3.46 13.79 15.20
CA LEU B 192 -2.28 13.60 16.05
C LEU B 192 -1.21 12.70 15.42
N ARG B 193 -1.57 11.95 14.35
CA ARG B 193 -0.65 11.06 13.63
C ARG B 193 0.19 11.80 12.57
N ASN B 194 -0.24 13.01 12.17
CA ASN B 194 0.43 13.85 11.17
C ASN B 194 1.68 14.56 11.72
N ILE B 195 2.58 13.79 12.36
CA ILE B 195 3.85 14.27 12.92
C ILE B 195 4.95 13.43 12.30
N MET B 196 5.89 14.09 11.59
CA MET B 196 7.04 13.47 10.93
C MET B 196 7.95 12.75 11.94
N VAL B 197 8.55 11.60 11.55
CA VAL B 197 9.42 10.81 12.45
C VAL B 197 10.57 11.67 12.99
N ASN B 198 11.19 12.49 12.12
CA ASN B 198 12.28 13.41 12.46
C ASN B 198 11.90 14.45 13.49
N HIS B 199 10.63 14.91 13.47
CA HIS B 199 10.09 15.89 14.44
C HIS B 199 10.14 15.30 15.84
N TYR B 200 9.75 14.02 15.98
CA TYR B 200 9.82 13.29 17.25
C TYR B 200 11.29 13.15 17.68
N VAL B 201 12.20 12.94 16.71
CA VAL B 201 13.63 12.73 16.92
C VAL B 201 14.39 14.03 17.25
N ALA B 202 13.97 15.15 16.65
CA ALA B 202 14.59 16.46 16.90
C ALA B 202 14.14 16.98 18.25
N THR B 203 12.83 16.84 18.57
CA THR B 203 12.25 17.28 19.84
C THR B 203 12.89 16.56 21.01
N THR B 204 13.07 15.23 20.91
CA THR B 204 13.69 14.42 21.95
C THR B 204 15.19 14.65 22.11
N LYS B 205 15.85 15.30 21.11
CA LYS B 205 17.29 15.53 21.05
C LYS B 205 18.02 14.19 20.78
N LYS B 206 17.36 13.31 19.99
CA LYS B 206 17.84 11.97 19.58
C LYS B 206 17.93 10.94 20.74
N ASN B 207 17.20 11.16 21.86
CA ASN B 207 17.19 10.18 22.95
C ASN B 207 16.17 9.10 22.61
N ILE B 208 16.61 7.83 22.55
CA ILE B 208 15.79 6.67 22.17
C ILE B 208 14.51 6.52 22.99
N MET B 209 14.64 6.30 24.31
CA MET B 209 13.49 6.09 25.21
C MET B 209 12.50 7.25 25.13
N ASN B 210 12.99 8.49 25.11
CA ASN B 210 12.13 9.66 25.02
C ASN B 210 11.49 9.81 23.63
N ALA B 211 12.16 9.32 22.55
CA ALA B 211 11.61 9.35 21.19
C ALA B 211 10.49 8.32 21.08
N VAL B 212 10.74 7.09 21.58
CA VAL B 212 9.77 6.00 21.57
C VAL B 212 8.54 6.44 22.38
N ALA B 213 8.77 6.99 23.61
CA ALA B 213 7.71 7.50 24.49
C ALA B 213 6.83 8.53 23.80
N PHE B 214 7.42 9.63 23.27
CA PHE B 214 6.69 10.69 22.55
C PHE B 214 5.86 10.16 21.38
N ALA B 215 6.48 9.36 20.48
CA ALA B 215 5.79 8.78 19.32
C ALA B 215 4.65 7.85 19.75
N SER B 216 4.91 6.98 20.74
CA SER B 216 3.93 6.05 21.32
C SER B 216 2.80 6.77 21.99
N ILE B 217 3.11 7.87 22.71
CA ILE B 217 2.10 8.68 23.40
C ILE B 217 1.14 9.27 22.37
N MET B 218 1.65 9.96 21.34
CA MET B 218 0.80 10.59 20.33
C MET B 218 0.04 9.56 19.50
N GLU B 219 0.73 8.48 19.10
CA GLU B 219 0.15 7.39 18.32
C GLU B 219 -0.96 6.68 19.08
N GLN B 220 -0.73 6.32 20.36
CA GLN B 220 -1.75 5.65 21.17
C GLN B 220 -2.88 6.60 21.59
N THR B 221 -2.57 7.90 21.82
CA THR B 221 -3.59 8.91 22.12
C THR B 221 -4.49 9.09 20.88
N ALA B 222 -3.88 9.03 19.67
CA ALA B 222 -4.60 9.16 18.41
C ALA B 222 -5.53 7.98 18.20
N MET B 223 -5.18 6.79 18.75
CA MET B 223 -6.02 5.60 18.66
C MET B 223 -7.33 5.82 19.39
N PHE B 224 -7.29 6.57 20.50
CA PHE B 224 -8.46 6.94 21.30
C PHE B 224 -9.37 7.93 20.53
N GLU B 225 -8.76 8.82 19.73
CA GLU B 225 -9.48 9.81 18.92
C GLU B 225 -10.19 9.11 17.77
N MET B 226 -9.51 8.15 17.14
CA MET B 226 -10.01 7.33 16.03
C MET B 226 -11.14 6.37 16.44
N GLY B 227 -11.26 6.10 17.74
CA GLY B 227 -12.24 5.17 18.28
C GLY B 227 -11.73 3.74 18.15
N ASP B 228 -10.40 3.59 18.09
CA ASP B 228 -9.74 2.29 17.97
C ASP B 228 -9.46 1.68 19.33
N ALA B 229 -9.49 2.49 20.41
CA ALA B 229 -9.27 2.07 21.80
C ALA B 229 -10.56 2.20 22.63
N ILE B 230 -11.63 1.54 22.14
CA ILE B 230 -12.95 1.52 22.76
C ILE B 230 -13.32 0.07 23.08
N GLY B 231 -13.90 -0.15 24.26
CA GLY B 231 -14.34 -1.45 24.72
C GLY B 231 -13.22 -2.45 24.93
N SER B 232 -13.28 -3.57 24.20
CA SER B 232 -12.31 -4.68 24.26
C SER B 232 -10.89 -4.25 23.88
N PHE B 233 -10.77 -3.20 23.05
CA PHE B 233 -9.50 -2.72 22.53
C PHE B 233 -8.79 -1.70 23.43
N GLU B 234 -9.49 -1.05 24.38
CA GLU B 234 -8.86 -0.06 25.27
C GLU B 234 -7.67 -0.66 26.01
N ARG B 235 -7.85 -1.86 26.61
CA ARG B 235 -6.81 -2.57 27.34
C ARG B 235 -5.61 -2.92 26.45
N LEU B 236 -5.87 -3.34 25.19
CA LEU B 236 -4.86 -3.65 24.16
C LEU B 236 -3.95 -2.45 23.89
N HIS B 237 -4.55 -1.26 23.77
CA HIS B 237 -3.82 -0.02 23.51
C HIS B 237 -3.14 0.56 24.76
N LEU B 238 -3.77 0.42 25.94
CA LEU B 238 -3.20 0.88 27.22
C LEU B 238 -1.93 0.09 27.55
N LEU B 239 -1.96 -1.24 27.37
CA LEU B 239 -0.79 -2.08 27.64
C LEU B 239 0.31 -1.86 26.59
N GLY B 240 -0.11 -1.56 25.36
CA GLY B 240 0.78 -1.24 24.25
C GLY B 240 1.54 0.04 24.52
N LEU B 241 0.85 1.06 25.05
CA LEU B 241 1.47 2.33 25.42
C LEU B 241 2.41 2.14 26.60
N ALA B 242 2.01 1.32 27.60
CA ALA B 242 2.80 1.05 28.79
C ALA B 242 4.11 0.29 28.49
N TYR B 243 4.02 -0.84 27.77
CA TYR B 243 5.17 -1.71 27.53
C TYR B 243 6.04 -1.27 26.38
N GLN B 244 5.45 -0.88 25.24
CA GLN B 244 6.21 -0.47 24.08
C GLN B 244 6.84 0.91 24.24
N GLY B 245 6.03 1.91 24.61
CA GLY B 245 6.51 3.28 24.73
C GLY B 245 6.96 3.79 26.07
N LEU B 246 6.41 3.24 27.16
CA LEU B 246 6.72 3.76 28.50
C LEU B 246 7.63 2.84 29.37
N ASN B 247 8.27 1.83 28.73
CA ASN B 247 9.22 0.89 29.36
C ASN B 247 8.69 0.29 30.69
N ALA B 248 7.45 -0.26 30.65
CA ALA B 248 6.85 -0.88 31.84
C ALA B 248 7.61 -2.16 32.19
N ASP B 249 7.76 -2.43 33.50
CA ASP B 249 8.47 -3.60 34.03
C ASP B 249 9.94 -3.71 33.53
N ASN B 250 10.48 -2.58 33.00
CA ASN B 250 11.83 -2.47 32.42
C ASN B 250 12.05 -3.42 31.24
N LEU B 251 10.95 -3.92 30.64
CA LEU B 251 10.97 -4.87 29.53
C LEU B 251 11.84 -4.44 28.36
N VAL B 252 11.60 -3.23 27.82
CA VAL B 252 12.37 -2.70 26.69
C VAL B 252 13.87 -2.71 26.99
N ILE B 253 14.29 -2.08 28.11
CA ILE B 253 15.70 -1.98 28.50
C ILE B 253 16.31 -3.36 28.81
N ASP B 254 15.61 -4.22 29.60
CA ASP B 254 16.10 -5.57 29.93
C ASP B 254 16.46 -6.39 28.70
N LEU B 255 15.64 -6.27 27.63
CA LEU B 255 15.86 -6.97 26.36
C LEU B 255 17.04 -6.37 25.61
N VAL B 256 17.22 -5.03 25.68
CA VAL B 256 18.35 -4.34 25.03
C VAL B 256 19.65 -4.67 25.77
N LYS B 257 19.60 -4.71 27.11
CA LYS B 257 20.73 -5.05 27.97
C LYS B 257 21.21 -6.49 27.71
N ALA B 258 20.27 -7.43 27.53
CA ALA B 258 20.59 -8.84 27.29
C ALA B 258 21.07 -9.15 25.87
N ASN B 259 20.71 -8.31 24.87
CA ASN B 259 21.07 -8.54 23.47
C ASN B 259 21.91 -7.42 22.83
N GLY B 260 22.42 -6.50 23.64
CA GLY B 260 23.20 -5.36 23.17
C GLY B 260 24.56 -5.71 22.59
N LYS B 261 25.30 -6.55 23.30
CA LYS B 261 26.65 -7.00 22.98
C LYS B 261 26.73 -7.95 21.76
N ASN B 262 26.11 -9.13 21.83
CA ASN B 262 26.17 -10.14 20.77
C ASN B 262 24.80 -10.66 20.29
N GLY B 263 23.78 -9.83 20.41
CA GLY B 263 22.42 -10.20 20.04
C GLY B 263 21.98 -9.80 18.66
N THR B 264 21.11 -10.63 18.07
CA THR B 264 20.48 -10.42 16.76
C THR B 264 18.96 -10.30 16.97
N VAL B 265 18.19 -10.00 15.90
CA VAL B 265 16.73 -9.91 15.97
C VAL B 265 16.16 -11.24 16.51
N GLY B 266 16.72 -12.35 16.02
CA GLY B 266 16.34 -13.70 16.44
C GLY B 266 16.51 -13.95 17.92
N THR B 267 17.62 -13.49 18.50
CA THR B 267 17.89 -13.64 19.93
C THR B 267 16.93 -12.80 20.78
N VAL B 268 16.56 -11.61 20.26
CA VAL B 268 15.60 -10.70 20.90
C VAL B 268 14.25 -11.41 20.97
N VAL B 269 13.88 -12.14 19.89
CA VAL B 269 12.64 -12.92 19.79
C VAL B 269 12.64 -14.03 20.84
N ALA B 270 13.75 -14.79 20.95
CA ALA B 270 13.90 -15.87 21.92
C ALA B 270 13.81 -15.34 23.34
N SER B 271 14.37 -14.14 23.57
CA SER B 271 14.38 -13.47 24.87
C SER B 271 12.97 -13.06 25.33
N ILE B 272 12.19 -12.41 24.44
CA ILE B 272 10.83 -11.98 24.78
C ILE B 272 9.89 -13.18 24.97
N VAL B 273 10.07 -14.27 24.18
CA VAL B 273 9.24 -15.49 24.30
C VAL B 273 9.47 -16.13 25.67
N GLU B 274 10.75 -16.32 26.06
CA GLU B 274 11.16 -16.87 27.36
C GLU B 274 10.61 -16.03 28.50
N ARG B 275 10.73 -14.69 28.39
CA ARG B 275 10.22 -13.73 29.37
C ARG B 275 8.71 -13.85 29.50
N ALA B 276 7.98 -13.82 28.36
CA ALA B 276 6.52 -13.94 28.32
C ALA B 276 6.02 -15.25 28.94
N LEU B 277 6.67 -16.38 28.58
CA LEU B 277 6.37 -17.71 29.09
C LEU B 277 6.62 -17.81 30.61
N GLU B 278 7.70 -17.16 31.09
CA GLU B 278 8.14 -17.06 32.49
C GLU B 278 7.09 -16.32 33.35
N ASP B 279 6.56 -15.19 32.85
CA ASP B 279 5.54 -14.40 33.56
C ASP B 279 4.11 -14.95 33.38
N GLY B 280 3.98 -16.06 32.68
CA GLY B 280 2.69 -16.72 32.45
C GLY B 280 1.71 -15.97 31.56
N VAL B 281 2.22 -15.09 30.66
CA VAL B 281 1.34 -14.35 29.74
C VAL B 281 0.96 -15.24 28.54
N ILE B 282 1.81 -16.25 28.25
CA ILE B 282 1.62 -17.27 27.22
C ILE B 282 1.91 -18.64 27.84
N THR B 283 1.15 -19.65 27.43
CA THR B 283 1.34 -21.03 27.87
C THR B 283 1.34 -21.92 26.65
N GLU B 284 1.88 -23.14 26.77
CA GLU B 284 1.89 -24.07 25.64
C GLU B 284 0.50 -24.64 25.38
N ASP B 285 0.04 -24.54 24.11
CA ASP B 285 -1.26 -25.06 23.70
C ASP B 285 -1.12 -26.52 23.34
N LYS B 286 -0.43 -26.81 22.23
CA LYS B 286 -0.25 -28.17 21.72
C LYS B 286 1.17 -28.42 21.21
N LYS B 287 1.67 -29.64 21.40
CA LYS B 287 3.00 -30.03 20.91
C LYS B 287 2.79 -30.75 19.59
N MET B 288 3.42 -30.22 18.54
CA MET B 288 3.34 -30.69 17.16
C MET B 288 4.21 -31.93 16.91
N PRO B 289 3.99 -32.68 15.79
CA PRO B 289 4.78 -33.90 15.55
C PRO B 289 6.31 -33.78 15.66
N SER B 290 6.89 -32.69 15.15
CA SER B 290 8.34 -32.44 15.18
C SER B 290 8.87 -32.13 16.57
N GLY B 291 7.97 -31.90 17.52
CA GLY B 291 8.32 -31.54 18.88
C GLY B 291 8.16 -30.05 19.10
N PHE B 292 7.75 -29.33 18.03
CA PHE B 292 7.51 -27.90 18.06
C PHE B 292 6.31 -27.63 18.94
N VAL B 293 6.51 -26.78 19.93
CA VAL B 293 5.50 -26.38 20.89
C VAL B 293 4.75 -25.17 20.33
N LEU B 294 3.45 -25.34 20.04
CA LEU B 294 2.59 -24.26 19.60
C LEU B 294 2.04 -23.62 20.88
N TYR B 295 2.28 -22.31 21.05
CA TYR B 295 1.87 -21.57 22.23
C TYR B 295 0.56 -20.81 22.00
N LYS B 296 -0.21 -20.62 23.07
CA LYS B 296 -1.47 -19.87 23.08
C LYS B 296 -1.34 -18.71 24.10
N PRO B 297 -2.00 -17.55 23.89
CA PRO B 297 -1.91 -16.49 24.90
C PRO B 297 -2.86 -16.75 26.07
N VAL B 298 -2.35 -16.52 27.29
CA VAL B 298 -3.12 -16.59 28.52
C VAL B 298 -3.83 -15.23 28.60
N ASP B 299 -3.12 -14.17 28.17
CA ASP B 299 -3.57 -12.77 28.15
C ASP B 299 -3.24 -12.18 26.77
N VAL B 300 -4.25 -12.14 25.89
CA VAL B 300 -4.16 -11.66 24.51
C VAL B 300 -3.54 -10.25 24.43
N ALA B 301 -4.16 -9.25 25.09
CA ALA B 301 -3.69 -7.85 25.11
C ALA B 301 -2.28 -7.71 25.70
N LYS B 302 -1.93 -8.55 26.70
CA LYS B 302 -0.63 -8.50 27.35
C LYS B 302 0.46 -9.13 26.48
N TRP B 303 0.16 -10.25 25.79
CA TRP B 303 1.14 -10.87 24.89
C TRP B 303 1.52 -9.92 23.76
N ASN B 304 0.53 -9.21 23.19
CA ASN B 304 0.74 -8.21 22.15
C ASN B 304 1.66 -7.11 22.66
N ALA B 305 1.45 -6.65 23.92
CA ALA B 305 2.26 -5.62 24.55
C ALA B 305 3.69 -6.10 24.81
N TYR B 306 3.84 -7.39 25.20
CA TYR B 306 5.15 -7.99 25.42
C TYR B 306 5.89 -8.03 24.09
N ALA B 307 5.21 -8.49 23.03
CA ALA B 307 5.73 -8.54 21.66
C ALA B 307 6.11 -7.13 21.15
N ALA B 308 5.24 -6.11 21.39
CA ALA B 308 5.46 -4.72 20.99
C ALA B 308 6.70 -4.11 21.64
N ALA B 309 6.96 -4.45 22.91
CA ALA B 309 8.13 -3.98 23.66
C ALA B 309 9.41 -4.60 23.10
N GLY B 310 9.32 -5.87 22.69
CA GLY B 310 10.43 -6.60 22.08
C GLY B 310 10.79 -6.05 20.72
N LEU B 311 9.77 -5.54 19.99
CA LEU B 311 9.89 -4.93 18.67
C LEU B 311 10.79 -3.69 18.75
N VAL B 312 10.59 -2.85 19.80
CA VAL B 312 11.38 -1.65 20.04
C VAL B 312 12.81 -2.07 20.38
N ALA B 313 12.95 -3.10 21.24
CA ALA B 313 14.25 -3.66 21.59
C ALA B 313 14.97 -4.20 20.35
N ALA B 314 14.23 -4.86 19.44
CA ALA B 314 14.77 -5.42 18.20
C ALA B 314 15.35 -4.35 17.30
N VAL B 315 14.71 -3.16 17.22
CA VAL B 315 15.24 -2.07 16.40
C VAL B 315 16.44 -1.42 17.08
N ILE B 316 16.41 -1.27 18.43
CA ILE B 316 17.54 -0.69 19.18
C ILE B 316 18.78 -1.57 18.96
N VAL B 317 18.62 -2.90 19.05
CA VAL B 317 19.70 -3.85 18.87
C VAL B 317 20.18 -3.94 17.39
N ASN B 318 19.27 -4.02 16.42
CA ASN B 318 19.65 -4.14 15.00
C ASN B 318 20.12 -2.83 14.39
N CYS B 319 19.30 -1.77 14.46
CA CYS B 319 19.66 -0.45 13.91
C CYS B 319 20.85 0.16 14.66
N GLY B 320 20.98 -0.19 15.94
CA GLY B 320 22.06 0.28 16.80
C GLY B 320 23.37 -0.44 16.59
N ALA B 321 23.32 -1.67 16.05
CA ALA B 321 24.53 -2.44 15.74
C ALA B 321 25.16 -1.87 14.48
N ALA B 322 24.34 -1.50 13.48
CA ALA B 322 24.80 -0.91 12.23
C ALA B 322 24.91 0.62 12.26
N ARG B 323 24.35 1.28 13.31
CA ARG B 323 24.29 2.74 13.46
C ARG B 323 23.68 3.41 12.20
N ALA B 324 22.63 2.77 11.65
CA ALA B 324 21.88 3.21 10.48
C ALA B 324 20.38 3.04 10.71
N ALA B 325 19.58 3.99 10.20
CA ALA B 325 18.13 3.97 10.36
C ALA B 325 17.39 3.24 9.22
N GLN B 326 18.10 2.84 8.16
CA GLN B 326 17.48 2.12 7.03
C GLN B 326 17.01 0.70 7.39
N ASN B 327 17.69 0.05 8.36
CA ASN B 327 17.39 -1.31 8.83
C ASN B 327 16.00 -1.47 9.46
N VAL B 328 15.42 -0.37 9.97
CA VAL B 328 14.14 -0.33 10.68
C VAL B 328 13.00 -1.04 9.95
N ALA B 329 12.82 -0.77 8.64
CA ALA B 329 11.77 -1.36 7.83
C ALA B 329 11.88 -2.89 7.80
N SER B 330 13.12 -3.39 7.71
CA SER B 330 13.44 -4.80 7.69
C SER B 330 13.34 -5.42 9.08
N THR B 331 13.79 -4.69 10.11
CA THR B 331 13.75 -5.14 11.51
C THR B 331 12.30 -5.30 11.97
N ILE B 332 11.44 -4.31 11.68
CA ILE B 332 10.02 -4.36 12.06
C ILE B 332 9.32 -5.53 11.34
N LEU B 333 9.70 -5.80 10.07
CA LEU B 333 9.13 -6.89 9.27
C LEU B 333 9.48 -8.25 9.85
N TYR B 334 10.78 -8.55 9.96
CA TYR B 334 11.22 -9.88 10.35
C TYR B 334 11.20 -10.14 11.85
N TYR B 335 10.97 -9.11 12.70
CA TYR B 335 10.78 -9.38 14.13
C TYR B 335 9.44 -10.11 14.28
N ASN B 336 8.43 -9.62 13.55
CA ASN B 336 7.08 -10.19 13.57
C ASN B 336 6.99 -11.49 12.80
N ASP B 337 7.68 -11.55 11.65
CA ASP B 337 7.74 -12.75 10.84
C ASP B 337 8.38 -13.91 11.62
N ILE B 338 9.48 -13.62 12.34
CA ILE B 338 10.17 -14.65 13.12
C ILE B 338 9.34 -15.07 14.34
N ILE B 339 8.88 -14.10 15.15
CA ILE B 339 8.10 -14.36 16.36
C ILE B 339 6.91 -15.32 16.10
N GLU B 340 6.27 -15.22 14.91
CA GLU B 340 5.14 -16.06 14.50
C GLU B 340 5.57 -17.49 14.18
N TYR B 341 6.63 -17.67 13.37
CA TYR B 341 7.10 -19.01 13.00
C TYR B 341 8.06 -19.59 14.05
N GLU B 342 8.22 -18.89 15.18
CA GLU B 342 9.03 -19.33 16.30
C GLU B 342 8.11 -19.96 17.36
N THR B 343 6.90 -19.37 17.57
CA THR B 343 5.94 -19.82 18.58
C THR B 343 4.59 -20.30 18.10
N GLY B 344 4.11 -19.71 16.99
CA GLY B 344 2.78 -20.01 16.44
C GLY B 344 1.71 -19.05 16.94
N LEU B 345 2.14 -17.97 17.62
CA LEU B 345 1.32 -16.89 18.20
C LEU B 345 1.20 -15.75 17.19
N PRO B 346 0.20 -14.85 17.30
CA PRO B 346 0.13 -13.71 16.37
C PRO B 346 1.18 -12.65 16.73
N GLY B 347 1.77 -12.03 15.71
CA GLY B 347 2.77 -10.97 15.87
C GLY B 347 2.17 -9.68 16.41
N VAL B 348 2.98 -8.60 16.49
CA VAL B 348 2.53 -7.29 16.95
C VAL B 348 1.41 -6.79 16.05
N ASP B 349 0.31 -6.34 16.67
CA ASP B 349 -0.88 -5.80 16.04
C ASP B 349 -1.54 -6.79 15.05
N PHE B 350 -1.35 -8.10 15.30
CA PHE B 350 -1.93 -9.21 14.55
C PHE B 350 -1.62 -9.13 13.03
N GLY B 351 -0.37 -8.86 12.70
CA GLY B 351 0.09 -8.80 11.31
C GLY B 351 0.11 -7.41 10.71
N ARG B 352 -0.58 -6.46 11.38
CA ARG B 352 -0.66 -5.07 10.94
C ARG B 352 0.69 -4.36 11.00
N ALA B 353 1.50 -4.61 12.05
CA ALA B 353 2.84 -4.02 12.18
C ALA B 353 3.79 -4.64 11.16
N GLU B 354 3.63 -5.95 10.87
CA GLU B 354 4.42 -6.65 9.85
C GLU B 354 4.10 -6.08 8.46
N GLY B 355 2.80 -5.96 8.16
CA GLY B 355 2.28 -5.40 6.91
C GLY B 355 2.73 -3.99 6.65
N THR B 356 2.68 -3.14 7.71
CA THR B 356 3.14 -1.74 7.65
C THR B 356 4.60 -1.72 7.22
N ALA B 357 5.43 -2.57 7.85
CA ALA B 357 6.85 -2.73 7.56
C ALA B 357 7.10 -3.21 6.14
N VAL B 358 6.21 -4.06 5.59
CA VAL B 358 6.33 -4.57 4.21
C VAL B 358 6.35 -3.39 3.24
N GLY B 359 5.35 -2.51 3.34
CA GLY B 359 5.22 -1.31 2.52
C GLY B 359 6.30 -0.29 2.81
N PHE B 360 6.70 -0.18 4.10
CA PHE B 360 7.76 0.71 4.56
C PHE B 360 9.10 0.31 3.93
N SER B 361 9.41 -1.01 3.87
CA SER B 361 10.62 -1.55 3.22
C SER B 361 10.63 -1.17 1.74
N PHE B 362 9.46 -1.34 1.11
CA PHE B 362 9.22 -1.07 -0.30
C PHE B 362 9.42 0.39 -0.64
N PHE B 363 8.67 1.30 -0.01
CA PHE B 363 8.77 2.72 -0.29
C PHE B 363 10.10 3.35 0.19
N SER B 364 10.80 2.76 1.14
CA SER B 364 12.13 3.29 1.52
C SER B 364 13.25 2.70 0.62
N HIS B 365 12.86 1.92 -0.43
CA HIS B 365 13.79 1.28 -1.38
C HIS B 365 13.28 1.24 -2.85
N SER B 366 12.14 1.93 -3.19
CA SER B 366 11.56 1.90 -4.56
C SER B 366 11.38 3.29 -5.26
N ILE B 367 10.89 3.25 -6.52
CA ILE B 367 10.67 4.38 -7.43
C ILE B 367 9.27 5.02 -7.32
N TYR B 368 8.31 4.30 -6.70
CA TYR B 368 6.91 4.73 -6.62
C TYR B 368 6.61 5.84 -5.59
N GLY B 369 7.42 5.95 -4.54
CA GLY B 369 7.19 6.96 -3.51
C GLY B 369 7.97 6.72 -2.23
N GLY B 370 7.49 7.36 -1.16
CA GLY B 370 8.09 7.29 0.16
C GLY B 370 9.39 8.06 0.26
N GLY B 371 10.38 7.46 0.90
CA GLY B 371 11.69 8.08 1.09
C GLY B 371 12.40 7.52 2.30
N GLY B 372 13.30 8.31 2.87
CA GLY B 372 14.05 7.94 4.08
C GLY B 372 13.11 7.65 5.24
N PRO B 373 13.49 6.75 6.17
CA PRO B 373 12.57 6.40 7.29
C PRO B 373 11.99 7.58 8.09
N GLY B 374 12.74 8.68 8.17
CA GLY B 374 12.35 9.88 8.90
C GLY B 374 11.21 10.71 8.36
N ILE B 375 10.97 10.72 7.04
CA ILE B 375 9.87 11.53 6.45
C ILE B 375 8.46 10.97 6.73
N PHE B 376 8.37 9.68 7.11
CA PHE B 376 7.10 8.99 7.36
C PHE B 376 6.38 9.48 8.63
N ASN B 377 5.12 9.05 8.82
CA ASN B 377 4.25 9.42 9.93
C ASN B 377 3.04 8.50 9.97
N GLY B 378 2.31 8.51 11.09
CA GLY B 378 1.09 7.73 11.24
C GLY B 378 -0.04 8.16 10.32
N ASN B 379 0.09 9.33 9.69
CA ASN B 379 -0.91 9.87 8.76
C ASN B 379 -0.46 9.64 7.31
N HIS B 380 0.63 8.89 7.11
CA HIS B 380 1.11 8.61 5.77
C HIS B 380 0.48 7.32 5.28
N ILE B 381 0.01 7.29 4.03
CA ILE B 381 -0.66 6.14 3.40
C ILE B 381 0.15 4.83 3.54
N VAL B 382 1.49 4.91 3.61
CA VAL B 382 2.38 3.74 3.75
C VAL B 382 2.48 3.22 5.19
N THR B 383 2.62 4.13 6.17
CA THR B 383 2.83 3.76 7.58
C THR B 383 1.61 3.95 8.52
N ARG B 384 0.39 4.08 7.97
CA ARG B 384 -0.82 4.30 8.78
C ARG B 384 -1.59 3.04 9.18
N HIS B 385 -1.21 1.89 8.64
CA HIS B 385 -1.93 0.62 8.84
C HIS B 385 -1.80 0.03 10.22
N SER B 386 -0.60 0.07 10.82
CA SER B 386 -0.43 -0.41 12.20
C SER B 386 -0.96 0.65 13.16
N LYS B 387 -1.73 0.22 14.16
CA LYS B 387 -2.39 1.09 15.10
C LYS B 387 -1.51 1.45 16.32
N GLY B 388 -0.59 2.37 16.06
CA GLY B 388 0.34 2.95 17.04
C GLY B 388 1.50 2.07 17.47
N PHE B 389 1.80 1.01 16.71
CA PHE B 389 2.87 0.08 17.05
C PHE B 389 4.09 0.11 16.12
N ALA B 390 3.97 0.75 14.95
CA ALA B 390 5.06 0.80 13.98
C ALA B 390 5.89 2.07 14.05
N ILE B 391 5.25 3.24 14.20
CA ILE B 391 5.93 4.54 14.27
C ILE B 391 6.92 4.63 15.48
N PRO B 392 6.57 4.24 16.73
CA PRO B 392 7.56 4.33 17.81
C PRO B 392 8.89 3.60 17.54
N PRO B 393 8.94 2.32 17.07
CA PRO B 393 10.25 1.71 16.75
C PRO B 393 11.06 2.45 15.68
N VAL B 394 10.38 3.16 14.75
CA VAL B 394 11.05 3.95 13.70
C VAL B 394 11.88 5.08 14.31
N CYS B 395 11.33 5.73 15.35
CA CYS B 395 11.97 6.83 16.08
C CYS B 395 13.26 6.38 16.75
N ALA B 396 13.28 5.14 17.29
CA ALA B 396 14.46 4.57 17.93
C ALA B 396 15.61 4.37 16.95
N ALA B 397 15.29 4.19 15.65
CA ALA B 397 16.28 3.96 14.60
C ALA B 397 16.95 5.26 14.12
N MET B 398 16.15 6.34 13.91
CA MET B 398 16.69 7.63 13.47
C MET B 398 17.64 8.20 14.52
N CYS B 399 17.40 7.86 15.81
CA CYS B 399 18.19 8.28 16.96
C CYS B 399 19.63 7.74 16.93
N VAL B 400 19.81 6.48 16.49
CA VAL B 400 21.12 5.80 16.46
C VAL B 400 21.90 6.00 15.14
N ASP B 401 21.20 6.44 14.07
CA ASP B 401 21.79 6.68 12.75
C ASP B 401 22.90 7.73 12.81
N ALA B 402 24.07 7.39 12.25
CA ALA B 402 25.21 8.30 12.21
C ALA B 402 25.26 9.05 10.87
N GLY B 403 24.21 9.83 10.62
CA GLY B 403 24.06 10.68 9.44
C GLY B 403 24.20 10.03 8.08
N THR B 404 23.51 8.91 7.86
CA THR B 404 23.57 8.24 6.56
C THR B 404 22.28 8.50 5.77
N GLN B 405 21.56 9.60 6.10
CA GLN B 405 20.29 9.96 5.45
C GLN B 405 20.32 11.34 4.82
N MET B 406 19.70 11.47 3.63
CA MET B 406 19.54 12.74 2.91
C MET B 406 18.55 13.60 3.67
N PHE B 407 17.38 13.01 3.97
CA PHE B 407 16.32 13.65 4.72
C PHE B 407 16.45 13.27 6.20
N SER B 408 17.61 13.62 6.79
CA SER B 408 18.02 13.40 8.18
C SER B 408 17.33 14.47 9.08
N PRO B 409 17.26 14.33 10.44
CA PRO B 409 16.60 15.36 11.27
C PRO B 409 16.96 16.80 10.93
N GLU B 410 18.24 17.05 10.61
CA GLU B 410 18.72 18.39 10.31
C GLU B 410 18.01 19.06 9.12
N LYS B 411 17.88 18.35 7.97
CA LYS B 411 17.27 18.90 6.74
C LYS B 411 15.73 19.07 6.82
N THR B 412 15.01 18.21 7.57
CA THR B 412 13.54 18.26 7.63
C THR B 412 12.95 18.89 8.90
N SER B 413 13.61 18.72 10.06
CA SER B 413 13.12 19.23 11.34
C SER B 413 14.04 20.29 11.96
N ALA B 414 14.44 21.27 11.13
CA ALA B 414 15.32 22.36 11.55
C ALA B 414 14.57 23.40 12.37
N LEU B 415 13.47 23.91 11.79
CA LEU B 415 12.59 24.91 12.37
C LEU B 415 11.73 24.34 13.48
N VAL B 416 11.05 23.21 13.19
CA VAL B 416 10.12 22.52 14.09
C VAL B 416 10.80 22.04 15.38
N GLY B 417 11.90 21.30 15.24
CA GLY B 417 12.67 20.78 16.36
C GLY B 417 13.20 21.83 17.30
N ALA B 418 13.65 22.98 16.75
CA ALA B 418 14.23 24.12 17.48
C ALA B 418 13.37 24.70 18.61
N VAL B 419 12.04 24.58 18.49
CA VAL B 419 11.05 25.10 19.41
C VAL B 419 10.73 24.13 20.57
N PHE B 420 10.20 22.95 20.24
CA PHE B 420 9.70 21.96 21.19
C PHE B 420 10.79 21.29 22.00
N SER B 421 12.05 21.27 21.50
CA SER B 421 13.18 20.73 22.25
C SER B 421 13.41 21.57 23.50
N ALA B 422 12.99 22.85 23.46
CA ALA B 422 13.08 23.77 24.58
C ALA B 422 12.03 23.48 25.65
N ILE B 423 10.82 23.00 25.24
CA ILE B 423 9.77 22.63 26.19
C ILE B 423 10.17 21.33 26.91
N ASP B 424 10.18 21.38 28.25
CA ASP B 424 10.55 20.31 29.17
C ASP B 424 9.85 18.97 28.92
N GLU B 425 8.51 18.97 28.84
CA GLU B 425 7.71 17.75 28.68
C GLU B 425 7.81 17.11 27.31
N PHE B 426 8.15 17.93 26.29
CA PHE B 426 8.31 17.47 24.93
C PHE B 426 9.64 16.76 24.69
N ARG B 427 10.76 17.31 25.20
CA ARG B 427 12.09 16.71 25.02
C ARG B 427 12.27 15.41 25.79
N GLU B 428 11.75 15.35 27.04
CA GLU B 428 11.84 14.19 27.93
C GLU B 428 10.43 13.69 28.35
N PRO B 429 9.59 13.14 27.43
CA PRO B 429 8.23 12.74 27.84
C PRO B 429 8.14 11.56 28.82
N LEU B 430 9.07 10.58 28.75
CA LEU B 430 9.03 9.42 29.65
C LEU B 430 9.09 9.85 31.12
N LYS B 431 10.03 10.76 31.46
CA LYS B 431 10.25 11.33 32.79
C LYS B 431 8.99 11.99 33.40
N TYR B 432 8.16 12.62 32.55
CA TYR B 432 7.03 13.39 33.06
C TYR B 432 5.72 12.60 33.04
N VAL B 433 5.58 11.57 32.16
CA VAL B 433 4.35 10.78 32.18
C VAL B 433 4.33 9.89 33.42
N ILE B 434 5.51 9.46 33.89
CA ILE B 434 5.62 8.65 35.10
C ILE B 434 5.32 9.51 36.32
N ASP B 435 5.76 10.78 36.32
CA ASP B 435 5.47 11.76 37.37
C ASP B 435 3.97 12.09 37.36
N GLY B 436 3.40 12.12 36.15
CA GLY B 436 1.97 12.34 35.93
C GLY B 436 1.14 11.15 36.36
N ALA B 437 1.71 9.93 36.24
CA ALA B 437 1.05 8.69 36.65
C ALA B 437 1.01 8.61 38.18
N LEU B 438 2.11 9.03 38.84
CA LEU B 438 2.24 9.05 40.30
C LEU B 438 1.28 10.05 40.93
N ALA B 439 1.02 11.17 40.24
CA ALA B 439 0.12 12.20 40.72
C ALA B 439 -1.36 11.79 40.69
N VAL B 440 -1.71 10.80 39.86
CA VAL B 440 -3.11 10.36 39.74
C VAL B 440 -3.35 8.93 40.26
N LYS B 441 -2.29 8.11 40.38
CA LYS B 441 -2.32 6.68 40.77
C LYS B 441 -3.28 6.34 41.94
N ASP B 442 -3.50 7.29 42.88
CA ASP B 442 -4.37 7.05 44.04
C ASP B 442 -5.77 7.69 43.90
N LYS B 443 -5.94 8.59 42.92
CA LYS B 443 -7.21 9.28 42.66
C LYS B 443 -8.09 8.51 41.66
N ILE B 444 -7.61 7.36 41.13
CA ILE B 444 -8.39 6.52 40.21
C ILE B 444 -8.90 5.29 40.96
N TYR C 3 15.65 -21.20 27.77
CA TYR C 3 14.76 -21.46 26.64
C TYR C 3 15.56 -21.88 25.41
N LYS C 4 15.12 -22.99 24.78
CA LYS C 4 15.75 -23.50 23.57
C LYS C 4 14.85 -23.15 22.38
N PRO C 5 15.31 -22.24 21.49
CA PRO C 5 14.45 -21.83 20.36
C PRO C 5 14.14 -22.93 19.36
N GLN C 6 12.94 -22.85 18.77
CA GLN C 6 12.37 -23.78 17.80
C GLN C 6 12.68 -23.44 16.36
N PHE C 7 12.85 -22.13 16.05
CA PHE C 7 13.19 -21.57 14.74
C PHE C 7 12.05 -21.68 13.71
N TYR C 8 11.64 -22.91 13.34
CA TYR C 8 10.58 -23.06 12.32
C TYR C 8 9.72 -24.34 12.48
N PRO C 9 8.38 -24.25 12.32
CA PRO C 9 7.56 -25.48 12.44
C PRO C 9 7.61 -26.33 11.18
N GLY C 10 7.23 -27.60 11.32
CA GLY C 10 7.19 -28.52 10.19
C GLY C 10 7.75 -29.90 10.44
N GLU C 11 7.16 -30.91 9.76
CA GLU C 11 7.55 -32.31 9.89
C GLU C 11 8.31 -32.90 8.69
N THR C 12 8.76 -32.08 7.72
CA THR C 12 9.50 -32.56 6.55
C THR C 12 10.98 -32.16 6.61
N LYS C 13 11.78 -32.64 5.64
CA LYS C 13 13.20 -32.28 5.52
C LYS C 13 13.36 -30.80 5.17
N ILE C 14 12.40 -30.25 4.40
CA ILE C 14 12.40 -28.85 3.97
C ILE C 14 12.29 -27.93 5.18
N ALA C 15 11.40 -28.27 6.12
CA ALA C 15 11.19 -27.51 7.37
C ALA C 15 12.39 -27.65 8.30
N GLN C 16 13.15 -28.74 8.17
CA GLN C 16 14.36 -29.00 8.95
C GLN C 16 15.53 -28.20 8.35
N ASN C 17 15.62 -28.14 7.00
CA ASN C 17 16.63 -27.36 6.27
C ASN C 17 16.47 -25.86 6.55
N ARG C 18 15.22 -25.41 6.73
CA ARG C 18 14.89 -24.01 7.05
C ARG C 18 15.32 -23.69 8.47
N ARG C 19 15.16 -24.68 9.38
CA ARG C 19 15.55 -24.63 10.79
C ARG C 19 17.06 -24.64 10.95
N ASN C 20 17.78 -25.43 10.13
CA ASN C 20 19.23 -25.53 10.17
C ASN C 20 19.88 -24.25 9.67
N HIS C 21 19.23 -23.59 8.69
CA HIS C 21 19.65 -22.32 8.12
C HIS C 21 19.49 -21.18 9.14
N MET C 22 18.47 -21.26 10.01
CA MET C 22 18.16 -20.26 11.03
C MET C 22 18.97 -20.41 12.31
N ASN C 23 19.23 -21.66 12.76
CA ASN C 23 19.94 -21.96 14.00
C ASN C 23 21.40 -21.49 13.95
N PRO C 24 21.78 -20.49 14.78
CA PRO C 24 23.16 -19.97 14.72
C PRO C 24 24.25 -20.94 15.16
N GLU C 25 23.85 -22.07 15.75
CA GLU C 25 24.75 -23.11 16.23
C GLU C 25 24.97 -24.23 15.19
N VAL C 26 24.35 -24.13 14.00
CA VAL C 26 24.48 -25.13 12.95
C VAL C 26 25.47 -24.68 11.87
N GLU C 27 26.72 -25.18 11.93
CA GLU C 27 27.77 -24.87 10.95
C GLU C 27 27.37 -25.45 9.59
N LEU C 28 27.06 -24.56 8.62
CA LEU C 28 26.64 -24.99 7.29
C LEU C 28 27.81 -25.58 6.50
N GLU C 29 27.63 -26.80 5.95
CA GLU C 29 28.63 -27.57 5.19
C GLU C 29 29.36 -26.73 4.14
N LYS C 30 30.69 -26.59 4.27
CA LYS C 30 31.53 -25.85 3.33
C LYS C 30 31.68 -26.69 2.07
N LEU C 31 31.40 -26.09 0.91
CA LEU C 31 31.47 -26.79 -0.37
C LEU C 31 32.53 -26.25 -1.33
N ARG C 32 32.99 -25.01 -1.11
CA ARG C 32 33.99 -24.35 -1.96
C ARG C 32 34.84 -23.35 -1.17
N GLU C 33 35.94 -22.90 -1.77
CA GLU C 33 36.83 -21.89 -1.19
C GLU C 33 37.03 -20.79 -2.22
N ILE C 34 36.48 -19.61 -1.94
CA ILE C 34 36.55 -18.47 -2.84
C ILE C 34 37.33 -17.35 -2.15
N PRO C 35 38.65 -17.22 -2.44
CA PRO C 35 39.47 -16.19 -1.78
C PRO C 35 38.89 -14.78 -1.84
N ASP C 36 38.92 -14.07 -0.70
CA ASP C 36 38.39 -12.73 -0.48
C ASP C 36 38.63 -11.72 -1.61
N GLU C 37 39.84 -11.71 -2.21
CA GLU C 37 40.22 -10.81 -3.31
C GLU C 37 39.25 -10.92 -4.50
N ASP C 38 38.85 -12.15 -4.82
CA ASP C 38 37.94 -12.48 -5.92
C ASP C 38 36.47 -12.12 -5.65
N VAL C 39 36.02 -12.25 -4.39
CA VAL C 39 34.63 -11.99 -3.97
C VAL C 39 34.21 -10.53 -4.19
N VAL C 40 35.00 -9.58 -3.64
CA VAL C 40 34.79 -8.12 -3.73
C VAL C 40 34.63 -7.67 -5.19
N LYS C 41 35.36 -8.33 -6.11
CA LYS C 41 35.34 -8.06 -7.54
C LYS C 41 33.96 -8.34 -8.15
N ILE C 42 33.32 -9.49 -7.81
CA ILE C 42 31.96 -9.85 -8.28
C ILE C 42 30.93 -8.86 -7.71
N MET C 43 31.16 -8.35 -6.49
CA MET C 43 30.30 -7.35 -5.85
C MET C 43 30.39 -6.03 -6.64
N GLY C 44 31.60 -5.73 -7.13
CA GLY C 44 31.89 -4.56 -7.96
C GLY C 44 31.72 -3.22 -7.27
N HIS C 45 32.20 -3.12 -6.02
CA HIS C 45 32.14 -1.89 -5.24
C HIS C 45 33.51 -1.24 -5.10
N ARG C 46 34.50 -2.02 -4.66
CA ARG C 46 35.90 -1.60 -4.48
C ARG C 46 36.87 -2.70 -4.94
N GLN C 47 38.19 -2.44 -4.88
CA GLN C 47 39.21 -3.43 -5.26
C GLN C 47 40.10 -3.91 -4.07
N PRO C 48 40.72 -5.12 -4.13
CA PRO C 48 41.54 -5.60 -2.99
C PRO C 48 42.82 -4.79 -2.78
N GLY C 49 43.31 -4.78 -1.53
CA GLY C 49 44.51 -4.05 -1.12
C GLY C 49 44.33 -2.55 -1.31
N GLU C 50 43.12 -2.06 -0.98
CA GLU C 50 42.70 -0.67 -1.15
C GLU C 50 42.01 -0.14 0.11
N ASP C 51 41.82 1.19 0.17
CA ASP C 51 41.23 1.90 1.30
C ASP C 51 39.70 1.92 1.24
N TYR C 52 39.05 1.65 2.38
CA TYR C 52 37.59 1.64 2.51
C TYR C 52 37.07 3.08 2.46
N LYS C 53 36.27 3.40 1.41
CA LYS C 53 35.65 4.72 1.26
C LYS C 53 34.66 4.95 2.41
N THR C 54 34.70 6.13 3.04
CA THR C 54 33.84 6.44 4.18
C THR C 54 32.78 7.47 3.85
N ILE C 55 31.66 7.42 4.60
CA ILE C 55 30.51 8.34 4.46
C ILE C 55 30.44 9.28 5.70
N HIS C 56 30.64 8.70 6.91
CA HIS C 56 30.65 9.42 8.19
C HIS C 56 31.93 9.09 8.99
N PRO C 57 32.48 10.04 9.78
CA PRO C 57 33.70 9.76 10.57
C PRO C 57 33.52 8.70 11.66
N PRO C 58 34.62 8.03 12.14
CA PRO C 58 34.44 7.00 13.20
C PRO C 58 33.68 7.48 14.44
N LEU C 59 32.92 6.58 15.09
CA LEU C 59 32.09 6.87 16.25
C LEU C 59 32.83 7.61 17.39
N GLU C 60 34.14 7.32 17.55
CA GLU C 60 35.01 7.93 18.56
C GLU C 60 35.27 9.42 18.30
N GLU C 61 35.27 9.83 17.01
CA GLU C 61 35.49 11.21 16.54
C GLU C 61 34.22 12.07 16.58
N MET C 62 33.11 11.55 17.17
CA MET C 62 31.82 12.25 17.23
C MET C 62 31.38 12.57 18.63
N ASP C 63 30.95 13.83 18.85
CA ASP C 63 30.37 14.22 20.14
C ASP C 63 28.87 14.11 19.95
N LEU C 64 28.35 12.91 20.24
CA LEU C 64 26.93 12.60 20.14
C LEU C 64 26.32 12.77 21.52
N PRO C 65 25.01 13.21 21.64
CA PRO C 65 24.43 13.37 22.99
C PRO C 65 24.35 12.05 23.75
N ASP C 66 24.31 12.13 25.08
CA ASP C 66 24.24 10.94 25.94
C ASP C 66 22.96 10.14 25.71
N ASP C 67 23.11 8.81 25.71
CA ASP C 67 22.03 7.85 25.52
C ASP C 67 22.46 6.55 26.18
N TYR C 68 21.91 6.26 27.36
CA TYR C 68 22.24 5.07 28.14
C TYR C 68 21.88 3.78 27.43
N VAL C 69 20.74 3.76 26.73
CA VAL C 69 20.29 2.57 26.00
C VAL C 69 21.11 2.31 24.74
N ARG C 70 21.47 3.37 24.00
CA ARG C 70 22.24 3.31 22.74
C ARG C 70 23.61 2.67 22.94
N ASP C 71 24.34 3.06 23.99
CA ASP C 71 25.66 2.55 24.28
C ASP C 71 25.69 1.06 24.68
N LEU C 72 24.53 0.48 25.07
CA LEU C 72 24.43 -0.95 25.45
C LEU C 72 24.62 -1.82 24.20
N VAL C 73 24.07 -1.36 23.06
CA VAL C 73 24.17 -2.04 21.77
C VAL C 73 25.60 -1.84 21.26
N GLU C 74 26.42 -2.91 21.28
CA GLU C 74 27.80 -2.87 20.80
C GLU C 74 27.80 -2.87 19.26
N PRO C 75 28.25 -1.75 18.64
CA PRO C 75 28.23 -1.70 17.17
C PRO C 75 29.27 -2.60 16.53
N ILE C 76 28.98 -3.03 15.31
CA ILE C 76 29.88 -3.87 14.51
C ILE C 76 31.06 -3.02 14.01
N ASN C 77 32.21 -3.66 13.75
CA ASN C 77 33.45 -2.99 13.31
C ASN C 77 33.27 -2.01 12.15
N GLY C 78 32.34 -2.32 11.24
CA GLY C 78 32.02 -1.48 10.09
C GLY C 78 31.43 -0.15 10.49
N ALA C 79 30.64 -0.14 11.58
CA ALA C 79 30.03 1.08 12.10
C ALA C 79 31.05 1.90 12.92
N LYS C 80 31.94 1.19 13.68
CA LYS C 80 32.99 1.75 14.54
C LYS C 80 33.97 2.68 13.80
N GLU C 81 34.37 2.32 12.58
CA GLU C 81 35.30 3.07 11.74
C GLU C 81 34.62 3.83 10.59
N GLY C 82 33.29 3.91 10.66
CA GLY C 82 32.44 4.63 9.72
C GLY C 82 32.52 4.23 8.26
N HIS C 83 32.61 2.91 7.99
CA HIS C 83 32.67 2.37 6.63
C HIS C 83 31.31 2.50 5.94
N ARG C 84 31.30 2.63 4.60
CA ARG C 84 30.07 2.76 3.81
C ARG C 84 29.24 1.46 3.77
N ILE C 85 27.92 1.59 3.57
CA ILE C 85 27.02 0.45 3.52
C ILE C 85 26.65 0.15 2.07
N ARG C 86 27.07 -1.03 1.58
CA ARG C 86 26.77 -1.47 0.22
C ARG C 86 25.94 -2.77 0.20
N TYR C 87 25.46 -3.16 -1.00
CA TYR C 87 24.58 -4.31 -1.22
C TYR C 87 25.29 -5.54 -1.85
N ILE C 88 24.54 -6.65 -1.96
CA ILE C 88 24.84 -7.92 -2.61
C ILE C 88 23.50 -8.67 -2.76
N GLN C 89 23.10 -8.93 -4.01
CA GLN C 89 21.81 -9.60 -4.23
C GLN C 89 21.92 -10.96 -4.86
N PHE C 90 20.93 -11.81 -4.56
CA PHE C 90 20.84 -13.17 -5.07
C PHE C 90 19.47 -13.43 -5.70
N ALA C 91 19.47 -14.06 -6.86
CA ALA C 91 18.25 -14.52 -7.53
C ALA C 91 18.34 -16.03 -7.42
N ASP C 92 17.37 -16.66 -6.73
CA ASP C 92 17.38 -18.10 -6.48
C ASP C 92 16.37 -18.81 -7.36
N SER C 93 16.83 -19.86 -8.05
CA SER C 93 15.97 -20.67 -8.91
C SER C 93 14.96 -21.42 -8.04
N MET C 94 13.73 -21.50 -8.52
CA MET C 94 12.69 -22.23 -7.80
C MET C 94 12.94 -23.75 -7.91
N TYR C 95 13.88 -24.13 -8.81
CA TYR C 95 14.34 -25.50 -9.05
C TYR C 95 15.46 -25.90 -8.09
N PHE C 96 15.04 -26.20 -6.86
CA PHE C 96 15.84 -26.70 -5.74
C PHE C 96 17.10 -25.88 -5.42
N ALA C 97 17.03 -24.53 -5.45
CA ALA C 97 18.18 -23.69 -5.10
C ALA C 97 18.44 -23.83 -3.60
N PRO C 98 19.72 -23.96 -3.14
CA PRO C 98 19.99 -24.20 -1.70
C PRO C 98 19.41 -23.19 -0.71
N ALA C 99 19.38 -21.90 -1.07
CA ALA C 99 18.78 -20.86 -0.23
C ALA C 99 17.61 -20.26 -0.98
N GLN C 100 16.59 -19.79 -0.26
CA GLN C 100 15.41 -19.17 -0.87
C GLN C 100 15.17 -17.76 -0.30
N PRO C 101 14.42 -16.87 -1.04
CA PRO C 101 14.26 -15.48 -0.54
C PRO C 101 13.88 -15.28 0.94
N TYR C 102 12.67 -15.64 1.40
CA TYR C 102 12.29 -15.46 2.81
C TYR C 102 13.17 -16.23 3.77
N ASP C 103 13.64 -17.43 3.34
CA ASP C 103 14.59 -18.27 4.08
C ASP C 103 15.85 -17.45 4.41
N ARG C 104 16.52 -16.88 3.38
CA ARG C 104 17.70 -16.00 3.50
C ARG C 104 17.48 -14.93 4.57
N ALA C 105 16.39 -14.16 4.43
CA ALA C 105 16.00 -13.08 5.35
C ALA C 105 15.93 -13.52 6.82
N ARG C 106 15.27 -14.65 7.13
CA ARG C 106 15.19 -15.09 8.53
C ARG C 106 16.50 -15.68 9.05
N THR C 107 17.37 -16.15 8.16
CA THR C 107 18.68 -16.66 8.57
C THR C 107 19.58 -15.49 8.96
N TYR C 108 19.61 -14.44 8.09
CA TYR C 108 20.38 -13.21 8.29
C TYR C 108 20.02 -12.52 9.60
N MET C 109 18.70 -12.43 9.89
CA MET C 109 18.16 -11.81 11.11
C MET C 109 18.41 -12.67 12.35
N TRP C 110 18.82 -13.93 12.17
CA TRP C 110 19.10 -14.84 13.27
C TRP C 110 20.59 -14.98 13.58
N ARG C 111 21.45 -14.86 12.55
CA ARG C 111 22.89 -15.08 12.67
C ARG C 111 23.77 -13.82 12.58
N PHE C 112 23.34 -12.79 11.85
CA PHE C 112 24.18 -11.60 11.69
C PHE C 112 23.61 -10.36 12.38
N ARG C 113 24.51 -9.47 12.83
CA ARG C 113 24.17 -8.25 13.56
C ARG C 113 24.09 -7.02 12.64
N GLY C 114 23.10 -6.18 12.86
CA GLY C 114 22.88 -4.95 12.11
C GLY C 114 22.74 -5.16 10.62
N VAL C 115 21.75 -5.97 10.23
CA VAL C 115 21.49 -6.33 8.84
C VAL C 115 20.24 -5.67 8.26
N ASP C 116 20.32 -5.27 6.99
CA ASP C 116 19.18 -4.72 6.26
C ASP C 116 18.89 -5.68 5.11
N THR C 117 17.89 -6.55 5.28
CA THR C 117 17.55 -7.52 4.26
C THR C 117 16.22 -7.16 3.57
N GLY C 118 16.08 -7.56 2.32
CA GLY C 118 14.87 -7.25 1.56
C GLY C 118 14.44 -8.39 0.67
N THR C 119 13.24 -8.93 0.93
CA THR C 119 12.74 -10.06 0.17
C THR C 119 11.76 -9.66 -0.92
N LEU C 120 12.01 -10.23 -2.11
CA LEU C 120 11.23 -10.10 -3.35
C LEU C 120 11.12 -11.51 -3.94
N SER C 121 10.22 -11.71 -4.91
CA SER C 121 10.10 -13.03 -5.52
C SER C 121 11.34 -13.38 -6.35
N GLY C 122 11.70 -12.48 -7.26
CA GLY C 122 12.82 -12.67 -8.17
C GLY C 122 14.20 -12.33 -7.64
N ARG C 123 14.29 -11.70 -6.46
CA ARG C 123 15.58 -11.26 -5.89
C ARG C 123 15.57 -11.18 -4.35
N GLN C 124 16.76 -11.14 -3.73
CA GLN C 124 16.92 -11.01 -2.28
C GLN C 124 18.12 -10.10 -2.08
N VAL C 125 17.91 -8.94 -1.46
CA VAL C 125 18.93 -7.92 -1.24
C VAL C 125 19.39 -7.84 0.23
N ILE C 126 20.72 -7.78 0.45
CA ILE C 126 21.27 -7.62 1.79
C ILE C 126 22.21 -6.40 1.81
N GLU C 127 21.84 -5.39 2.62
CA GLU C 127 22.59 -4.15 2.81
C GLU C 127 23.27 -4.20 4.18
N MET C 128 24.61 -4.15 4.19
CA MET C 128 25.40 -4.22 5.41
C MET C 128 26.73 -3.46 5.25
N ARG C 129 27.36 -3.14 6.40
CA ARG C 129 28.65 -2.44 6.49
C ARG C 129 29.70 -3.23 5.70
N GLU C 130 30.16 -2.66 4.57
CA GLU C 130 31.10 -3.24 3.60
C GLU C 130 32.13 -4.20 4.21
N SER C 131 32.84 -3.78 5.28
CA SER C 131 33.85 -4.61 5.95
C SER C 131 33.29 -5.92 6.51
N ASP C 132 32.16 -5.84 7.25
CA ASP C 132 31.52 -7.03 7.82
C ASP C 132 30.68 -7.80 6.78
N LEU C 133 30.23 -7.11 5.72
CA LEU C 133 29.46 -7.69 4.63
C LEU C 133 30.30 -8.70 3.87
N GLU C 134 31.47 -8.27 3.36
CA GLU C 134 32.44 -9.08 2.61
C GLU C 134 32.90 -10.29 3.41
N ALA C 135 33.00 -10.15 4.76
CA ALA C 135 33.43 -11.21 5.67
C ALA C 135 32.43 -12.39 5.72
N LEU C 136 31.11 -12.09 5.78
CA LEU C 136 30.07 -13.12 5.76
C LEU C 136 29.68 -13.55 4.35
N SER C 137 29.85 -12.64 3.37
CA SER C 137 29.55 -12.93 1.95
C SER C 137 30.44 -14.05 1.38
N LYS C 138 31.62 -14.27 1.99
CA LYS C 138 32.56 -15.32 1.57
C LYS C 138 32.39 -16.59 2.42
N ASN C 139 32.68 -16.48 3.74
CA ASN C 139 32.58 -17.58 4.70
C ASN C 139 31.21 -18.22 4.78
N PHE C 140 30.13 -17.43 4.75
CA PHE C 140 28.77 -17.96 4.89
C PHE C 140 27.96 -17.96 3.60
N LEU C 141 27.88 -16.81 2.92
CA LEU C 141 27.04 -16.66 1.73
C LEU C 141 27.53 -17.40 0.47
N ILE C 142 28.85 -17.58 0.26
CA ILE C 142 29.32 -18.24 -0.97
C ILE C 142 30.01 -19.60 -0.71
N ASP C 143 30.95 -19.68 0.25
CA ASP C 143 31.72 -20.91 0.52
C ASP C 143 30.91 -22.09 1.06
N THR C 144 29.74 -21.86 1.70
CA THR C 144 28.96 -22.97 2.26
C THR C 144 27.90 -23.53 1.30
N ALA C 145 27.09 -24.47 1.82
CA ALA C 145 25.98 -25.13 1.13
C ALA C 145 24.82 -24.16 0.87
N PHE C 146 24.89 -22.96 1.46
CA PHE C 146 23.90 -21.89 1.30
C PHE C 146 23.90 -21.31 -0.13
N PHE C 147 24.91 -21.67 -0.94
CA PHE C 147 25.07 -21.17 -2.31
C PHE C 147 25.34 -22.29 -3.32
N ASP C 148 24.95 -22.04 -4.58
CA ASP C 148 25.21 -22.89 -5.75
C ASP C 148 25.44 -22.00 -6.99
N PRO C 149 26.61 -22.11 -7.65
CA PRO C 149 26.91 -21.25 -8.80
C PRO C 149 25.91 -21.24 -9.97
N ALA C 150 25.09 -22.28 -10.10
CA ALA C 150 24.11 -22.40 -11.18
C ALA C 150 22.69 -21.99 -10.79
N ARG C 151 22.27 -22.31 -9.55
CA ARG C 151 20.91 -22.04 -9.05
C ARG C 151 20.80 -20.77 -8.19
N CYS C 152 21.93 -20.08 -7.94
CA CYS C 152 21.96 -18.81 -7.19
C CYS C 152 22.73 -17.79 -8.02
N GLY C 153 22.01 -16.87 -8.65
CA GLY C 153 22.59 -15.82 -9.48
C GLY C 153 22.85 -14.55 -8.72
N ILE C 154 24.13 -14.13 -8.63
CA ILE C 154 24.53 -12.89 -7.96
C ILE C 154 24.16 -11.76 -8.92
N ARG C 155 23.12 -10.97 -8.58
CA ARG C 155 22.54 -9.94 -9.47
C ARG C 155 22.25 -8.60 -8.78
N GLY C 156 22.43 -7.50 -9.51
CA GLY C 156 22.17 -6.14 -9.06
C GLY C 156 20.92 -5.59 -9.72
N ALA C 157 20.87 -5.71 -11.05
CA ALA C 157 19.74 -5.31 -11.90
C ALA C 157 19.44 -6.48 -12.84
N THR C 158 18.31 -6.40 -13.59
CA THR C 158 17.81 -7.40 -14.53
C THR C 158 17.91 -8.82 -13.91
N VAL C 159 17.24 -8.99 -12.76
CA VAL C 159 17.28 -10.23 -11.96
C VAL C 159 16.41 -11.37 -12.54
N HIS C 160 15.73 -11.12 -13.67
CA HIS C 160 14.83 -12.08 -14.32
C HIS C 160 15.52 -13.43 -14.57
N GLY C 161 14.86 -14.51 -14.15
CA GLY C 161 15.38 -15.87 -14.33
C GLY C 161 15.01 -16.87 -13.25
N HIS C 162 14.70 -16.38 -12.02
CA HIS C 162 14.35 -17.19 -10.85
C HIS C 162 13.24 -18.23 -11.11
N SER C 163 12.18 -17.82 -11.83
CA SER C 163 11.00 -18.61 -12.17
C SER C 163 11.04 -19.09 -13.62
N LEU C 164 12.20 -18.97 -14.25
CA LEU C 164 12.39 -19.36 -15.64
C LEU C 164 13.01 -20.74 -15.73
N ARG C 165 12.68 -21.46 -16.81
CA ARG C 165 13.23 -22.78 -17.11
C ARG C 165 14.73 -22.62 -17.30
N LEU C 166 15.52 -23.61 -16.87
CA LEU C 166 16.98 -23.56 -16.94
C LEU C 166 17.49 -23.64 -18.37
N ASP C 167 18.78 -23.29 -18.57
CA ASP C 167 19.43 -23.33 -19.89
C ASP C 167 19.92 -24.74 -20.25
N GLU C 168 20.55 -24.88 -21.42
CA GLU C 168 21.09 -26.13 -21.95
C GLU C 168 22.02 -26.86 -20.98
N ASN C 169 22.89 -26.12 -20.29
CA ASN C 169 23.90 -26.70 -19.40
C ASN C 169 23.60 -26.63 -17.89
N GLY C 170 22.37 -26.31 -17.51
CA GLY C 170 21.95 -26.27 -16.11
C GLY C 170 22.02 -24.94 -15.40
N LEU C 171 22.44 -23.86 -16.09
CA LEU C 171 22.50 -22.51 -15.54
C LEU C 171 21.14 -21.82 -15.64
N MET C 172 20.93 -20.81 -14.77
CA MET C 172 19.71 -20.00 -14.74
C MET C 172 19.82 -18.92 -15.82
N PHE C 173 18.66 -18.40 -16.28
CA PHE C 173 18.62 -17.34 -17.30
C PHE C 173 19.26 -16.07 -16.75
N ASP C 174 20.12 -15.44 -17.55
CA ASP C 174 20.80 -14.18 -17.20
C ASP C 174 20.94 -13.36 -18.49
N ALA C 175 20.00 -12.42 -18.70
CA ALA C 175 19.93 -11.55 -19.89
C ALA C 175 21.15 -10.64 -20.06
N LEU C 176 22.02 -10.55 -19.04
CA LEU C 176 23.21 -9.71 -19.01
C LEU C 176 24.54 -10.48 -19.10
N GLN C 177 24.49 -11.83 -19.17
CA GLN C 177 25.65 -12.75 -19.30
C GLN C 177 26.76 -12.51 -18.27
N ARG C 178 26.39 -12.33 -16.98
CA ARG C 178 27.35 -12.11 -15.89
C ARG C 178 28.23 -13.33 -15.66
N TYR C 179 27.64 -14.53 -15.80
CA TYR C 179 28.31 -15.81 -15.60
C TYR C 179 28.01 -16.77 -16.75
N VAL C 180 29.03 -17.51 -17.19
CA VAL C 180 28.93 -18.48 -18.28
C VAL C 180 29.32 -19.87 -17.78
N TYR C 181 28.80 -20.93 -18.42
CA TYR C 181 29.20 -22.28 -18.08
C TYR C 181 30.41 -22.65 -18.90
N ASP C 182 31.47 -23.12 -18.24
CA ASP C 182 32.69 -23.51 -18.93
C ASP C 182 32.65 -24.99 -19.30
N GLU C 183 32.71 -25.26 -20.60
CA GLU C 183 32.67 -26.62 -21.15
C GLU C 183 33.94 -27.40 -20.80
N LYS C 184 35.08 -26.69 -20.65
CA LYS C 184 36.40 -27.24 -20.32
C LYS C 184 36.51 -27.70 -18.85
N THR C 185 36.35 -26.76 -17.90
CA THR C 185 36.49 -27.03 -16.46
C THR C 185 35.25 -27.69 -15.83
N GLY C 186 34.07 -27.45 -16.39
CA GLY C 186 32.81 -27.92 -15.84
C GLY C 186 32.37 -27.09 -14.65
N HIS C 187 32.90 -25.86 -14.56
CA HIS C 187 32.67 -24.89 -13.48
C HIS C 187 32.03 -23.61 -14.03
N VAL C 188 31.37 -22.83 -13.15
CA VAL C 188 30.75 -21.55 -13.53
C VAL C 188 31.69 -20.38 -13.26
N VAL C 189 31.95 -19.57 -14.29
CA VAL C 189 32.86 -18.43 -14.19
C VAL C 189 32.14 -17.10 -14.42
N TYR C 190 32.23 -16.17 -13.44
CA TYR C 190 31.64 -14.86 -13.57
C TYR C 190 32.59 -13.96 -14.33
N VAL C 191 32.18 -13.57 -15.55
CA VAL C 191 32.95 -12.67 -16.43
C VAL C 191 32.60 -11.20 -16.18
N LYS C 192 31.44 -10.95 -15.54
CA LYS C 192 30.95 -9.62 -15.17
C LYS C 192 30.53 -9.60 -13.70
N ASP C 193 30.39 -8.39 -13.12
CA ASP C 193 29.96 -8.20 -11.73
C ASP C 193 28.42 -8.28 -11.61
N GLN C 194 27.85 -8.02 -10.41
CA GLN C 194 26.39 -8.10 -10.21
C GLN C 194 25.60 -7.01 -10.97
N VAL C 195 26.21 -5.84 -11.25
CA VAL C 195 25.51 -4.79 -11.98
C VAL C 195 25.57 -5.00 -13.51
N GLY C 196 26.59 -5.72 -13.99
CA GLY C 196 26.75 -6.03 -15.41
C GLY C 196 27.93 -5.38 -16.10
N ARG C 197 28.95 -4.98 -15.34
CA ARG C 197 30.19 -4.37 -15.82
C ARG C 197 31.25 -5.47 -16.08
N PRO C 198 31.94 -5.51 -17.25
CA PRO C 198 32.93 -6.59 -17.48
C PRO C 198 34.19 -6.47 -16.63
N LEU C 199 34.60 -7.58 -15.99
CA LEU C 199 35.80 -7.66 -15.15
C LEU C 199 36.95 -8.13 -16.02
N ASP C 200 38.11 -7.46 -15.91
CA ASP C 200 39.33 -7.77 -16.68
C ASP C 200 39.84 -9.21 -16.45
N GLU C 201 39.69 -9.73 -15.23
CA GLU C 201 40.11 -11.08 -14.84
C GLU C 201 38.90 -11.93 -14.38
N PRO C 202 38.43 -12.91 -15.20
CA PRO C 202 37.25 -13.71 -14.80
C PRO C 202 37.46 -14.55 -13.54
N VAL C 203 36.42 -14.64 -12.69
CA VAL C 203 36.46 -15.35 -11.41
C VAL C 203 35.61 -16.60 -11.43
N ASP C 204 36.23 -17.75 -11.17
CA ASP C 204 35.55 -19.05 -11.12
C ASP C 204 34.93 -19.30 -9.75
N VAL C 205 33.69 -19.79 -9.74
CA VAL C 205 32.94 -20.09 -8.52
C VAL C 205 32.96 -21.57 -8.13
N GLY C 206 33.18 -22.43 -9.12
CA GLY C 206 33.25 -23.86 -8.89
C GLY C 206 32.26 -24.68 -9.67
N GLU C 207 32.31 -25.99 -9.43
CA GLU C 207 31.46 -27.00 -10.03
C GLU C 207 29.97 -26.84 -9.63
N LEU C 208 29.06 -27.16 -10.56
CA LEU C 208 27.61 -27.15 -10.40
C LEU C 208 27.21 -28.37 -9.59
N LEU C 209 26.28 -28.20 -8.67
CA LEU C 209 25.84 -29.38 -7.92
C LEU C 209 24.71 -30.09 -8.62
N PRO C 210 24.71 -31.44 -8.62
CA PRO C 210 23.61 -32.18 -9.24
C PRO C 210 22.29 -31.99 -8.52
N GLU C 211 21.16 -32.13 -9.24
CA GLU C 211 19.82 -31.95 -8.68
C GLU C 211 19.57 -32.85 -7.48
N GLU C 212 20.10 -34.10 -7.51
CA GLU C 212 19.97 -35.15 -6.48
C GLU C 212 20.31 -34.68 -5.06
N LYS C 213 21.38 -33.86 -4.90
CA LYS C 213 21.79 -33.33 -3.59
C LYS C 213 21.12 -32.01 -3.24
N LEU C 214 20.80 -31.18 -4.28
CA LEU C 214 20.08 -29.92 -4.11
C LEU C 214 18.73 -30.16 -3.46
N ARG C 215 18.12 -31.32 -3.75
CA ARG C 215 16.84 -31.80 -3.21
C ARG C 215 16.91 -32.06 -1.70
N GLU C 216 18.10 -32.45 -1.21
CA GLU C 216 18.34 -32.75 0.20
C GLU C 216 18.70 -31.52 1.05
N ILE C 217 19.09 -30.41 0.40
CA ILE C 217 19.49 -29.17 1.08
C ILE C 217 18.51 -28.00 0.84
N THR C 218 17.71 -28.07 -0.24
CA THR C 218 16.78 -27.00 -0.61
C THR C 218 15.75 -26.67 0.48
N THR C 219 15.33 -25.41 0.48
CA THR C 219 14.37 -24.89 1.43
C THR C 219 13.02 -24.59 0.74
N ILE C 220 12.84 -25.08 -0.50
CA ILE C 220 11.60 -24.87 -1.26
C ILE C 220 10.78 -26.16 -1.39
N TYR C 221 9.47 -26.04 -1.15
CA TYR C 221 8.55 -27.15 -1.35
C TYR C 221 8.15 -27.13 -2.83
N ARG C 222 8.18 -28.30 -3.48
CA ARG C 222 7.80 -28.50 -4.88
C ARG C 222 7.11 -29.85 -5.01
N LYS C 223 6.15 -29.97 -5.95
CA LYS C 223 5.46 -31.24 -6.23
C LYS C 223 6.47 -32.27 -6.74
N ASP C 224 7.60 -31.78 -7.30
CA ASP C 224 8.71 -32.58 -7.81
C ASP C 224 9.51 -33.14 -6.66
N GLY C 225 9.58 -32.40 -5.56
CA GLY C 225 10.35 -32.78 -4.39
C GLY C 225 9.45 -33.11 -3.22
N VAL C 226 9.44 -32.22 -2.23
CA VAL C 226 8.58 -32.40 -1.06
C VAL C 226 7.38 -31.46 -1.19
N PRO C 227 6.15 -31.95 -1.44
CA PRO C 227 5.02 -31.01 -1.55
C PRO C 227 4.68 -30.43 -0.19
N MET C 228 4.15 -29.21 -0.17
CA MET C 228 3.72 -28.55 1.07
C MET C 228 2.49 -29.24 1.66
N ARG C 229 1.81 -30.09 0.85
CA ARG C 229 0.68 -30.91 1.26
C ARG C 229 1.16 -31.95 2.27
N GLU C 230 2.38 -32.48 2.06
CA GLU C 230 3.01 -33.47 2.94
C GLU C 230 3.27 -32.89 4.34
N ASP C 231 3.78 -31.65 4.42
CA ASP C 231 4.05 -31.01 5.71
C ASP C 231 2.79 -30.52 6.40
N LYS C 232 2.07 -31.50 6.98
CA LYS C 232 0.81 -31.30 7.70
C LYS C 232 0.98 -30.40 8.92
N GLU C 233 2.17 -30.42 9.55
CA GLU C 233 2.51 -29.60 10.70
C GLU C 233 2.64 -28.11 10.31
N LEU C 234 3.41 -27.81 9.24
CA LEU C 234 3.57 -26.43 8.79
C LEU C 234 2.19 -25.82 8.46
N LEU C 235 1.35 -26.57 7.70
CA LEU C 235 0.00 -26.12 7.35
C LEU C 235 -0.84 -25.79 8.59
N THR C 236 -0.68 -26.56 9.68
CA THR C 236 -1.39 -26.37 10.95
C THR C 236 -1.07 -25.01 11.57
N ILE C 237 0.23 -24.67 11.66
CA ILE C 237 0.70 -23.43 12.28
C ILE C 237 0.29 -22.21 11.45
N VAL C 238 0.41 -22.31 10.11
CA VAL C 238 0.02 -21.24 9.18
C VAL C 238 -1.49 -20.97 9.37
N LYS C 239 -2.31 -22.04 9.39
CA LYS C 239 -3.76 -21.95 9.62
C LYS C 239 -4.06 -21.25 10.96
N ARG C 240 -3.22 -21.54 11.99
CA ARG C 240 -3.34 -20.95 13.32
C ARG C 240 -3.00 -19.47 13.27
N ILE C 241 -1.78 -19.11 12.75
CA ILE C 241 -1.34 -17.72 12.60
C ILE C 241 -2.46 -16.94 11.90
N HIS C 242 -3.05 -17.50 10.84
CA HIS C 242 -4.17 -16.89 10.13
C HIS C 242 -5.38 -16.64 11.05
N ARG C 243 -5.83 -17.68 11.76
CA ARG C 243 -6.99 -17.60 12.64
C ARG C 243 -6.80 -16.67 13.85
N ALA C 244 -5.61 -16.72 14.49
CA ALA C 244 -5.22 -15.84 15.63
C ALA C 244 -5.25 -14.36 15.22
N ARG C 245 -4.83 -14.07 13.98
CA ARG C 245 -4.88 -12.74 13.37
C ARG C 245 -6.35 -12.31 13.16
N THR C 246 -7.18 -13.20 12.58
CA THR C 246 -8.60 -12.96 12.31
C THR C 246 -9.39 -12.63 13.59
N LEU C 247 -9.22 -13.47 14.63
CA LEU C 247 -9.90 -13.30 15.92
C LEU C 247 -9.34 -12.10 16.69
N GLY C 248 -8.05 -11.81 16.51
CA GLY C 248 -7.38 -10.66 17.12
C GLY C 248 -7.87 -9.31 16.62
N GLY C 249 -8.24 -9.25 15.33
CA GLY C 249 -8.77 -8.07 14.69
C GLY C 249 -10.24 -7.84 15.00
N PHE C 250 -10.96 -8.95 15.20
CA PHE C 250 -12.38 -8.92 15.53
C PHE C 250 -12.59 -8.52 17.00
N CYS C 251 -12.02 -9.31 17.93
CA CYS C 251 -12.13 -9.07 19.37
C CYS C 251 -10.87 -9.57 20.09
N PRO C 252 -10.07 -8.66 20.70
CA PRO C 252 -8.84 -9.14 21.35
C PRO C 252 -9.02 -9.65 22.78
N THR C 253 -9.92 -10.64 22.97
CA THR C 253 -10.20 -11.24 24.28
C THR C 253 -9.75 -12.70 24.37
N GLU C 254 -9.67 -13.20 25.59
CA GLU C 254 -9.28 -14.57 25.90
C GLU C 254 -10.41 -15.55 25.58
N ASP C 255 -11.68 -15.09 25.71
CA ASP C 255 -12.87 -15.86 25.37
C ASP C 255 -12.98 -16.05 23.86
N THR C 256 -12.72 -14.97 23.07
CA THR C 256 -12.77 -15.03 21.60
C THR C 256 -11.78 -16.07 21.09
N PHE C 257 -10.58 -16.07 21.67
CA PHE C 257 -9.50 -16.97 21.29
C PHE C 257 -9.76 -18.44 21.68
N LYS C 258 -10.89 -18.74 22.36
CA LYS C 258 -11.27 -20.13 22.66
C LYS C 258 -11.75 -20.80 21.36
N GLN C 259 -12.09 -19.98 20.33
CA GLN C 259 -12.53 -20.41 19.00
C GLN C 259 -11.36 -20.85 18.09
N LEU C 260 -10.12 -20.94 18.62
CA LEU C 260 -8.93 -21.36 17.87
C LEU C 260 -8.94 -22.85 17.61
C1 COM D . 8.22 -4.05 -8.34
C2 COM D . 8.84 -2.92 -7.55
S1 COM D . 7.08 -3.43 -9.56
S2 COM D . 10.05 -3.54 -6.42
O1S COM D . 10.68 -2.45 -5.58
O2S COM D . 11.30 -4.07 -7.09
O3S COM D . 9.42 -4.60 -5.54
N TP7 E . 1.51 6.40 -4.33
P TP7 E . 3.88 9.36 -2.04
O1P TP7 E . 4.61 8.88 -0.81
O2P TP7 E . 2.78 10.35 -1.68
O3P TP7 E . 4.86 9.98 -3.01
O4P TP7 E . 3.21 8.08 -2.77
CB TP7 E . 2.14 7.37 -2.17
C TP7 E . 0.36 8.45 -3.55
O TP7 E . -0.58 8.86 -2.83
OXT TP7 E . 0.78 9.08 -4.56
CA TP7 E . 1.02 7.13 -3.18
CG TP7 E . 2.70 6.08 -1.58
O1 TP7 E . 0.55 4.40 -3.89
C1 TP7 E . 1.10 5.17 -4.66
C2 TP7 E . 1.39 4.79 -6.09
C3 TP7 E . 0.68 3.50 -6.50
C4 TP7 E . 1.08 3.07 -7.91
C5 TP7 E . 2.47 2.45 -8.03
C6 TP7 E . 2.70 1.28 -7.08
C7 TP7 E . 1.97 0.03 -7.57
S7 TP7 E . 2.52 -1.37 -6.58
NI F43 F . 8.98 -4.22 -12.01
NA F43 F . 8.61 -2.38 -12.84
CHA F43 F . 6.33 -2.97 -13.34
C1A F43 F . 7.55 -2.09 -13.48
C2A F43 F . 7.71 -0.87 -14.39
C3A F43 F . 9.23 -0.64 -14.24
C4A F43 F . 9.52 -1.23 -12.86
C5A F43 F . 6.90 0.33 -13.89
C6A F43 F . 7.22 1.67 -14.55
O7A F43 F . 6.74 1.99 -15.65
N8A F43 F . 7.97 2.45 -13.92
C9A F43 F . 7.26 -1.24 -15.80
CAA F43 F . 10.08 -1.26 -15.37
CBA F43 F . 10.61 -0.17 -16.29
CCA F43 F . 11.55 -0.65 -17.36
ODA F43 F . 11.78 -1.87 -17.52
OEA F43 F . 12.07 0.23 -18.06
NB F43 F . 10.63 -3.48 -11.05
CHB F43 F . 10.96 -1.65 -12.57
C1B F43 F . 11.08 -2.10 -11.11
C2B F43 F . 12.52 -2.11 -10.53
C3B F43 F . 12.82 -3.60 -10.32
C4B F43 F . 11.45 -4.20 -10.43
N5B F43 F . 10.32 -1.26 -10.18
C6B F43 F . 11.03 -0.82 -9.16
O7B F43 F . 10.61 -0.08 -8.27
C8B F43 F . 12.43 -1.38 -9.20
C9B F43 F . 13.59 -1.39 -11.34
CAB F43 F . 13.74 -4.23 -11.38
CBB F43 F . 14.25 -5.60 -10.97
CCB F43 F . 15.24 -6.12 -11.98
ODB F43 F . 16.36 -5.55 -12.02
OEB F43 F . 14.93 -7.07 -12.72
NC F43 F . 9.28 -6.08 -11.21
CHC F43 F . 11.09 -5.48 -9.79
C1C F43 F . 10.22 -6.35 -10.29
C2C F43 F . 10.22 -7.78 -9.84
C3C F43 F . 9.25 -8.40 -10.83
C4C F43 F . 8.59 -7.20 -11.48
C5C F43 F . 9.71 -7.87 -8.41
C6C F43 F . 9.93 -9.24 -7.79
O7C F43 F . 11.04 -9.80 -7.94
O8C F43 F . 8.99 -9.74 -7.15
C8C F43 F . 9.98 -9.26 -11.86
C9C F43 F . 10.48 -10.61 -11.34
CAC F43 F . 11.06 -11.42 -12.47
OBC F43 F . 10.84 -11.08 -13.65
OCC F43 F . 11.76 -12.44 -12.19
ND F43 F . 7.47 -5.05 -13.09
CHD F43 F . 7.43 -7.27 -12.17
C5D F43 F . 5.00 -7.57 -13.79
C6D F43 F . 5.59 -8.81 -13.14
C7D F43 F . 6.49 -8.40 -11.99
O8D F43 F . 6.38 -9.03 -10.95
C9D F43 F . 5.33 -4.95 -16.00
CAD F43 F . 3.96 -5.36 -16.50
OBD F43 F . 3.79 -5.42 -17.74
OCD F43 F . 3.04 -5.61 -15.70
C1D F43 F . 7.07 -6.33 -13.07
C2D F43 F . 6.09 -6.58 -14.20
C3D F43 F . 5.58 -5.17 -14.51
C4D F43 F . 6.71 -4.26 -14.05
K K G . -8.96 13.45 -19.02
BR BR H . 13.24 -34.81 -3.03
#